data_6OYR
# 
_entry.id   6OYR 
# 
_audit_conform.dict_name       mmcif_pdbx.dic 
_audit_conform.dict_version    5.380 
_audit_conform.dict_location   http://mmcif.pdb.org/dictionaries/ascii/mmcif_pdbx.dic 
# 
loop_
_database_2.database_id 
_database_2.database_code 
_database_2.pdbx_database_accession 
_database_2.pdbx_DOI 
PDB   6OYR         pdb_00006oyr 10.2210/pdb6oyr/pdb 
WWPDB D_1000241611 ?            ?                   
# 
_pdbx_database_status.status_code                     REL 
_pdbx_database_status.status_code_sf                  REL 
_pdbx_database_status.status_code_mr                  ? 
_pdbx_database_status.entry_id                        6OYR 
_pdbx_database_status.recvd_initial_deposition_date   2019-05-15 
_pdbx_database_status.SG_entry                        N 
_pdbx_database_status.deposit_site                    RCSB 
_pdbx_database_status.process_site                    RCSB 
_pdbx_database_status.status_code_cs                  ? 
_pdbx_database_status.methods_development_category    ? 
_pdbx_database_status.pdb_format_compatible           Y 
_pdbx_database_status.status_code_nmr_data            ? 
# 
loop_
_audit_author.name 
_audit_author.pdbx_ordinal 
_audit_author.identifier_ORCID 
'Bulut, H.'      1 0000-0003-0262-6296 
'Hattori, S.I.'  2 ?                   
'Aoki-Ogata, H.' 3 ?                   
'Hayashi, H.'    4 ?                   
'Aoki, M.'       5 ?                   
'Ghosh, A.K.'    6 ?                   
'Mitsuya, H.'    7 ?                   
# 
_citation.abstract                  ? 
_citation.abstract_id_CAS           ? 
_citation.book_id_ISBN              ? 
_citation.book_publisher            ? 
_citation.book_publisher_city       ? 
_citation.book_title                ? 
_citation.coordinate_linkage        ? 
_citation.country                   UK 
_citation.database_id_Medline       ? 
_citation.details                   ? 
_citation.id                        primary 
_citation.journal_abbrev            'Sci Rep' 
_citation.journal_id_ASTM           ? 
_citation.journal_id_CSD            ? 
_citation.journal_id_ISSN           2045-2322 
_citation.journal_full              ? 
_citation.journal_issue             ? 
_citation.journal_volume            10 
_citation.language                  ? 
_citation.page_first                10664 
_citation.page_last                 10664 
_citation.title                     
;Single atom changes in newly synthesized HIV protease inhibitors reveal structural basis for extreme affinity, high genetic barrier, and adaptation to the HIV protease plasticity.
;
_citation.year                      2020 
_citation.database_id_CSD           ? 
_citation.pdbx_database_id_DOI      10.1038/s41598-020-65993-z 
_citation.pdbx_database_id_PubMed   32606378 
_citation.unpublished_flag          ? 
# 
loop_
_citation_author.citation_id 
_citation_author.name 
_citation_author.ordinal 
_citation_author.identifier_ORCID 
primary 'Bulut, H.'        1  ? 
primary 'Hattori, S.I.'    2  ? 
primary 'Aoki-Ogata, H.'   3  ? 
primary 'Hayashi, H.'      4  ? 
primary 'Das, D.'          5  ? 
primary 'Aoki, M.'         6  ? 
primary 'Davis, D.A.'      7  ? 
primary 'Rao, K.V.'        8  ? 
primary 'Nyalapatla, P.R.' 9  ? 
primary 'Ghosh, A.K.'      10 ? 
primary 'Mitsuya, H.'      11 ? 
# 
_cell.angle_alpha                  90.00 
_cell.angle_alpha_esd              ? 
_cell.angle_beta                   90.00 
_cell.angle_beta_esd               ? 
_cell.angle_gamma                  120.00 
_cell.angle_gamma_esd              ? 
_cell.entry_id                     6OYR 
_cell.details                      ? 
_cell.formula_units_Z              ? 
_cell.length_a                     62.820 
_cell.length_a_esd                 ? 
_cell.length_b                     62.820 
_cell.length_b_esd                 ? 
_cell.length_c                     82.354 
_cell.length_c_esd                 ? 
_cell.volume                       ? 
_cell.volume_esd                   ? 
_cell.Z_PDB                        12 
_cell.reciprocal_angle_alpha       ? 
_cell.reciprocal_angle_beta        ? 
_cell.reciprocal_angle_gamma       ? 
_cell.reciprocal_angle_alpha_esd   ? 
_cell.reciprocal_angle_beta_esd    ? 
_cell.reciprocal_angle_gamma_esd   ? 
_cell.reciprocal_length_a          ? 
_cell.reciprocal_length_b          ? 
_cell.reciprocal_length_c          ? 
_cell.reciprocal_length_a_esd      ? 
_cell.reciprocal_length_b_esd      ? 
_cell.reciprocal_length_c_esd      ? 
_cell.pdbx_unique_axis             ? 
# 
_symmetry.entry_id                         6OYR 
_symmetry.cell_setting                     ? 
_symmetry.Int_Tables_number                178 
_symmetry.space_group_name_Hall            ? 
_symmetry.space_group_name_H-M             'P 61 2 2' 
_symmetry.pdbx_full_space_group_name_H-M   ? 
# 
loop_
_entity.id 
_entity.type 
_entity.src_method 
_entity.pdbx_description 
_entity.formula_weight 
_entity.pdbx_number_of_molecules 
_entity.pdbx_ec 
_entity.pdbx_mutation 
_entity.pdbx_fragment 
_entity.details 
1 polymer     man Protease 10830.781 1  ? ? ? ? 
2 non-polymer syn 
;(3S,3aR,5R,7aS,8S)-hexahydro-4H-3,5-methanofuro[2,3-b]pyran-8-yl {(2S,3R)-1-(3-fluorophenyl)-3-hydroxy-4-[(2-methylpropyl)({2-[(propan-2-yl)amino]-1,3-benzoxazol-6-yl}sulfonyl)amino]butan-2-yl}carbamate
;
674.780   1  ? ? ? ? 
3 water       nat water 18.015    43 ? ? ? ? 
# 
_entity_poly.entity_id                      1 
_entity_poly.type                           'polypeptide(L)' 
_entity_poly.nstd_linkage                   no 
_entity_poly.nstd_monomer                   no 
_entity_poly.pdbx_seq_one_letter_code       
;PQITLWQRPLVTIKIGGQLKEALLDTGADDTVLEEMNLPGRWKPKMIGGIGGFIKVRQYDQILIEICGHKAIGTVLVGPT
PVNIIGRNLLTQIGCTLNF
;
_entity_poly.pdbx_seq_one_letter_code_can   
;PQITLWQRPLVTIKIGGQLKEALLDTGADDTVLEEMNLPGRWKPKMIGGIGGFIKVRQYDQILIEICGHKAIGTVLVGPT
PVNIIGRNLLTQIGCTLNF
;
_entity_poly.pdbx_strand_id                 A 
_entity_poly.pdbx_target_identifier         ? 
# 
loop_
_entity_poly_seq.entity_id 
_entity_poly_seq.num 
_entity_poly_seq.mon_id 
_entity_poly_seq.hetero 
1 1  PRO n 
1 2  GLN n 
1 3  ILE n 
1 4  THR n 
1 5  LEU n 
1 6  TRP n 
1 7  GLN n 
1 8  ARG n 
1 9  PRO n 
1 10 LEU n 
1 11 VAL n 
1 12 THR n 
1 13 ILE n 
1 14 LYS n 
1 15 ILE n 
1 16 GLY n 
1 17 GLY n 
1 18 GLN n 
1 19 LEU n 
1 20 LYS n 
1 21 GLU n 
1 22 ALA n 
1 23 LEU n 
1 24 LEU n 
1 25 ASP n 
1 26 THR n 
1 27 GLY n 
1 28 ALA n 
1 29 ASP n 
1 30 ASP n 
1 31 THR n 
1 32 VAL n 
1 33 LEU n 
1 34 GLU n 
1 35 GLU n 
1 36 MET n 
1 37 ASN n 
1 38 LEU n 
1 39 PRO n 
1 40 GLY n 
1 41 ARG n 
1 42 TRP n 
1 43 LYS n 
1 44 PRO n 
1 45 LYS n 
1 46 MET n 
1 47 ILE n 
1 48 GLY n 
1 49 GLY n 
1 50 ILE n 
1 51 GLY n 
1 52 GLY n 
1 53 PHE n 
1 54 ILE n 
1 55 LYS n 
1 56 VAL n 
1 57 ARG n 
1 58 GLN n 
1 59 TYR n 
1 60 ASP n 
1 61 GLN n 
1 62 ILE n 
1 63 LEU n 
1 64 ILE n 
1 65 GLU n 
1 66 ILE n 
1 67 CYS n 
1 68 GLY n 
1 69 HIS n 
1 70 LYS n 
1 71 ALA n 
1 72 ILE n 
1 73 GLY n 
1 74 THR n 
1 75 VAL n 
1 76 LEU n 
1 77 VAL n 
1 78 GLY n 
1 79 PRO n 
1 80 THR n 
1 81 PRO n 
1 82 VAL n 
1 83 ASN n 
1 84 ILE n 
1 85 ILE n 
1 86 GLY n 
1 87 ARG n 
1 88 ASN n 
1 89 LEU n 
1 90 LEU n 
1 91 THR n 
1 92 GLN n 
1 93 ILE n 
1 94 GLY n 
1 95 CYS n 
1 96 THR n 
1 97 LEU n 
1 98 ASN n 
1 99 PHE n 
# 
_entity_src_gen.entity_id                          1 
_entity_src_gen.pdbx_src_id                        1 
_entity_src_gen.pdbx_alt_source_flag               sample 
_entity_src_gen.pdbx_seq_type                      'Biological sequence' 
_entity_src_gen.pdbx_beg_seq_num                   1 
_entity_src_gen.pdbx_end_seq_num                   99 
_entity_src_gen.gene_src_common_name               ? 
_entity_src_gen.gene_src_genus                     ? 
_entity_src_gen.pdbx_gene_src_gene                 pol 
_entity_src_gen.gene_src_species                   ? 
_entity_src_gen.gene_src_strain                    ? 
_entity_src_gen.gene_src_tissue                    ? 
_entity_src_gen.gene_src_tissue_fraction           ? 
_entity_src_gen.gene_src_details                   ? 
_entity_src_gen.pdbx_gene_src_fragment             ? 
_entity_src_gen.pdbx_gene_src_scientific_name      'Human immunodeficiency virus 1' 
_entity_src_gen.pdbx_gene_src_ncbi_taxonomy_id     11676 
_entity_src_gen.pdbx_gene_src_variant              ? 
_entity_src_gen.pdbx_gene_src_cell_line            ? 
_entity_src_gen.pdbx_gene_src_atcc                 ? 
_entity_src_gen.pdbx_gene_src_organ                ? 
_entity_src_gen.pdbx_gene_src_organelle            ? 
_entity_src_gen.pdbx_gene_src_cell                 ? 
_entity_src_gen.pdbx_gene_src_cellular_location    ? 
_entity_src_gen.host_org_common_name               ? 
_entity_src_gen.pdbx_host_org_scientific_name      'Escherichia coli' 
_entity_src_gen.pdbx_host_org_ncbi_taxonomy_id     562 
_entity_src_gen.host_org_genus                     ? 
_entity_src_gen.pdbx_host_org_gene                 ? 
_entity_src_gen.pdbx_host_org_organ                ? 
_entity_src_gen.host_org_species                   ? 
_entity_src_gen.pdbx_host_org_tissue               ? 
_entity_src_gen.pdbx_host_org_tissue_fraction      ? 
_entity_src_gen.pdbx_host_org_strain               ? 
_entity_src_gen.pdbx_host_org_variant              ? 
_entity_src_gen.pdbx_host_org_cell_line            ? 
_entity_src_gen.pdbx_host_org_atcc                 ? 
_entity_src_gen.pdbx_host_org_culture_collection   ? 
_entity_src_gen.pdbx_host_org_cell                 ? 
_entity_src_gen.pdbx_host_org_organelle            ? 
_entity_src_gen.pdbx_host_org_cellular_location    ? 
_entity_src_gen.pdbx_host_org_vector_type          ? 
_entity_src_gen.pdbx_host_org_vector               ? 
_entity_src_gen.host_org_details                   ? 
_entity_src_gen.expression_system_id               ? 
_entity_src_gen.plasmid_name                       ? 
_entity_src_gen.plasmid_details                    ? 
_entity_src_gen.pdbx_description                   ? 
# 
_struct_ref.id                         1 
_struct_ref.db_name                    UNP 
_struct_ref.db_code                    Q8ULI2_9HIV1 
_struct_ref.pdbx_db_accession          Q8ULI2 
_struct_ref.pdbx_db_isoform            ? 
_struct_ref.entity_id                  1 
_struct_ref.pdbx_seq_one_letter_code   
;PQITLWQRPLVTIKIGGQLKEALLDTGADDTVLEEMNLPGRWKPKMIGGIGGFIKVRQYDQILIEICGHKAIGTVLVGPT
PVNIIGRNLLTQIGCTLNF
;
_struct_ref.pdbx_align_begin           1 
# 
_struct_ref_seq.align_id                      1 
_struct_ref_seq.ref_id                        1 
_struct_ref_seq.pdbx_PDB_id_code              6OYR 
_struct_ref_seq.pdbx_strand_id                A 
_struct_ref_seq.seq_align_beg                 1 
_struct_ref_seq.pdbx_seq_align_beg_ins_code   ? 
_struct_ref_seq.seq_align_end                 99 
_struct_ref_seq.pdbx_seq_align_end_ins_code   ? 
_struct_ref_seq.pdbx_db_accession             Q8ULI2 
_struct_ref_seq.db_align_beg                  1 
_struct_ref_seq.pdbx_db_align_beg_ins_code    ? 
_struct_ref_seq.db_align_end                  99 
_struct_ref_seq.pdbx_db_align_end_ins_code    ? 
_struct_ref_seq.pdbx_auth_seq_align_beg       1 
_struct_ref_seq.pdbx_auth_seq_align_end       99 
# 
loop_
_chem_comp.id 
_chem_comp.type 
_chem_comp.mon_nstd_flag 
_chem_comp.name 
_chem_comp.pdbx_synonyms 
_chem_comp.formula 
_chem_comp.formula_weight 
ALA 'L-peptide linking' y ALANINE ? 'C3 H7 N O2'        89.093  
ARG 'L-peptide linking' y ARGININE ? 'C6 H15 N4 O2 1'    175.209 
ASN 'L-peptide linking' y ASPARAGINE ? 'C4 H8 N2 O3'       132.118 
ASP 'L-peptide linking' y 'ASPARTIC ACID' ? 'C4 H7 N O4'        133.103 
CYS 'L-peptide linking' y CYSTEINE ? 'C3 H7 N O2 S'      121.158 
GLN 'L-peptide linking' y GLUTAMINE ? 'C5 H10 N2 O3'      146.144 
GLU 'L-peptide linking' y 'GLUTAMIC ACID' ? 'C5 H9 N O4'        147.129 
GLY 'peptide linking'   y GLYCINE ? 'C2 H5 N O2'        75.067  
HIS 'L-peptide linking' y HISTIDINE ? 'C6 H10 N3 O2 1'    156.162 
HOH non-polymer         . WATER ? 'H2 O'              18.015  
ILE 'L-peptide linking' y ISOLEUCINE ? 'C6 H13 N O2'       131.173 
LEU 'L-peptide linking' y LEUCINE ? 'C6 H13 N O2'       131.173 
LYS 'L-peptide linking' y LYSINE ? 'C6 H15 N2 O2 1'    147.195 
MET 'L-peptide linking' y METHIONINE ? 'C5 H11 N O2 S'     149.211 
NJY non-polymer         . 
;(3S,3aR,5R,7aS,8S)-hexahydro-4H-3,5-methanofuro[2,3-b]pyran-8-yl {(2S,3R)-1-(3-fluorophenyl)-3-hydroxy-4-[(2-methylpropyl)({2-[(propan-2-yl)amino]-1,3-benzoxazol-6-yl}sulfonyl)amino]butan-2-yl}carbamate
;
? 'C33 H43 F N4 O8 S' 674.780 
PHE 'L-peptide linking' y PHENYLALANINE ? 'C9 H11 N O2'       165.189 
PRO 'L-peptide linking' y PROLINE ? 'C5 H9 N O2'        115.130 
THR 'L-peptide linking' y THREONINE ? 'C4 H9 N O3'        119.119 
TRP 'L-peptide linking' y TRYPTOPHAN ? 'C11 H12 N2 O2'     204.225 
TYR 'L-peptide linking' y TYROSINE ? 'C9 H11 N O3'       181.189 
VAL 'L-peptide linking' y VALINE ? 'C5 H11 N O2'       117.146 
# 
_exptl.absorpt_coefficient_mu     ? 
_exptl.absorpt_correction_T_max   ? 
_exptl.absorpt_correction_T_min   ? 
_exptl.absorpt_correction_type    ? 
_exptl.absorpt_process_details    ? 
_exptl.entry_id                   6OYR 
_exptl.crystals_number            1 
_exptl.details                    ? 
_exptl.method                     'X-RAY DIFFRACTION' 
_exptl.method_details             ? 
# 
_exptl_crystal.colour                      ? 
_exptl_crystal.density_diffrn              ? 
_exptl_crystal.density_Matthews            2.17 
_exptl_crystal.density_method              ? 
_exptl_crystal.density_percent_sol         43.20 
_exptl_crystal.description                 ? 
_exptl_crystal.F_000                       ? 
_exptl_crystal.id                          1 
_exptl_crystal.preparation                 ? 
_exptl_crystal.size_max                    ? 
_exptl_crystal.size_mid                    ? 
_exptl_crystal.size_min                    ? 
_exptl_crystal.size_rad                    ? 
_exptl_crystal.colour_lustre               ? 
_exptl_crystal.colour_modifier             ? 
_exptl_crystal.colour_primary              ? 
_exptl_crystal.density_meas                ? 
_exptl_crystal.density_meas_esd            ? 
_exptl_crystal.density_meas_gt             ? 
_exptl_crystal.density_meas_lt             ? 
_exptl_crystal.density_meas_temp           ? 
_exptl_crystal.density_meas_temp_esd       ? 
_exptl_crystal.density_meas_temp_gt        ? 
_exptl_crystal.density_meas_temp_lt        ? 
_exptl_crystal.pdbx_crystal_image_url      ? 
_exptl_crystal.pdbx_crystal_image_format   ? 
_exptl_crystal.pdbx_mosaicity              ? 
_exptl_crystal.pdbx_mosaicity_esd          ? 
# 
_exptl_crystal_grow.apparatus       ? 
_exptl_crystal_grow.atmosphere      ? 
_exptl_crystal_grow.crystal_id      1 
_exptl_crystal_grow.details         ? 
_exptl_crystal_grow.method          'VAPOR DIFFUSION, HANGING DROP' 
_exptl_crystal_grow.method_ref      ? 
_exptl_crystal_grow.pH              7.4 
_exptl_crystal_grow.pressure        ? 
_exptl_crystal_grow.pressure_esd    ? 
_exptl_crystal_grow.seeding         ? 
_exptl_crystal_grow.seeding_ref     ? 
_exptl_crystal_grow.temp            298.0 
_exptl_crystal_grow.temp_details    ? 
_exptl_crystal_grow.temp_esd        ? 
_exptl_crystal_grow.time            ? 
_exptl_crystal_grow.pdbx_details    '0.15 M Ammonium sulfate, 0.1 M HEPES (pH 7.4), 15% (w/v) PEG4000' 
_exptl_crystal_grow.pdbx_pH_range   ? 
# 
_diffrn.ambient_environment              ? 
_diffrn.ambient_temp                     100 
_diffrn.ambient_temp_details             ? 
_diffrn.ambient_temp_esd                 ? 
_diffrn.crystal_id                       1 
_diffrn.crystal_support                  ? 
_diffrn.crystal_treatment                ? 
_diffrn.details                          ? 
_diffrn.id                               1 
_diffrn.ambient_pressure                 ? 
_diffrn.ambient_pressure_esd             ? 
_diffrn.ambient_pressure_gt              ? 
_diffrn.ambient_pressure_lt              ? 
_diffrn.ambient_temp_gt                  ? 
_diffrn.ambient_temp_lt                  ? 
_diffrn.pdbx_serial_crystal_experiment   N 
# 
_diffrn_detector.details                      ? 
_diffrn_detector.detector                     PIXEL 
_diffrn_detector.diffrn_id                    1 
_diffrn_detector.type                         'DECTRIS PILATUS 6M' 
_diffrn_detector.area_resol_mean              ? 
_diffrn_detector.dtime                        ? 
_diffrn_detector.pdbx_frames_total            ? 
_diffrn_detector.pdbx_collection_time_total   ? 
_diffrn_detector.pdbx_collection_date         2016-10-31 
_diffrn_detector.pdbx_frequency               ? 
# 
_diffrn_radiation.collimation                      ? 
_diffrn_radiation.diffrn_id                        1 
_diffrn_radiation.filter_edge                      ? 
_diffrn_radiation.inhomogeneity                    ? 
_diffrn_radiation.monochromator                    ? 
_diffrn_radiation.polarisn_norm                    ? 
_diffrn_radiation.polarisn_ratio                   ? 
_diffrn_radiation.probe                            ? 
_diffrn_radiation.type                             ? 
_diffrn_radiation.xray_symbol                      ? 
_diffrn_radiation.wavelength_id                    1 
_diffrn_radiation.pdbx_monochromatic_or_laue_m_l   M 
_diffrn_radiation.pdbx_wavelength_list             ? 
_diffrn_radiation.pdbx_wavelength                  ? 
_diffrn_radiation.pdbx_diffrn_protocol             'SINGLE WAVELENGTH' 
_diffrn_radiation.pdbx_analyzer                    ? 
_diffrn_radiation.pdbx_scattering_type             x-ray 
# 
_diffrn_radiation_wavelength.id           1 
_diffrn_radiation_wavelength.wavelength   1.0 
_diffrn_radiation_wavelength.wt           1.0 
# 
_diffrn_source.current                     ? 
_diffrn_source.details                     ? 
_diffrn_source.diffrn_id                   1 
_diffrn_source.power                       ? 
_diffrn_source.size                        ? 
_diffrn_source.source                      SYNCHROTRON 
_diffrn_source.target                      ? 
_diffrn_source.type                        'SPRING-8 BEAMLINE BL41XU' 
_diffrn_source.voltage                     ? 
_diffrn_source.take-off_angle              ? 
_diffrn_source.pdbx_wavelength_list        1.0 
_diffrn_source.pdbx_wavelength             ? 
_diffrn_source.pdbx_synchrotron_beamline   BL41XU 
_diffrn_source.pdbx_synchrotron_site       SPring-8 
# 
_reflns.B_iso_Wilson_estimate            ? 
_reflns.entry_id                         6OYR 
_reflns.data_reduction_details           ? 
_reflns.data_reduction_method            ? 
_reflns.d_resolution_high                1.54 
_reflns.d_resolution_low                 45.39 
_reflns.details                          ? 
_reflns.limit_h_max                      ? 
_reflns.limit_h_min                      ? 
_reflns.limit_k_max                      ? 
_reflns.limit_k_min                      ? 
_reflns.limit_l_max                      ? 
_reflns.limit_l_min                      ? 
_reflns.number_all                       ? 
_reflns.number_obs                       14722 
_reflns.observed_criterion               ? 
_reflns.observed_criterion_F_max         ? 
_reflns.observed_criterion_F_min         ? 
_reflns.observed_criterion_I_max         ? 
_reflns.observed_criterion_I_min         ? 
_reflns.observed_criterion_sigma_F       ? 
_reflns.observed_criterion_sigma_I       ? 
_reflns.percent_possible_obs             99.32 
_reflns.R_free_details                   ? 
_reflns.Rmerge_F_all                     ? 
_reflns.Rmerge_F_obs                     ? 
_reflns.Friedel_coverage                 ? 
_reflns.number_gt                        ? 
_reflns.threshold_expression             ? 
_reflns.pdbx_redundancy                  18.6 
_reflns.pdbx_Rmerge_I_obs                ? 
_reflns.pdbx_Rmerge_I_all                ? 
_reflns.pdbx_Rsym_value                  ? 
_reflns.pdbx_netI_over_av_sigmaI         ? 
_reflns.pdbx_netI_over_sigmaI            15.72 
_reflns.pdbx_res_netI_over_av_sigmaI_2   ? 
_reflns.pdbx_res_netI_over_sigmaI_2      ? 
_reflns.pdbx_chi_squared                 ? 
_reflns.pdbx_scaling_rejects             ? 
_reflns.pdbx_d_res_high_opt              ? 
_reflns.pdbx_d_res_low_opt               ? 
_reflns.pdbx_d_res_opt_method            ? 
_reflns.phase_calculation_details        ? 
_reflns.pdbx_Rrim_I_all                  ? 
_reflns.pdbx_Rpim_I_all                  ? 
_reflns.pdbx_d_opt                       ? 
_reflns.pdbx_number_measured_all         ? 
_reflns.pdbx_diffrn_id                   1 
_reflns.pdbx_ordinal                     1 
_reflns.pdbx_CC_half                     ? 
_reflns.pdbx_R_split                     ? 
# 
_reflns_shell.d_res_high                  1.54 
_reflns_shell.d_res_low                   1.595 
_reflns_shell.meanI_over_sigI_all         ? 
_reflns_shell.meanI_over_sigI_obs         ? 
_reflns_shell.number_measured_all         ? 
_reflns_shell.number_measured_obs         ? 
_reflns_shell.number_possible             ? 
_reflns_shell.number_unique_all           ? 
_reflns_shell.number_unique_obs           14710 
_reflns_shell.percent_possible_all        ? 
_reflns_shell.percent_possible_obs        ? 
_reflns_shell.Rmerge_F_all                ? 
_reflns_shell.Rmerge_F_obs                ? 
_reflns_shell.Rmerge_I_all                ? 
_reflns_shell.Rmerge_I_obs                ? 
_reflns_shell.meanI_over_sigI_gt          ? 
_reflns_shell.meanI_over_uI_all           ? 
_reflns_shell.meanI_over_uI_gt            ? 
_reflns_shell.number_measured_gt          ? 
_reflns_shell.number_unique_gt            ? 
_reflns_shell.percent_possible_gt         ? 
_reflns_shell.Rmerge_F_gt                 ? 
_reflns_shell.Rmerge_I_gt                 ? 
_reflns_shell.pdbx_redundancy             ? 
_reflns_shell.pdbx_Rsym_value             ? 
_reflns_shell.pdbx_chi_squared            ? 
_reflns_shell.pdbx_netI_over_sigmaI_all   ? 
_reflns_shell.pdbx_netI_over_sigmaI_obs   ? 
_reflns_shell.pdbx_Rrim_I_all             ? 
_reflns_shell.pdbx_Rpim_I_all             ? 
_reflns_shell.pdbx_rejects                ? 
_reflns_shell.pdbx_ordinal                1 
_reflns_shell.pdbx_diffrn_id              1 
_reflns_shell.pdbx_CC_half                ? 
_reflns_shell.pdbx_R_split                ? 
# 
_refine.aniso_B[1][1]                            0.15 
_refine.aniso_B[1][2]                            0.07 
_refine.aniso_B[1][3]                            0.00 
_refine.aniso_B[2][2]                            0.15 
_refine.aniso_B[2][3]                            0.00 
_refine.aniso_B[3][3]                            -0.47 
_refine.B_iso_max                                ? 
_refine.B_iso_mean                               24.835 
_refine.B_iso_min                                ? 
_refine.correlation_coeff_Fo_to_Fc               0.959 
_refine.correlation_coeff_Fo_to_Fc_free          0.944 
_refine.details                                  'HYDROGENS HAVE BEEN ADDED IN THE RIDING POSITIONS' 
_refine.diff_density_max                         ? 
_refine.diff_density_max_esd                     ? 
_refine.diff_density_min                         ? 
_refine.diff_density_min_esd                     ? 
_refine.diff_density_rms                         ? 
_refine.diff_density_rms_esd                     ? 
_refine.entry_id                                 6OYR 
_refine.pdbx_refine_id                           'X-RAY DIFFRACTION' 
_refine.ls_abs_structure_details                 ? 
_refine.ls_abs_structure_Flack                   ? 
_refine.ls_abs_structure_Flack_esd               ? 
_refine.ls_abs_structure_Rogers                  ? 
_refine.ls_abs_structure_Rogers_esd              ? 
_refine.ls_d_res_high                            1.54 
_refine.ls_d_res_low                             45.39 
_refine.ls_extinction_coef                       ? 
_refine.ls_extinction_coef_esd                   ? 
_refine.ls_extinction_expression                 ? 
_refine.ls_extinction_method                     ? 
_refine.ls_goodness_of_fit_all                   ? 
_refine.ls_goodness_of_fit_all_esd               ? 
_refine.ls_goodness_of_fit_obs                   ? 
_refine.ls_goodness_of_fit_obs_esd               ? 
_refine.ls_hydrogen_treatment                    ? 
_refine.ls_matrix_type                           ? 
_refine.ls_number_constraints                    ? 
_refine.ls_number_parameters                     ? 
_refine.ls_number_reflns_all                     ? 
_refine.ls_number_reflns_obs                     13976 
_refine.ls_number_reflns_R_free                  737 
_refine.ls_number_reflns_R_work                  ? 
_refine.ls_number_restraints                     ? 
_refine.ls_percent_reflns_obs                    99.35 
_refine.ls_percent_reflns_R_free                 5.0 
_refine.ls_R_factor_all                          ? 
_refine.ls_R_factor_obs                          0.21784 
_refine.ls_R_factor_R_free                       0.26119 
_refine.ls_R_factor_R_free_error                 ? 
_refine.ls_R_factor_R_free_error_details         ? 
_refine.ls_R_factor_R_work                       0.21556 
_refine.ls_R_Fsqd_factor_obs                     ? 
_refine.ls_R_I_factor_obs                        ? 
_refine.ls_redundancy_reflns_all                 ? 
_refine.ls_redundancy_reflns_obs                 ? 
_refine.ls_restrained_S_all                      ? 
_refine.ls_restrained_S_obs                      ? 
_refine.ls_shift_over_esd_max                    ? 
_refine.ls_shift_over_esd_mean                   ? 
_refine.ls_structure_factor_coef                 ? 
_refine.ls_weighting_details                     ? 
_refine.ls_weighting_scheme                      ? 
_refine.ls_wR_factor_all                         ? 
_refine.ls_wR_factor_obs                         ? 
_refine.ls_wR_factor_R_free                      ? 
_refine.ls_wR_factor_R_work                      ? 
_refine.occupancy_max                            ? 
_refine.occupancy_min                            ? 
_refine.solvent_model_details                    ? 
_refine.solvent_model_param_bsol                 ? 
_refine.solvent_model_param_ksol                 ? 
_refine.ls_R_factor_gt                           ? 
_refine.ls_goodness_of_fit_gt                    ? 
_refine.ls_goodness_of_fit_ref                   ? 
_refine.ls_shift_over_su_max                     ? 
_refine.ls_shift_over_su_max_lt                  ? 
_refine.ls_shift_over_su_mean                    ? 
_refine.ls_shift_over_su_mean_lt                 ? 
_refine.pdbx_ls_sigma_I                          ? 
_refine.pdbx_ls_sigma_F                          ? 
_refine.pdbx_ls_sigma_Fsqd                       ? 
_refine.pdbx_data_cutoff_high_absF               ? 
_refine.pdbx_data_cutoff_high_rms_absF           ? 
_refine.pdbx_data_cutoff_low_absF                ? 
_refine.pdbx_isotropic_thermal_model             ? 
_refine.pdbx_ls_cross_valid_method               THROUGHOUT 
_refine.pdbx_method_to_determine_struct          'MOLECULAR REPLACEMENT' 
_refine.pdbx_starting_model                      5TYR 
_refine.pdbx_stereochemistry_target_values       ? 
_refine.pdbx_R_Free_selection_details            RANDOM 
_refine.pdbx_stereochem_target_val_spec_case     ? 
_refine.pdbx_overall_ESU_R                       0.097 
_refine.pdbx_overall_ESU_R_Free                  0.102 
_refine.pdbx_solvent_vdw_probe_radii             1.20 
_refine.pdbx_solvent_ion_probe_radii             0.80 
_refine.pdbx_solvent_shrinkage_radii             0.80 
_refine.pdbx_real_space_R                        ? 
_refine.pdbx_density_correlation                 ? 
_refine.pdbx_pd_number_of_powder_patterns        ? 
_refine.pdbx_pd_number_of_points                 ? 
_refine.pdbx_pd_meas_number_of_points            ? 
_refine.pdbx_pd_proc_ls_prof_R_factor            ? 
_refine.pdbx_pd_proc_ls_prof_wR_factor           ? 
_refine.pdbx_pd_Marquardt_correlation_coeff      ? 
_refine.pdbx_pd_Fsqrd_R_factor                   ? 
_refine.pdbx_pd_ls_matrix_band_width             ? 
_refine.pdbx_overall_phase_error                 ? 
_refine.pdbx_overall_SU_R_free_Cruickshank_DPI   ? 
_refine.pdbx_overall_SU_R_free_Blow_DPI          ? 
_refine.pdbx_overall_SU_R_Blow_DPI               ? 
_refine.pdbx_TLS_residual_ADP_flag               ? 
_refine.pdbx_diffrn_id                           1 
_refine.overall_SU_B                             2.374 
_refine.overall_SU_ML                            0.082 
_refine.overall_SU_R_Cruickshank_DPI             ? 
_refine.overall_SU_R_free                        ? 
_refine.overall_FOM_free_R_set                   ? 
_refine.overall_FOM_work_R_set                   ? 
_refine.pdbx_average_fsc_overall                 ? 
_refine.pdbx_average_fsc_work                    ? 
_refine.pdbx_average_fsc_free                    ? 
# 
_refine_hist.pdbx_refine_id                   'X-RAY DIFFRACTION' 
_refine_hist.cycle_id                         1 
_refine_hist.details                          ? 
_refine_hist.d_res_high                       1.54 
_refine_hist.d_res_low                        45.39 
_refine_hist.number_atoms_solvent             43 
_refine_hist.number_atoms_total               850 
_refine_hist.number_reflns_all                ? 
_refine_hist.number_reflns_obs                ? 
_refine_hist.number_reflns_R_free             ? 
_refine_hist.number_reflns_R_work             ? 
_refine_hist.R_factor_all                     ? 
_refine_hist.R_factor_obs                     ? 
_refine_hist.R_factor_R_free                  ? 
_refine_hist.R_factor_R_work                  ? 
_refine_hist.pdbx_number_residues_total       ? 
_refine_hist.pdbx_B_iso_mean_ligand           ? 
_refine_hist.pdbx_B_iso_mean_solvent          ? 
_refine_hist.pdbx_number_atoms_protein        760 
_refine_hist.pdbx_number_atoms_nucleic_acid   0 
_refine_hist.pdbx_number_atoms_ligand         47 
_refine_hist.pdbx_number_atoms_lipid          ? 
_refine_hist.pdbx_number_atoms_carb           ? 
_refine_hist.pdbx_pseudo_atom_details         ? 
# 
loop_
_refine_ls_restr.pdbx_refine_id 
_refine_ls_restr.criterion 
_refine_ls_restr.dev_ideal 
_refine_ls_restr.dev_ideal_target 
_refine_ls_restr.number 
_refine_ls_restr.rejects 
_refine_ls_restr.type 
_refine_ls_restr.weight 
_refine_ls_restr.pdbx_restraint_function 
'X-RAY DIFFRACTION' ? 0.022  0.014  847  ? r_bond_refined_d             ? ? 
'X-RAY DIFFRACTION' ? 0.008  0.018  838  ? r_bond_other_d               ? ? 
'X-RAY DIFFRACTION' ? 2.033  1.727  1158 ? r_angle_refined_deg          ? ? 
'X-RAY DIFFRACTION' ? 1.957  1.666  1946 ? r_angle_other_deg            ? ? 
'X-RAY DIFFRACTION' ? 8.304  5.000  102  ? r_dihedral_angle_1_deg       ? ? 
'X-RAY DIFFRACTION' ? 35.390 23.030 33   ? r_dihedral_angle_2_deg       ? ? 
'X-RAY DIFFRACTION' ? 11.077 15.000 145  ? r_dihedral_angle_3_deg       ? ? 
'X-RAY DIFFRACTION' ? 16.844 15.000 4    ? r_dihedral_angle_4_deg       ? ? 
'X-RAY DIFFRACTION' ? 0.105  0.200  121  ? r_chiral_restr               ? ? 
'X-RAY DIFFRACTION' ? 0.014  0.020  905  ? r_gen_planes_refined         ? ? 
'X-RAY DIFFRACTION' ? 0.009  0.020  159  ? r_gen_planes_other           ? ? 
'X-RAY DIFFRACTION' ? ?      ?      ?    ? r_nbd_refined                ? ? 
'X-RAY DIFFRACTION' ? ?      ?      ?    ? r_nbd_other                  ? ? 
'X-RAY DIFFRACTION' ? ?      ?      ?    ? r_nbtor_refined              ? ? 
'X-RAY DIFFRACTION' ? ?      ?      ?    ? r_nbtor_other                ? ? 
'X-RAY DIFFRACTION' ? ?      ?      ?    ? r_xyhbond_nbd_refined        ? ? 
'X-RAY DIFFRACTION' ? ?      ?      ?    ? r_xyhbond_nbd_other          ? ? 
'X-RAY DIFFRACTION' ? ?      ?      ?    ? r_metal_ion_refined          ? ? 
'X-RAY DIFFRACTION' ? ?      ?      ?    ? r_metal_ion_other            ? ? 
'X-RAY DIFFRACTION' ? ?      ?      ?    ? r_symmetry_vdw_refined       ? ? 
'X-RAY DIFFRACTION' ? ?      ?      ?    ? r_symmetry_vdw_other         ? ? 
'X-RAY DIFFRACTION' ? ?      ?      ?    ? r_symmetry_hbond_refined     ? ? 
'X-RAY DIFFRACTION' ? ?      ?      ?    ? r_symmetry_hbond_other       ? ? 
'X-RAY DIFFRACTION' ? ?      ?      ?    ? r_symmetry_metal_ion_refined ? ? 
'X-RAY DIFFRACTION' ? ?      ?      ?    ? r_symmetry_metal_ion_other   ? ? 
'X-RAY DIFFRACTION' ? 2.122  2.417  405  ? r_mcbond_it                  ? ? 
'X-RAY DIFFRACTION' ? 2.113  2.414  404  ? r_mcbond_other               ? ? 
'X-RAY DIFFRACTION' ? 2.955  3.618  508  ? r_mcangle_it                 ? ? 
'X-RAY DIFFRACTION' ? 2.956  3.621  509  ? r_mcangle_other              ? ? 
'X-RAY DIFFRACTION' ? 2.822  2.771  433  ? r_scbond_it                  ? ? 
'X-RAY DIFFRACTION' ? 2.819  2.769  434  ? r_scbond_other               ? ? 
'X-RAY DIFFRACTION' ? ?      ?      ?    ? r_scangle_it                 ? ? 
'X-RAY DIFFRACTION' ? 4.209  4.005  640  ? r_scangle_other              ? ? 
'X-RAY DIFFRACTION' ? 5.636  28.015 845  ? r_long_range_B_refined       ? ? 
'X-RAY DIFFRACTION' ? 5.633  28.019 846  ? r_long_range_B_other         ? ? 
'X-RAY DIFFRACTION' ? ?      ?      ?    ? r_rigid_bond_restr           ? ? 
'X-RAY DIFFRACTION' ? ?      ?      ?    ? r_sphericity_free            ? ? 
'X-RAY DIFFRACTION' ? ?      ?      ?    ? r_sphericity_bonded          ? ? 
# 
_refine_ls_shell.pdbx_refine_id                   'X-RAY DIFFRACTION' 
_refine_ls_shell.d_res_high                       1.540 
_refine_ls_shell.d_res_low                        1.580 
_refine_ls_shell.number_reflns_all                ? 
_refine_ls_shell.number_reflns_obs                ? 
_refine_ls_shell.number_reflns_R_free             52 
_refine_ls_shell.number_reflns_R_work             1000 
_refine_ls_shell.percent_reflns_obs               98.41 
_refine_ls_shell.percent_reflns_R_free            ? 
_refine_ls_shell.R_factor_all                     ? 
_refine_ls_shell.R_factor_obs                     ? 
_refine_ls_shell.R_factor_R_free                  0.319 
_refine_ls_shell.R_factor_R_free_error            ? 
_refine_ls_shell.R_factor_R_work                  0.324 
_refine_ls_shell.redundancy_reflns_all            ? 
_refine_ls_shell.redundancy_reflns_obs            ? 
_refine_ls_shell.wR_factor_all                    ? 
_refine_ls_shell.wR_factor_obs                    ? 
_refine_ls_shell.wR_factor_R_free                 ? 
_refine_ls_shell.wR_factor_R_work                 ? 
_refine_ls_shell.pdbx_total_number_of_bins_used   20 
_refine_ls_shell.pdbx_phase_error                 ? 
_refine_ls_shell.pdbx_fsc_work                    ? 
_refine_ls_shell.pdbx_fsc_free                    ? 
# 
_struct.entry_id                     6OYR 
_struct.title                        'X-ray crystal structure of wild type HIV-1 protease in complex with GRL-002' 
_struct.pdbx_model_details           ? 
_struct.pdbx_formula_weight          ? 
_struct.pdbx_formula_weight_method   ? 
_struct.pdbx_model_type_details      ? 
_struct.pdbx_CASP_flag               N 
# 
_struct_keywords.entry_id        6OYR 
_struct_keywords.text            'Inhibitor, Viral protein, Viral protein-Inhibitor Complex' 
_struct_keywords.pdbx_keywords   'VIRAL PROTEIN/INHIBITOR' 
# 
loop_
_struct_asym.id 
_struct_asym.pdbx_blank_PDB_chainid_flag 
_struct_asym.pdbx_modified 
_struct_asym.entity_id 
_struct_asym.details 
A N N 1 ? 
B N N 2 ? 
C N N 3 ? 
# 
loop_
_struct_conf.conf_type_id 
_struct_conf.id 
_struct_conf.pdbx_PDB_helix_id 
_struct_conf.beg_label_comp_id 
_struct_conf.beg_label_asym_id 
_struct_conf.beg_label_seq_id 
_struct_conf.pdbx_beg_PDB_ins_code 
_struct_conf.end_label_comp_id 
_struct_conf.end_label_asym_id 
_struct_conf.end_label_seq_id 
_struct_conf.pdbx_end_PDB_ins_code 
_struct_conf.beg_auth_comp_id 
_struct_conf.beg_auth_asym_id 
_struct_conf.beg_auth_seq_id 
_struct_conf.end_auth_comp_id 
_struct_conf.end_auth_asym_id 
_struct_conf.end_auth_seq_id 
_struct_conf.pdbx_PDB_helix_class 
_struct_conf.details 
_struct_conf.pdbx_PDB_helix_length 
HELX_P HELX_P1 AA1 GLY A 86 ? THR A 91 ? GLY A 86 THR A 91 1 ? 6 
HELX_P HELX_P2 AA2 GLN A 92 ? GLY A 94 ? GLN A 92 GLY A 94 5 ? 3 
# 
_struct_conf_type.id          HELX_P 
_struct_conf_type.criteria    ? 
_struct_conf_type.reference   ? 
# 
_struct_sheet.id               AA1 
_struct_sheet.type             ? 
_struct_sheet.number_strands   8 
_struct_sheet.details          ? 
# 
loop_
_struct_sheet_order.sheet_id 
_struct_sheet_order.range_id_1 
_struct_sheet_order.range_id_2 
_struct_sheet_order.offset 
_struct_sheet_order.sense 
AA1 1 2 ? anti-parallel 
AA1 2 3 ? anti-parallel 
AA1 3 4 ? parallel      
AA1 4 5 ? anti-parallel 
AA1 5 6 ? parallel      
AA1 6 7 ? anti-parallel 
AA1 7 8 ? anti-parallel 
# 
loop_
_struct_sheet_range.sheet_id 
_struct_sheet_range.id 
_struct_sheet_range.beg_label_comp_id 
_struct_sheet_range.beg_label_asym_id 
_struct_sheet_range.beg_label_seq_id 
_struct_sheet_range.pdbx_beg_PDB_ins_code 
_struct_sheet_range.end_label_comp_id 
_struct_sheet_range.end_label_asym_id 
_struct_sheet_range.end_label_seq_id 
_struct_sheet_range.pdbx_end_PDB_ins_code 
_struct_sheet_range.beg_auth_comp_id 
_struct_sheet_range.beg_auth_asym_id 
_struct_sheet_range.beg_auth_seq_id 
_struct_sheet_range.end_auth_comp_id 
_struct_sheet_range.end_auth_asym_id 
_struct_sheet_range.end_auth_seq_id 
AA1 1 LYS A 43 ? GLY A 49 ? LYS A 43 GLY A 49 
AA1 2 GLY A 52 ? ILE A 66 ? GLY A 52 ILE A 66 
AA1 3 HIS A 69 ? VAL A 77 ? HIS A 69 VAL A 77 
AA1 4 THR A 31 ? LEU A 33 ? THR A 31 LEU A 33 
AA1 5 ILE A 84 ? ILE A 85 ? ILE A 84 ILE A 85 
AA1 6 GLN A 18 ? LEU A 24 ? GLN A 18 LEU A 24 
AA1 7 LEU A 10 ? ILE A 15 ? LEU A 10 ILE A 15 
AA1 8 GLY A 52 ? ILE A 66 ? GLY A 52 ILE A 66 
# 
loop_
_pdbx_struct_sheet_hbond.sheet_id 
_pdbx_struct_sheet_hbond.range_id_1 
_pdbx_struct_sheet_hbond.range_id_2 
_pdbx_struct_sheet_hbond.range_1_label_atom_id 
_pdbx_struct_sheet_hbond.range_1_label_comp_id 
_pdbx_struct_sheet_hbond.range_1_label_asym_id 
_pdbx_struct_sheet_hbond.range_1_label_seq_id 
_pdbx_struct_sheet_hbond.range_1_PDB_ins_code 
_pdbx_struct_sheet_hbond.range_1_auth_atom_id 
_pdbx_struct_sheet_hbond.range_1_auth_comp_id 
_pdbx_struct_sheet_hbond.range_1_auth_asym_id 
_pdbx_struct_sheet_hbond.range_1_auth_seq_id 
_pdbx_struct_sheet_hbond.range_2_label_atom_id 
_pdbx_struct_sheet_hbond.range_2_label_comp_id 
_pdbx_struct_sheet_hbond.range_2_label_asym_id 
_pdbx_struct_sheet_hbond.range_2_label_seq_id 
_pdbx_struct_sheet_hbond.range_2_PDB_ins_code 
_pdbx_struct_sheet_hbond.range_2_auth_atom_id 
_pdbx_struct_sheet_hbond.range_2_auth_comp_id 
_pdbx_struct_sheet_hbond.range_2_auth_asym_id 
_pdbx_struct_sheet_hbond.range_2_auth_seq_id 
AA1 1 2 N LYS A 43 ? N LYS A 43 O GLN A 58 ? O GLN A 58 
AA1 2 3 N ARG A 57 ? N ARG A 57 O VAL A 77 ? O VAL A 77 
AA1 3 4 O LEU A 76 ? O LEU A 76 N LEU A 33 ? N LEU A 33 
AA1 4 5 N VAL A 32 ? N VAL A 32 O ILE A 84 ? O ILE A 84 
AA1 5 6 O ILE A 85 ? O ILE A 85 N LEU A 23 ? N LEU A 23 
AA1 6 7 O LYS A 20 ? O LYS A 20 N ILE A 13 ? N ILE A 13 
AA1 7 8 N LYS A 14 ? N LYS A 14 O GLU A 65 ? O GLU A 65 
# 
_struct_site.id                   AC1 
_struct_site.pdbx_evidence_code   Software 
_struct_site.pdbx_auth_asym_id    A 
_struct_site.pdbx_auth_comp_id    NJY 
_struct_site.pdbx_auth_seq_id     101 
_struct_site.pdbx_auth_ins_code   ? 
_struct_site.pdbx_num_residues    20 
_struct_site.details              'binding site for residue NJY A 101' 
# 
loop_
_struct_site_gen.id 
_struct_site_gen.site_id 
_struct_site_gen.pdbx_num_res 
_struct_site_gen.label_comp_id 
_struct_site_gen.label_asym_id 
_struct_site_gen.label_seq_id 
_struct_site_gen.pdbx_auth_ins_code 
_struct_site_gen.auth_comp_id 
_struct_site_gen.auth_asym_id 
_struct_site_gen.auth_seq_id 
_struct_site_gen.label_atom_id 
_struct_site_gen.label_alt_id 
_struct_site_gen.symmetry 
_struct_site_gen.details 
1  AC1 20 ASP A 25 ? ASP A 25  . ? 1_555 ? 
2  AC1 20 ASP A 25 ? ASP A 25  . ? 7_555 ? 
3  AC1 20 GLY A 27 ? GLY A 27  . ? 7_555 ? 
4  AC1 20 GLY A 27 ? GLY A 27  . ? 1_555 ? 
5  AC1 20 ALA A 28 ? ALA A 28  . ? 1_555 ? 
6  AC1 20 ASP A 29 ? ASP A 29  . ? 7_555 ? 
7  AC1 20 ASP A 29 ? ASP A 29  . ? 1_555 ? 
8  AC1 20 ASP A 30 ? ASP A 30  . ? 7_555 ? 
9  AC1 20 ASP A 30 ? ASP A 30  . ? 1_555 ? 
10 AC1 20 ILE A 47 ? ILE A 47  . ? 7_555 ? 
11 AC1 20 GLY A 48 ? GLY A 48  . ? 1_555 ? 
12 AC1 20 GLY A 48 ? GLY A 48  . ? 7_555 ? 
13 AC1 20 GLY A 49 ? GLY A 49  . ? 7_555 ? 
14 AC1 20 GLY A 49 ? GLY A 49  . ? 1_555 ? 
15 AC1 20 ILE A 50 ? ILE A 50  . ? 7_555 ? 
16 AC1 20 PRO A 81 ? PRO A 81  . ? 1_555 ? 
17 AC1 20 VAL A 82 ? VAL A 82  . ? 7_555 ? 
18 AC1 20 VAL A 82 ? VAL A 82  . ? 1_555 ? 
19 AC1 20 HOH C .  ? HOH A 206 . ? 7_555 ? 
20 AC1 20 HOH C .  ? HOH A 206 . ? 1_555 ? 
# 
_atom_sites.entry_id                    6OYR 
_atom_sites.fract_transf_matrix[1][1]   -0.00671916 
_atom_sites.fract_transf_matrix[1][2]   -0.00305910 
_atom_sites.fract_transf_matrix[1][3]   -0.01683306 
_atom_sites.fract_transf_matrix[2][1]   -0.01807227 
_atom_sites.fract_transf_matrix[2][2]   -0.00234847 
_atom_sites.fract_transf_matrix[2][3]   -0.00239559 
_atom_sites.fract_transf_matrix[3][1]   -0.00133651 
_atom_sites.fract_transf_matrix[3][2]   0.01195734 
_atom_sites.fract_transf_matrix[3][3]   -0.00163954 
_atom_sites.fract_transf_vector[1]      -0.311909 
_atom_sites.fract_transf_vector[2]      -0.429129 
_atom_sites.fract_transf_vector[3]      0.061074 
# 
loop_
_atom_type.symbol 
C 
F 
N 
O 
S 
# 
loop_
_atom_site.group_PDB 
_atom_site.id 
_atom_site.type_symbol 
_atom_site.label_atom_id 
_atom_site.label_alt_id 
_atom_site.label_comp_id 
_atom_site.label_asym_id 
_atom_site.label_entity_id 
_atom_site.label_seq_id 
_atom_site.pdbx_PDB_ins_code 
_atom_site.Cartn_x 
_atom_site.Cartn_y 
_atom_site.Cartn_z 
_atom_site.occupancy 
_atom_site.B_iso_or_equiv 
_atom_site.pdbx_formal_charge 
_atom_site.auth_seq_id 
_atom_site.auth_comp_id 
_atom_site.auth_asym_id 
_atom_site.auth_atom_id 
_atom_site.pdbx_PDB_model_num 
ATOM   1   N N   . PRO A 1 1  ? 13.985  7.856   7.758   1.00 40.13 ? 1   PRO A N   1 
ATOM   2   C CA  . PRO A 1 1  ? 13.899  9.327   7.585   1.00 37.26 ? 1   PRO A CA  1 
ATOM   3   C C   . PRO A 1 1  ? 12.761  10.017  8.367   1.00 36.58 ? 1   PRO A C   1 
ATOM   4   O O   . PRO A 1 1  ? 11.851  9.371   8.839   1.00 32.25 ? 1   PRO A O   1 
ATOM   5   C CB  . PRO A 1 1  ? 13.640  9.502   6.078   1.00 37.92 ? 1   PRO A CB  1 
ATOM   6   C CG  . PRO A 1 1  ? 12.866  8.271   5.719   1.00 41.43 ? 1   PRO A CG  1 
ATOM   7   C CD  . PRO A 1 1  ? 13.569  7.189   6.511   1.00 39.12 ? 1   PRO A CD  1 
ATOM   8   N N   . GLN A 1 2  ? 12.867  11.330  8.537   1.00 31.61 ? 2   GLN A N   1 
ATOM   9   C CA  . GLN A 1 2  ? 11.707  12.182  8.899   1.00 31.01 ? 2   GLN A CA  1 
ATOM   10  C C   . GLN A 1 2  ? 11.185  12.798  7.595   1.00 24.75 ? 2   GLN A C   1 
ATOM   11  O O   . GLN A 1 2  ? 11.989  13.259  6.801   1.00 27.70 ? 2   GLN A O   1 
ATOM   12  C CB  . GLN A 1 2  ? 12.099  13.210  9.954   1.00 31.94 ? 2   GLN A CB  1 
ATOM   13  C CG  . GLN A 1 2  ? 10.993  14.213  10.238  1.00 37.18 ? 2   GLN A CG  1 
ATOM   14  C CD  . GLN A 1 2  ? 11.296  15.013  11.480  1.00 41.61 ? 2   GLN A CD  1 
ATOM   15  O OE1 . GLN A 1 2  ? 10.703  14.804  12.539  1.00 43.47 ? 2   GLN A OE1 1 
ATOM   16  N NE2 . GLN A 1 2  ? 12.245  15.923  11.351  1.00 41.54 ? 2   GLN A NE2 1 
ATOM   17  N N   . ILE A 1 3  ? 9.869   12.809  7.382   1.00 25.08 ? 3   ILE A N   1 
ATOM   18  C CA  . ILE A 1 3  ? 9.217   13.327  6.142   1.00 24.75 ? 3   ILE A CA  1 
ATOM   19  C C   . ILE A 1 3  ? 8.235   14.436  6.548   1.00 23.98 ? 3   ILE A C   1 
ATOM   20  O O   . ILE A 1 3  ? 7.290   14.139  7.325   1.00 22.64 ? 3   ILE A O   1 
ATOM   21  C CB  . ILE A 1 3  ? 8.520   12.168  5.404   1.00 27.38 ? 3   ILE A CB  1 
ATOM   22  C CG1 . ILE A 1 3  ? 9.514   11.074  5.011   1.00 29.58 ? 3   ILE A CG1 1 
ATOM   23  C CG2 . ILE A 1 3  ? 7.775   12.647  4.187   1.00 26.99 ? 3   ILE A CG2 1 
ATOM   24  C CD1 . ILE A 1 3  ? 8.887   9.875   4.308   1.00 31.07 ? 3   ILE A CD1 1 
ATOM   25  N N   . THR A 1 4  ? 8.405   15.663  6.045   1.00 22.50 ? 4   THR A N   1 
ATOM   26  C CA  . THR A 1 4  ? 7.428   16.756  6.293   1.00 20.90 ? 4   THR A CA  1 
ATOM   27  C C   . THR A 1 4  ? 6.326   16.602  5.236   1.00 20.14 ? 4   THR A C   1 
ATOM   28  O O   . THR A 1 4  ? 6.503   15.807  4.303   1.00 21.41 ? 4   THR A O   1 
ATOM   29  C CB  . THR A 1 4  ? 8.083   18.146  6.268   1.00 26.39 ? 4   THR A CB  1 
ATOM   30  O OG1 . THR A 1 4  ? 8.794   18.274  5.038   1.00 25.54 ? 4   THR A OG1 1 
ATOM   31  C CG2 . THR A 1 4  ? 9.034   18.379  7.420   1.00 27.24 ? 4   THR A CG2 1 
ATOM   32  N N   . LEU A 1 5  ? 5.224   17.333  5.344   1.00 18.71 ? 5   LEU A N   1 
ATOM   33  C CA  . LEU A 1 5  ? 4.037   17.032  4.539   1.00 17.47 ? 5   LEU A CA  1 
ATOM   34  C C   . LEU A 1 5  ? 3.674   18.209  3.629   1.00 18.39 ? 5   LEU A C   1 
ATOM   35  O O   . LEU A 1 5  ? 2.527   18.311  3.192   1.00 18.29 ? 5   LEU A O   1 
ATOM   36  C CB  . LEU A 1 5  ? 2.917   16.684  5.525   1.00 16.83 ? 5   LEU A CB  1 
ATOM   37  C CG  . LEU A 1 5  ? 3.151   15.372  6.284   1.00 17.92 ? 5   LEU A CG  1 
ATOM   38  C CD1 . LEU A 1 5  ? 2.132   15.192  7.388   1.00 18.76 ? 5   LEU A CD1 1 
ATOM   39  C CD2 . LEU A 1 5  ? 3.080   14.170  5.335   1.00 18.09 ? 5   LEU A CD2 1 
ATOM   40  N N   . TRP A 1 6  ? 4.670   19.032  3.284   1.00 20.15 ? 6   TRP A N   1 
ATOM   41  C CA  . TRP A 1 6  ? 4.459   20.136  2.328   1.00 19.96 ? 6   TRP A CA  1 
ATOM   42  C C   . TRP A 1 6  ? 4.173   19.569  0.944   1.00 18.44 ? 6   TRP A C   1 
ATOM   43  O O   . TRP A 1 6  ? 3.562   20.238  0.117   1.00 21.06 ? 6   TRP A O   1 
ATOM   44  C CB  . TRP A 1 6  ? 5.678   21.067  2.359   1.00 20.30 ? 6   TRP A CB  1 
ATOM   45  C CG  . TRP A 1 6  ? 5.900   21.627  3.727   1.00 20.23 ? 6   TRP A CG  1 
ATOM   46  C CD1 . TRP A 1 6  ? 6.764   21.198  4.686   1.00 23.58 ? 6   TRP A CD1 1 
ATOM   47  C CD2 . TRP A 1 6  ? 5.222   22.751  4.276   1.00 20.15 ? 6   TRP A CD2 1 
ATOM   48  N NE1 . TRP A 1 6  ? 6.624   21.947  5.824   1.00 23.83 ? 6   TRP A NE1 1 
ATOM   49  C CE2 . TRP A 1 6  ? 5.686   22.911  5.596   1.00 21.63 ? 6   TRP A CE2 1 
ATOM   50  C CE3 . TRP A 1 6  ? 4.202   23.575  3.791   1.00 23.27 ? 6   TRP A CE3 1 
ATOM   51  C CZ2 . TRP A 1 6  ? 5.248   23.951  6.412   1.00 24.49 ? 6   TRP A CZ2 1 
ATOM   52  C CZ3 . TRP A 1 6  ? 3.745   24.580  4.613   1.00 23.04 ? 6   TRP A CZ3 1 
ATOM   53  C CH2 . TRP A 1 6  ? 4.256   24.759  5.895   1.00 22.49 ? 6   TRP A CH2 1 
ATOM   54  N N   . GLN A 1 7  ? 4.691   18.373  0.668   1.00 16.96 ? 7   GLN A N   1 
ATOM   55  C CA  . GLN A 1 7  ? 4.371   17.622  -0.557  1.00 17.12 ? 7   GLN A CA  1 
ATOM   56  C C   . GLN A 1 7  ? 3.804   16.252  -0.174  1.00 15.31 ? 7   GLN A C   1 
ATOM   57  O O   . GLN A 1 7  ? 3.942   15.867  0.993   1.00 17.65 ? 7   GLN A O   1 
ATOM   58  C CB  . GLN A 1 7  ? 5.633   17.421  -1.402  1.00 19.84 ? 7   GLN A CB  1 
ATOM   59  C CG  . GLN A 1 7  ? 6.289   18.723  -1.813  1.00 23.65 ? 7   GLN A CG  1 
ATOM   60  C CD  . GLN A 1 7  ? 5.528   19.517  -2.846  1.00 30.25 ? 7   GLN A CD  1 
ATOM   61  O OE1 . GLN A 1 7  ? 4.853   18.957  -3.714  1.00 37.25 ? 7   GLN A OE1 1 
ATOM   62  N NE2 . GLN A 1 7  ? 5.663   20.849  -2.789  1.00 29.51 ? 7   GLN A NE2 1 
ATOM   63  N N   . ARG A 1 8  ? 3.217   15.571  -1.119  1.00 16.67 ? 8   ARG A N   1 
ATOM   64  C CA  . ARG A 1 8  ? 2.727   14.185  -0.860  1.00 16.39 ? 8   ARG A CA  1 
ATOM   65  C C   . ARG A 1 8  ? 3.911   13.327  -0.446  1.00 15.87 ? 8   ARG A C   1 
ATOM   66  O O   . ARG A 1 8  ? 4.992   13.368  -1.055  1.00 15.88 ? 8   ARG A O   1 
ATOM   67  C CB  . ARG A 1 8  ? 2.097   13.553  -2.086  1.00 17.49 ? 8   ARG A CB  1 
ATOM   68  C CG  . ARG A 1 8  ? 0.820   14.236  -2.524  1.00 19.16 ? 8   ARG A CG  1 
ATOM   69  C CD  . ARG A 1 8  ? 0.242   13.600  -3.769  1.00 22.86 ? 8   ARG A CD  1 
ATOM   70  N NE  . ARG A 1 8  ? -1.063  14.179  -4.032  1.00 25.80 ? 8   ARG A NE  1 
ATOM   71  C CZ  . ARG A 1 8  ? -1.711  14.177  -5.195  1.00 31.99 ? 8   ARG A CZ  1 
ATOM   72  N NH1 . ARG A 1 8  ? -1.142  13.694  -6.293  1.00 32.37 ? 8   ARG A NH1 1 
ATOM   73  N NH2 . ARG A 1 8  ? -2.923  14.721  -5.262  1.00 30.70 ? 8   ARG A NH2 1 
ATOM   74  N N   . PRO A 1 9  ? 3.691   12.488  0.590   1.00 15.97 ? 9   PRO A N   1 
ATOM   75  C CA  . PRO A 1 9  ? 4.736   11.613  1.098   1.00 16.40 ? 9   PRO A CA  1 
ATOM   76  C C   . PRO A 1 9  ? 4.903   10.356  0.250   1.00 16.43 ? 9   PRO A C   1 
ATOM   77  O O   . PRO A 1 9  ? 4.460   9.265   0.613   1.00 15.30 ? 9   PRO A O   1 
ATOM   78  C CB  . PRO A 1 9  ? 4.270   11.371  2.537   1.00 15.20 ? 9   PRO A CB  1 
ATOM   79  C CG  . PRO A 1 9  ? 2.805   11.404  2.447   1.00 16.51 ? 9   PRO A CG  1 
ATOM   80  C CD  . PRO A 1 9  ? 2.509   12.553  1.490   1.00 16.23 ? 9   PRO A CD  1 
ATOM   81  N N   . LEU A 1 10 ? 5.517   10.515  -0.914  1.00 16.98 ? 10  LEU A N   1 
ATOM   82  C CA  . LEU A 1 10 ? 5.712   9.390   -1.871  1.00 17.89 ? 10  LEU A CA  1 
ATOM   83  C C   . LEU A 1 10 ? 7.046   8.741   -1.603  1.00 19.16 ? 10  LEU A C   1 
ATOM   84  O O   . LEU A 1 10 ? 8.040   9.455   -1.390  1.00 20.48 ? 10  LEU A O   1 
ATOM   85  C CB  . LEU A 1 10 ? 5.660   9.902   -3.307  1.00 20.22 ? 10  LEU A CB  1 
ATOM   86  C CG  . LEU A 1 10 ? 4.346   10.539  -3.702  1.00 23.63 ? 10  LEU A CG  1 
ATOM   87  C CD1 . LEU A 1 10 ? 4.504   11.338  -4.977  1.00 26.71 ? 10  LEU A CD1 1 
ATOM   88  C CD2 . LEU A 1 10 ? 3.293   9.473   -3.863  1.00 27.00 ? 10  LEU A CD2 1 
ATOM   89  N N   . VAL A 1 11 ? 7.062   7.423   -1.722  1.00 16.84 ? 11  VAL A N   1 
ATOM   90  C CA  . VAL A 1 11 ? 8.298   6.646   -1.556  1.00 16.74 ? 11  VAL A CA  1 
ATOM   91  C C   . VAL A 1 11 ? 8.373   5.617   -2.666  1.00 15.11 ? 11  VAL A C   1 
ATOM   92  O O   . VAL A 1 11 ? 7.344   5.264   -3.323  1.00 14.64 ? 11  VAL A O   1 
ATOM   93  C CB  . VAL A 1 11 ? 8.355   5.984   -0.174  1.00 18.94 ? 11  VAL A CB  1 
ATOM   94  C CG1 . VAL A 1 11 ? 8.304   7.020   0.937   1.00 22.02 ? 11  VAL A CG1 1 
ATOM   95  C CG2 . VAL A 1 11 ? 7.243   4.965   -0.012  1.00 18.25 ? 11  VAL A CG2 1 
ATOM   96  N N   . THR A 1 12 ? 9.574   5.096   -2.828  1.00 16.47 ? 12  THR A N   1 
ATOM   97  C CA  . THR A 1 12 ? 9.799   4.023   -3.819  1.00 16.42 ? 12  THR A CA  1 
ATOM   98  C C   . THR A 1 12 ? 9.544   2.690   -3.120  1.00 17.48 ? 12  THR A C   1 
ATOM   99  O O   . THR A 1 12 ? 9.931   2.540   -1.954  1.00 20.60 ? 12  THR A O   1 
ATOM   100 C CB  . THR A 1 12 ? 11.171  4.196   -4.463  1.00 18.49 ? 12  THR A CB  1 
ATOM   101 O OG1 . THR A 1 12 ? 11.212  5.458   -5.127  1.00 21.00 ? 12  THR A OG1 1 
ATOM   102 C CG2 . THR A 1 12 ? 11.438  3.132   -5.496  1.00 24.17 ? 12  THR A CG2 1 
ATOM   103 N N   . ILE A 1 13 ? 8.841   1.802   -3.798  1.00 17.18 ? 13  ILE A N   1 
ATOM   104 C CA  . ILE A 1 13 ? 8.568   0.453   -3.261  1.00 17.81 ? 13  ILE A CA  1 
ATOM   105 C C   . ILE A 1 13 ? 9.066   -0.535  -4.305  1.00 17.91 ? 13  ILE A C   1 
ATOM   106 O O   . ILE A 1 13 ? 9.145   -0.196  -5.519  1.00 16.33 ? 13  ILE A O   1 
ATOM   107 C CB  . ILE A 1 13 ? 7.092   0.232   -2.904  1.00 17.29 ? 13  ILE A CB  1 
ATOM   108 C CG1 . ILE A 1 13 ? 6.153   0.192   -4.114  1.00 18.07 ? 13  ILE A CG1 1 
ATOM   109 C CG2 . ILE A 1 13 ? 6.659   1.290   -1.903  1.00 18.47 ? 13  ILE A CG2 1 
ATOM   110 C CD1 . ILE A 1 13 ? 4.748   -0.262  -3.827  1.00 20.33 ? 13  ILE A CD1 1 
ATOM   111 N N   . LYS A 1 14 ? 9.408   -1.714  -3.826  1.00 18.77 ? 14  LYS A N   1 
ATOM   112 C CA  . LYS A 1 14 ? 9.677   -2.838  -4.743  1.00 17.84 ? 14  LYS A CA  1 
ATOM   113 C C   . LYS A 1 14 ? 8.773   -3.987  -4.308  1.00 18.74 ? 14  LYS A C   1 
ATOM   114 O O   . LYS A 1 14 ? 8.771   -4.345  -3.114  1.00 18.88 ? 14  LYS A O   1 
ATOM   115 C CB  . LYS A 1 14 ? 11.117  -3.299  -4.730  1.00 18.95 ? 14  LYS A CB  1 
ATOM   116 C CG  . LYS A 1 14 ? 11.383  -4.372  -5.785  1.00 19.45 ? 14  LYS A CG  1 
ATOM   117 C CD  . LYS A 1 14 ? 12.818  -4.782  -5.808  1.00 23.08 ? 14  LYS A CD  1 
ATOM   118 C CE  . LYS A 1 14 ? 13.072  -5.919  -6.782  1.00 24.85 ? 14  LYS A CE  1 
ATOM   119 N NZ  . LYS A 1 14 ? 14.511  -6.262  -6.804  1.00 25.88 ? 14  LYS A NZ  1 
ATOM   120 N N   . ILE A 1 15 ? 8.001   -4.480  -5.255  1.00 17.40 ? 15  ILE A N   1 
ATOM   121 C CA  . ILE A 1 15 ? 6.970   -5.523  -4.999  1.00 18.96 ? 15  ILE A CA  1 
ATOM   122 C C   . ILE A 1 15 ? 6.838   -6.370  -6.270  1.00 21.33 ? 15  ILE A C   1 
ATOM   123 O O   . ILE A 1 15 ? 6.726   -5.797  -7.379  1.00 20.60 ? 15  ILE A O   1 
ATOM   124 C CB  . ILE A 1 15 ? 5.614   -4.934  -4.546  1.00 20.66 ? 15  ILE A CB  1 
ATOM   125 C CG1 . ILE A 1 15 ? 4.620   -6.079  -4.302  1.00 23.71 ? 15  ILE A CG1 1 
ATOM   126 C CG2 . ILE A 1 15 ? 5.113   -3.907  -5.552  1.00 20.96 ? 15  ILE A CG2 1 
ATOM   127 C CD1 . ILE A 1 15 ? 3.312   -5.664  -3.721  1.00 22.91 ? 15  ILE A CD1 1 
ATOM   128 N N   . GLY A 1 16 ? 6.867   -7.688  -6.086  1.00 23.68 ? 16  GLY A N   1 
ATOM   129 C CA  . GLY A 1 16 ? 6.717   -8.664  -7.176  1.00 24.50 ? 16  GLY A CA  1 
ATOM   130 C C   . GLY A 1 16 ? 7.729   -8.399  -8.281  1.00 21.62 ? 16  GLY A C   1 
ATOM   131 O O   . GLY A 1 16 ? 7.339   -8.527  -9.452  1.00 22.77 ? 16  GLY A O   1 
ATOM   132 N N   . GLY A 1 17 ? 8.947   -8.027  -7.908  1.00 20.92 ? 17  GLY A N   1 
ATOM   133 C CA  . GLY A 1 17 ? 10.057  -7.751  -8.834  1.00 19.92 ? 17  GLY A CA  1 
ATOM   134 C C   . GLY A 1 17 ? 9.956   -6.400  -9.552  1.00 18.18 ? 17  GLY A C   1 
ATOM   135 O O   . GLY A 1 17 ? 10.837  -6.123  -10.407 1.00 17.02 ? 17  GLY A O   1 
ATOM   136 N N   . GLN A 1 18 ? 8.965   -5.564  -9.210  1.00 16.41 ? 18  GLN A N   1 
ATOM   137 C CA  . GLN A 1 18 ? 8.675   -4.291  -9.929  1.00 16.00 ? 18  GLN A CA  1 
ATOM   138 C C   . GLN A 1 18 ? 8.908   -3.108  -9.001  1.00 15.59 ? 18  GLN A C   1 
ATOM   139 O O   . GLN A 1 18 ? 8.595   -3.197  -7.800  1.00 18.09 ? 18  GLN A O   1 
ATOM   140 C CB  . GLN A 1 18 ? 7.239   -4.265  -10.442 1.00 18.06 ? 18  GLN A CB  1 
ATOM   141 C CG  . GLN A 1 18 ? 7.002   -5.366  -11.482 1.00 20.57 ? 18  GLN A CG  1 
ATOM   142 C CD  . GLN A 1 18 ? 5.537   -5.582  -11.749 1.00 21.34 ? 18  GLN A CD  1 
ATOM   143 O OE1 . GLN A 1 18 ? 4.850   -4.690  -12.240 1.00 29.23 ? 18  GLN A OE1 1 
ATOM   144 N NE2 . GLN A 1 18 ? 5.035   -6.729  -11.329 1.00 26.17 ? 18  GLN A NE2 1 
ATOM   145 N N   . LEU A 1 19 ? 9.394   -2.027  -9.594  1.00 14.84 ? 19  LEU A N   1 
ATOM   146 C CA  . LEU A 1 19 ? 9.552   -0.746  -8.894  1.00 15.73 ? 19  LEU A CA  1 
ATOM   147 C C   . LEU A 1 19 ? 8.332   0.142   -9.154  1.00 15.36 ? 19  LEU A C   1 
ATOM   148 O O   . LEU A 1 19 ? 7.973   0.386   -10.323 1.00 16.65 ? 19  LEU A O   1 
ATOM   149 C CB  . LEU A 1 19 ? 10.824  -0.068  -9.403  1.00 16.81 ? 19  LEU A CB  1 
ATOM   150 C CG  . LEU A 1 19 ? 12.075  -0.941  -9.407  1.00 18.81 ? 19  LEU A CG  1 
ATOM   151 C CD1 . LEU A 1 19 ? 13.275  -0.171  -10.001 1.00 21.18 ? 19  LEU A CD1 1 
ATOM   152 C CD2 . LEU A 1 19 ? 12.366  -1.448  -8.019  1.00 21.22 ? 19  LEU A CD2 1 
ATOM   153 N N   . LYS A 1 20 ? 7.817   0.734   -8.082  1.00 15.25 ? 20  LYS A N   1 
ATOM   154 C CA  . LYS A 1 20 ? 6.643   1.628   -8.090  1.00 16.01 ? 20  LYS A CA  1 
ATOM   155 C C   . LYS A 1 20 ? 6.847   2.758   -7.089  1.00 15.31 ? 20  LYS A C   1 
ATOM   156 O O   . LYS A 1 20 ? 7.754   2.691   -6.249  1.00 16.10 ? 20  LYS A O   1 
ATOM   157 C CB  . LYS A 1 20 ? 5.376   0.828   -7.791  1.00 18.01 ? 20  LYS A CB  1 
ATOM   158 C CG  . LYS A 1 20 ? 5.063   -0.216  -8.850  1.00 20.33 ? 20  LYS A CG  1 
ATOM   159 C CD  . LYS A 1 20 ? 3.928   -1.112  -8.488  1.00 23.05 ? 20  LYS A CD  1 
ATOM   160 C CE  . LYS A 1 20 ? 3.476   -1.971  -9.651  1.00 25.66 ? 20  LYS A CE  1 
ATOM   161 N NZ  . LYS A 1 20 ? 2.824   -1.116  -10.670 1.00 29.99 ? 20  LYS A NZ  1 
ATOM   162 N N   . GLU A 1 21 ? 6.046   3.800   -7.233  1.00 15.39 ? 21  GLU A N   1 
ATOM   163 C CA  . GLU A 1 21 ? 5.946   4.843   -6.195  1.00 17.78 ? 21  GLU A CA  1 
ATOM   164 C C   . GLU A 1 21 ? 4.605   4.661   -5.488  1.00 16.70 ? 21  GLU A C   1 
ATOM   165 O O   . GLU A 1 21 ? 3.620   4.278   -6.117  1.00 17.09 ? 21  GLU A O   1 
ATOM   166 C CB  . GLU A 1 21 ? 6.023   6.238   -6.788  1.00 22.12 ? 21  GLU A CB  1 
ATOM   167 C CG  . GLU A 1 21 ? 7.423   6.683   -7.077  1.00 28.59 ? 21  GLU A CG  1 
ATOM   168 C CD  . GLU A 1 21 ? 7.451   8.193   -7.221  1.00 31.30 ? 21  GLU A CD  1 
ATOM   169 O OE1 . GLU A 1 21 ? 6.345   8.807   -7.364  1.00 36.05 ? 21  GLU A OE1 1 
ATOM   170 O OE2 . GLU A 1 21 ? 8.543   8.739   -7.148  1.00 39.62 ? 21  GLU A OE2 1 
ATOM   171 N N   . ALA A 1 22 ? 4.600   4.951   -4.205  1.00 14.72 ? 22  ALA A N   1 
ATOM   172 C CA  . ALA A 1 22 ? 3.385   4.801   -3.382  1.00 15.38 ? 22  ALA A CA  1 
ATOM   173 C C   . ALA A 1 22 ? 3.366   5.876   -2.312  1.00 15.39 ? 22  ALA A C   1 
ATOM   174 O O   . ALA A 1 22 ? 4.414   6.379   -1.863  1.00 15.36 ? 22  ALA A O   1 
ATOM   175 C CB  . ALA A 1 22 ? 3.361   3.428   -2.799  1.00 16.01 ? 22  ALA A CB  1 
ATOM   176 N N   . LEU A 1 23 ? 2.153   6.170   -1.878  1.00 15.41 ? 23  LEU A N   1 
ATOM   177 C CA  . LEU A 1 23 ? 1.902   7.239   -0.903  1.00 16.93 ? 23  LEU A CA  1 
ATOM   178 C C   . LEU A 1 23 ? 1.858   6.637   0.501   1.00 17.86 ? 23  LEU A C   1 
ATOM   179 O O   . LEU A 1 23 ? 1.132   5.689   0.671   1.00 17.78 ? 23  LEU A O   1 
ATOM   180 C CB  . LEU A 1 23 ? 0.540   7.787   -1.340  1.00 18.25 ? 23  LEU A CB  1 
ATOM   181 C CG  . LEU A 1 23 ? -0.007  9.004   -0.621  1.00 21.25 ? 23  LEU A CG  1 
ATOM   182 C CD1 . LEU A 1 23 ? 0.809   10.232  -0.950  1.00 21.08 ? 23  LEU A CD1 1 
ATOM   183 C CD2 . LEU A 1 23 ? -1.452  9.217   -1.022  1.00 21.27 ? 23  LEU A CD2 1 
ATOM   184 N N   . LEU A 1 24 ? 2.663   7.154   1.429   1.00 17.00 ? 24  LEU A N   1 
ATOM   185 C CA  . LEU A 1 24 ? 2.566   6.711   2.843   1.00 16.46 ? 24  LEU A CA  1 
ATOM   186 C C   . LEU A 1 24 ? 1.266   7.322   3.369   1.00 18.36 ? 24  LEU A C   1 
ATOM   187 O O   . LEU A 1 24 ? 1.192   8.523   3.488   1.00 17.98 ? 24  LEU A O   1 
ATOM   188 C CB  . LEU A 1 24 ? 3.764   7.177   3.650   1.00 17.53 ? 24  LEU A CB  1 
ATOM   189 C CG  . LEU A 1 24 ? 5.112   6.713   3.131   1.00 18.37 ? 24  LEU A CG  1 
ATOM   190 C CD1 . LEU A 1 24 ? 6.195   7.375   3.921   1.00 18.02 ? 24  LEU A CD1 1 
ATOM   191 C CD2 . LEU A 1 24 ? 5.250   5.210   3.198   1.00 20.43 ? 24  LEU A CD2 1 
ATOM   192 N N   . ASP A 1 25 ? 0.297   6.475   3.656   1.00 15.84 ? 25  ASP A N   1 
ATOM   193 C CA  . ASP A 1 25 ? -1.055  6.988   3.934   1.00 15.16 ? 25  ASP A CA  1 
ATOM   194 C C   . ASP A 1 25 ? -1.535  6.553   5.311   1.00 15.51 ? 25  ASP A C   1 
ATOM   195 O O   . ASP A 1 25 ? -2.011  5.464   5.426   1.00 15.95 ? 25  ASP A O   1 
ATOM   196 C CB  . ASP A 1 25 ? -1.971  6.523   2.808   1.00 15.33 ? 25  ASP A CB  1 
ATOM   197 C CG  . ASP A 1 25 ? -3.352  7.131   2.830   1.00 16.36 ? 25  ASP A CG  1 
ATOM   198 O OD1 . ASP A 1 25 ? -3.646  7.836   3.763   1.00 17.19 ? 25  ASP A OD1 1 
ATOM   199 O OD2 . ASP A 1 25 ? -4.058  6.902   1.922   1.00 16.69 ? 25  ASP A OD2 1 
ATOM   200 N N   . THR A 1 26 ? -1.524  7.469   6.277   1.00 14.49 ? 26  THR A N   1 
ATOM   201 C CA  . THR A 1 26 ? -1.971  7.137   7.656   1.00 13.71 ? 26  THR A CA  1 
ATOM   202 C C   . THR A 1 26 ? -3.501  6.977   7.731   1.00 15.38 ? 26  THR A C   1 
ATOM   203 O O   . THR A 1 26 ? -3.971  6.436   8.687   1.00 14.59 ? 26  THR A O   1 
ATOM   204 C CB  . THR A 1 26 ? -1.456  8.164   8.671   1.00 13.89 ? 26  THR A CB  1 
ATOM   205 O OG1 . THR A 1 26 ? -1.934  9.432   8.250   1.00 13.20 ? 26  THR A OG1 1 
ATOM   206 C CG2 . THR A 1 26 ? 0.053   8.206   8.785   1.00 13.77 ? 26  THR A CG2 1 
ATOM   207 N N   . GLY A 1 27 ? -4.237  7.460   6.741   1.00 14.21 ? 27  GLY A N   1 
ATOM   208 C CA  . GLY A 1 27 ? -5.699  7.335   6.687   1.00 14.93 ? 27  GLY A CA  1 
ATOM   209 C C   . GLY A 1 27 ? -6.149  6.046   6.023   1.00 14.62 ? 27  GLY A C   1 
ATOM   210 O O   . GLY A 1 27 ? -7.318  5.854   5.915   1.00 17.66 ? 27  GLY A O   1 
ATOM   211 N N   . ALA A 1 28 ? -5.209  5.203   5.623   1.00 13.37 ? 28  ALA A N   1 
ATOM   212 C CA  . ALA A 1 28 ? -5.515  3.915   4.976   1.00 14.24 ? 28  ALA A CA  1 
ATOM   213 C C   . ALA A 1 28 ? -5.223  2.785   5.964   1.00 14.10 ? 28  ALA A C   1 
ATOM   214 O O   . ALA A 1 28 ? -4.130  2.689   6.413   1.00 16.16 ? 28  ALA A O   1 
ATOM   215 C CB  . ALA A 1 28 ? -4.686  3.761   3.720   1.00 14.48 ? 28  ALA A CB  1 
ATOM   216 N N   . ASP A 1 29 ? -6.225  1.962   6.250   1.00 16.90 ? 29  ASP A N   1 
ATOM   217 C CA  . ASP A 1 29 ? -5.996  0.827   7.170   1.00 16.94 ? 29  ASP A CA  1 
ATOM   218 C C   . ASP A 1 29 ? -5.154  -0.218  6.444   1.00 16.06 ? 29  ASP A C   1 
ATOM   219 O O   . ASP A 1 29 ? -4.264  -0.765  7.039   1.00 16.01 ? 29  ASP A O   1 
ATOM   220 C CB  . ASP A 1 29 ? -7.308  0.141   7.528   1.00 17.68 ? 29  ASP A CB  1 
ATOM   221 C CG  . ASP A 1 29 ? -8.269  1.018   8.299   1.00 22.47 ? 29  ASP A CG  1 
ATOM   222 O OD1 . ASP A 1 29 ? -7.827  1.903   8.952   1.00 22.85 ? 29  ASP A OD1 1 
ATOM   223 O OD2 . ASP A 1 29 ? -9.443  0.760   8.234   1.00 28.67 ? 29  ASP A OD2 1 
ATOM   224 N N   . ASP A 1 30 ? -5.482  -0.405  5.173   1.00 16.32 ? 30  ASP A N   1 
ATOM   225 C CA  . ASP A 1 30 ? -4.869  -1.446  4.316   1.00 17.68 ? 30  ASP A CA  1 
ATOM   226 C C   . ASP A 1 30 ? -4.070  -0.828  3.152   1.00 17.45 ? 30  ASP A C   1 
ATOM   227 O O   . ASP A 1 30 ? -4.212  0.326   2.885   1.00 17.45 ? 30  ASP A O   1 
ATOM   228 C CB  . ASP A 1 30 ? -5.965  -2.386  3.825   1.00 19.92 ? 30  ASP A CB  1 
ATOM   229 C CG  . ASP A 1 30 ? -6.755  -2.998  4.976   1.00 20.30 ? 30  ASP A CG  1 
ATOM   230 O OD1 . ASP A 1 30 ? -6.167  -3.442  5.915   1.00 28.55 ? 30  ASP A OD1 1 
ATOM   231 O OD2 . ASP A 1 30 ? -7.903  -3.002  4.899   1.00 27.93 ? 30  ASP A OD2 1 
ATOM   232 N N   . THR A 1 31 ? -3.256  -1.656  2.515   1.00 17.60 ? 31  THR A N   1 
ATOM   233 C CA  . THR A 1 31 ? -2.380  -1.247  1.397   1.00 17.63 ? 31  THR A CA  1 
ATOM   234 C C   . THR A 1 31 ? -3.097  -1.590  0.089   1.00 19.19 ? 31  THR A C   1 
ATOM   235 O O   . THR A 1 31 ? -3.533  -2.752  -0.047  1.00 18.41 ? 31  THR A O   1 
ATOM   236 C CB  . THR A 1 31 ? -1.025  -1.921  1.569   1.00 18.38 ? 31  THR A CB  1 
ATOM   237 O OG1 . THR A 1 31 ? -0.411  -1.372  2.737   1.00 17.38 ? 31  THR A OG1 1 
ATOM   238 C CG2 . THR A 1 31 ? -0.144  -1.746  0.347   1.00 17.38 ? 31  THR A CG2 1 
ATOM   239 N N   . VAL A 1 32 ? -3.277  -0.607  -0.775  1.00 19.54 ? 32  VAL A N   1 
ATOM   240 C CA  . VAL A 1 32 ? -4.044  -0.748  -2.042  1.00 20.57 ? 32  VAL A CA  1 
ATOM   241 C C   . VAL A 1 32 ? -3.138  -0.291  -3.189  1.00 19.29 ? 32  VAL A C   1 
ATOM   242 O O   . VAL A 1 32 ? -2.800  0.904   -3.258  1.00 19.17 ? 32  VAL A O   1 
ATOM   243 C CB  . VAL A 1 32 ? -5.362  0.060   -2.044  1.00 21.35 ? 32  VAL A CB  1 
ATOM   244 C CG1 . VAL A 1 32 ? -6.249  -0.373  -3.200  1.00 25.62 ? 32  VAL A CG1 1 
ATOM   245 C CG2 . VAL A 1 32 ? -6.128  -0.073  -0.737  1.00 24.93 ? 32  VAL A CG2 1 
ATOM   246 N N   . LEU A 1 33 ? -2.840  -1.203  -4.120  1.00 19.03 ? 33  LEU A N   1 
ATOM   247 C CA  . LEU A 1 33 ? -2.014  -0.884  -5.288  1.00 20.58 ? 33  LEU A CA  1 
ATOM   248 C C   . LEU A 1 33 ? -2.835  -0.960  -6.564  1.00 22.98 ? 33  LEU A C   1 
ATOM   249 O O   . LEU A 1 33 ? -3.769  -1.802  -6.631  1.00 20.67 ? 33  LEU A O   1 
ATOM   250 C CB  . LEU A 1 33 ? -0.864  -1.879  -5.345  1.00 21.63 ? 33  LEU A CB  1 
ATOM   251 C CG  . LEU A 1 33 ? 0.057   -1.894  -4.126  1.00 24.03 ? 33  LEU A CG  1 
ATOM   252 C CD1 . LEU A 1 33 ? 1.227   -2.802  -4.430  1.00 25.96 ? 33  LEU A CD1 1 
ATOM   253 C CD2 . LEU A 1 33 ? 0.541   -0.494  -3.772  1.00 23.36 ? 33  LEU A CD2 1 
ATOM   254 N N   . GLU A 1 34 ? -2.492  -0.087  -7.506  1.00 22.52 ? 34  GLU A N   1 
ATOM   255 C CA  . GLU A 1 34 ? -3.076  -0.065  -8.872  1.00 26.52 ? 34  GLU A CA  1 
ATOM   256 C C   . GLU A 1 34 ? -2.871  -1.439  -9.516  1.00 26.99 ? 34  GLU A C   1 
ATOM   257 O O   . GLU A 1 34 ? -1.971  -2.203  -9.097  1.00 23.94 ? 34  GLU A O   1 
ATOM   258 C CB  . GLU A 1 34 ? -2.438  1.029   -9.730  1.00 28.11 ? 34  GLU A CB  1 
ATOM   259 C CG  . GLU A 1 34 ? -2.729  2.465   -9.295  1.00 30.63 ? 34  GLU A CG  1 
ATOM   260 C CD  . GLU A 1 34 ? -2.419  3.507   -10.376 1.00 37.18 ? 34  GLU A CD  1 
ATOM   261 O OE1 . GLU A 1 34 ? -1.357  4.127   -10.289 1.00 35.75 ? 34  GLU A OE1 1 
ATOM   262 O OE2 . GLU A 1 34 ? -3.257  3.723   -11.289 1.00 29.94 ? 34  GLU A OE2 1 
ATOM   263 N N   . GLU A 1 35 ? -3.701  -1.762  -10.508 1.00 29.00 ? 35  GLU A N   1 
ATOM   264 C CA  . GLU A 1 35 ? -3.570  -3.035  -11.243 1.00 30.26 ? 35  GLU A CA  1 
ATOM   265 C C   . GLU A 1 35 ? -2.093  -3.281  -11.564 1.00 27.52 ? 35  GLU A C   1 
ATOM   266 O O   . GLU A 1 35 ? -1.400  -2.401  -12.117 1.00 30.29 ? 35  GLU A O   1 
ATOM   267 C CB  . GLU A 1 35 ? -4.386  -3.075  -12.537 1.00 34.40 ? 35  GLU A CB  1 
ATOM   268 C CG  . GLU A 1 35 ? -4.465  -4.484  -13.132 1.00 35.32 ? 35  GLU A CG  1 
ATOM   269 C CD  . GLU A 1 35 ? -5.047  -5.490  -12.152 1.00 35.64 ? 35  GLU A CD  1 
ATOM   270 O OE1 . GLU A 1 35 ? -4.379  -6.498  -11.865 1.00 39.93 ? 35  GLU A OE1 1 
ATOM   271 O OE2 . GLU A 1 35 ? -6.132  -5.205  -11.593 1.00 36.00 ? 35  GLU A OE2 1 
ATOM   272 N N   . MET A 1 36 ? -1.644  -4.444  -11.159 1.00 27.24 ? 36  MET A N   1 
ATOM   273 C CA  . MET A 1 36 ? -0.287  -4.927  -11.442 1.00 31.22 ? 36  MET A CA  1 
ATOM   274 C C   . MET A 1 36 ? -0.351  -6.448  -11.435 1.00 32.12 ? 36  MET A C   1 
ATOM   275 O O   . MET A 1 36 ? -1.350  -7.019  -10.936 1.00 33.05 ? 36  MET A O   1 
ATOM   276 C CB  . MET A 1 36 ? 0.695   -4.471  -10.360 1.00 29.61 ? 36  MET A CB  1 
ATOM   277 C CG  . MET A 1 36 ? 0.453   -5.186  -9.037  1.00 31.32 ? 36  MET A CG  1 
ATOM   278 S SD  . MET A 1 36 ? 1.676   -4.752  -7.793  1.00 30.87 ? 36  MET A SD  1 
ATOM   279 C CE  . MET A 1 36 ? 3.091   -5.651  -8.436  1.00 32.97 ? 36  MET A CE  1 
ATOM   280 N N   . ASN A 1 37 ? 0.709   -7.060  -11.953 1.00 37.29 ? 37  ASN A N   1 
ATOM   281 C CA  . ASN A 1 37 ? 0.857   -8.526  -12.089 1.00 38.08 ? 37  ASN A CA  1 
ATOM   282 C C   . ASN A 1 37 ? 1.528   -9.063  -10.816 1.00 33.37 ? 37  ASN A C   1 
ATOM   283 O O   . ASN A 1 37 ? 2.755   -8.798  -10.635 1.00 34.00 ? 37  ASN A O   1 
ATOM   284 C CB  . ASN A 1 37 ? 1.653   -8.847  -13.360 1.00 42.11 ? 37  ASN A CB  1 
ATOM   285 C CG  . ASN A 1 37 ? 1.948   -10.323 -13.518 1.00 48.83 ? 37  ASN A CG  1 
ATOM   286 O OD1 . ASN A 1 37 ? 1.271   -11.162 -12.919 1.00 51.64 ? 37  ASN A OD1 1 
ATOM   287 N ND2 . ASN A 1 37 ? 2.948   -10.650 -14.327 1.00 51.94 ? 37  ASN A ND2 1 
ATOM   288 N N   . LEU A 1 38 ? 0.760   -9.754  -9.960  1.00 32.09 ? 38  LEU A N   1 
ATOM   289 C CA  . LEU A 1 38 ? 1.266   -10.460 -8.755  1.00 32.23 ? 38  LEU A CA  1 
ATOM   290 C C   . LEU A 1 38 ? 1.005   -11.951 -8.934  1.00 37.65 ? 38  LEU A C   1 
ATOM   291 O O   . LEU A 1 38 ? -0.033  -12.337 -9.462  1.00 40.56 ? 38  LEU A O   1 
ATOM   292 C CB  . LEU A 1 38 ? 0.569   -9.953  -7.493  1.00 35.55 ? 38  LEU A CB  1 
ATOM   293 C CG  . LEU A 1 38 ? 1.091   -8.639  -6.916  1.00 35.33 ? 38  LEU A CG  1 
ATOM   294 C CD1 . LEU A 1 38 ? 0.465   -8.386  -5.554  1.00 35.61 ? 38  LEU A CD1 1 
ATOM   295 C CD2 . LEU A 1 38 ? 2.614   -8.634  -6.813  1.00 35.33 ? 38  LEU A CD2 1 
ATOM   296 N N   . PRO A 1 39 ? 1.948   -12.817 -8.517  1.00 35.05 ? 39  PRO A N   1 
ATOM   297 C CA  . PRO A 1 39 ? 1.761   -14.261 -8.632  1.00 40.40 ? 39  PRO A CA  1 
ATOM   298 C C   . PRO A 1 39 ? 0.869   -14.833 -7.522  1.00 42.66 ? 39  PRO A C   1 
ATOM   299 O O   . PRO A 1 39 ? 0.863   -14.274 -6.433  1.00 41.54 ? 39  PRO A O   1 
ATOM   300 C CB  . PRO A 1 39 ? 3.192   -14.781 -8.454  1.00 38.56 ? 39  PRO A CB  1 
ATOM   301 C CG  . PRO A 1 39 ? 3.802   -13.807 -7.479  1.00 38.18 ? 39  PRO A CG  1 
ATOM   302 C CD  . PRO A 1 39 ? 3.223   -12.463 -7.880  1.00 36.73 ? 39  PRO A CD  1 
ATOM   303 N N   . GLY A 1 40 ? 0.183   -15.944 -7.809  1.00 43.06 ? 40  GLY A N   1 
ATOM   304 C CA  . GLY A 1 40 ? -0.393  -16.838 -6.784  1.00 39.89 ? 40  GLY A CA  1 
ATOM   305 C C   . GLY A 1 40 ? -1.871  -16.583 -6.503  1.00 42.83 ? 40  GLY A C   1 
ATOM   306 O O   . GLY A 1 40 ? -2.517  -15.833 -7.284  1.00 39.23 ? 40  GLY A O   1 
ATOM   307 N N   . ARG A 1 41 ? -2.369  -17.207 -5.436  1.00 39.92 ? 41  ARG A N   1 
ATOM   308 C CA  . ARG A 1 41 ? -3.793  -17.191 -5.038  1.00 44.08 ? 41  ARG A CA  1 
ATOM   309 C C   . ARG A 1 41 ? -4.181  -15.798 -4.542  1.00 40.68 ? 41  ARG A C   1 
ATOM   310 O O   . ARG A 1 41 ? -3.345  -15.137 -3.986  1.00 39.17 ? 41  ARG A O   1 
ATOM   311 C CB  . ARG A 1 41 ? -4.001  -18.152 -3.869  1.00 48.56 ? 41  ARG A CB  1 
ATOM   312 C CG  . ARG A 1 41 ? -3.761  -19.619 -4.182  1.00 60.99 ? 41  ARG A CG  1 
ATOM   313 C CD  . ARG A 1 41 ? -4.877  -20.326 -4.938  1.00 65.62 ? 41  ARG A CD  1 
ATOM   314 N NE  . ARG A 1 41 ? -4.543  -21.537 -5.690  1.00 71.14 ? 41  ARG A NE  1 
ATOM   315 C CZ  . ARG A 1 41 ? -3.539  -21.693 -6.560  1.00 74.40 ? 41  ARG A CZ  1 
ATOM   316 N NH1 . ARG A 1 41 ? -2.677  -20.720 -6.803  1.00 76.88 ? 41  ARG A NH1 1 
ATOM   317 N NH2 . ARG A 1 41 ? -3.374  -22.854 -7.159  1.00 71.59 ? 41  ARG A NH2 1 
ATOM   318 N N   . TRP A 1 42 ? -5.444  -15.450 -4.717  1.00 40.64 ? 42  TRP A N   1 
ATOM   319 C CA  . TRP A 1 42 ? -6.020  -14.163 -4.260  1.00 38.75 ? 42  TRP A CA  1 
ATOM   320 C C   . TRP A 1 42 ? -7.511  -14.352 -4.011  1.00 43.26 ? 42  TRP A C   1 
ATOM   321 O O   . TRP A 1 42 ? -8.079  -15.268 -4.602  1.00 40.98 ? 42  TRP A O   1 
ATOM   322 C CB  . TRP A 1 42 ? -5.743  -13.097 -5.295  1.00 42.51 ? 42  TRP A CB  1 
ATOM   323 C CG  . TRP A 1 42 ? -6.360  -13.370 -6.622  1.00 44.71 ? 42  TRP A CG  1 
ATOM   324 C CD1 . TRP A 1 42 ? -5.745  -13.845 -7.739  1.00 46.26 ? 42  TRP A CD1 1 
ATOM   325 C CD2 . TRP A 1 42 ? -7.719  -13.126 -6.986  1.00 48.92 ? 42  TRP A CD2 1 
ATOM   326 N NE1 . TRP A 1 42 ? -6.624  -13.893 -8.781  1.00 47.52 ? 42  TRP A NE1 1 
ATOM   327 C CE2 . TRP A 1 42 ? -7.846  -13.465 -8.349  1.00 47.16 ? 42  TRP A CE2 1 
ATOM   328 C CE3 . TRP A 1 42 ? -8.825  -12.618 -6.303  1.00 48.16 ? 42  TRP A CE3 1 
ATOM   329 C CZ2 . TRP A 1 42 ? -9.054  -13.361 -9.030  1.00 47.56 ? 42  TRP A CZ2 1 
ATOM   330 C CZ3 . TRP A 1 42 ? -10.015 -12.510 -6.979  1.00 47.83 ? 42  TRP A CZ3 1 
ATOM   331 C CH2 . TRP A 1 42 ? -10.128 -12.887 -8.312  1.00 48.98 ? 42  TRP A CH2 1 
ATOM   332 N N   . LYS A 1 43 ? -8.087  -13.523 -3.143  1.00 40.16 ? 43  LYS A N   1 
ATOM   333 C CA  . LYS A 1 43 ? -9.515  -13.606 -2.728  1.00 41.23 ? 43  LYS A CA  1 
ATOM   334 C C   . LYS A 1 43 ? -10.205 -12.284 -3.056  1.00 44.46 ? 43  LYS A C   1 
ATOM   335 O O   . LYS A 1 43 ? -9.568  -11.240 -2.873  1.00 41.97 ? 43  LYS A O   1 
ATOM   336 C CB  . LYS A 1 43 ? -9.629  -13.766 -1.215  1.00 39.73 ? 43  LYS A CB  1 
ATOM   337 C CG  . LYS A 1 43 ? -9.457  -15.158 -0.633  1.00 46.83 ? 43  LYS A CG  1 
ATOM   338 C CD  . LYS A 1 43 ? -9.020  -15.182 0.827   1.00 45.40 ? 43  LYS A CD  1 
ATOM   339 C CE  . LYS A 1 43 ? -8.607  -16.539 1.364   1.00 48.37 ? 43  LYS A CE  1 
ATOM   340 N NZ  . LYS A 1 43 ? -9.571  -17.627 1.061   1.00 50.95 ? 43  LYS A NZ  1 
ATOM   341 N N   . PRO A 1 44 ? -11.434 -12.294 -3.611  1.00 43.84 ? 44  PRO A N   1 
ATOM   342 C CA  . PRO A 1 44 ? -12.192 -11.075 -3.898  1.00 45.12 ? 44  PRO A CA  1 
ATOM   343 C C   . PRO A 1 44 ? -12.520 -10.303 -2.611  1.00 44.64 ? 44  PRO A C   1 
ATOM   344 O O   . PRO A 1 44 ? -12.850 -10.909 -1.615  1.00 45.24 ? 44  PRO A O   1 
ATOM   345 C CB  . PRO A 1 44 ? -13.492 -11.554 -4.560  1.00 44.21 ? 44  PRO A CB  1 
ATOM   346 C CG  . PRO A 1 44 ? -13.229 -12.979 -4.968  1.00 41.95 ? 44  PRO A CG  1 
ATOM   347 C CD  . PRO A 1 44 ? -12.168 -13.504 -4.025  1.00 42.12 ? 44  PRO A CD  1 
ATOM   348 N N   . LYS A 1 45 ? -12.372 -8.982  -2.676  1.00 40.30 ? 45  LYS A N   1 
ATOM   349 C CA  . LYS A 1 45 ? -12.676 -8.094  -1.532  1.00 38.76 ? 45  LYS A CA  1 
ATOM   350 C C   . LYS A 1 45 ? -13.263 -6.801  -2.082  1.00 36.26 ? 45  LYS A C   1 
ATOM   351 O O   . LYS A 1 45 ? -12.988 -6.468  -3.194  1.00 34.06 ? 45  LYS A O   1 
ATOM   352 C CB  . LYS A 1 45 ? -11.411 -7.743  -0.752  1.00 40.30 ? 45  LYS A CB  1 
ATOM   353 C CG  . LYS A 1 45 ? -11.561 -7.609  0.751   1.00 42.94 ? 45  LYS A CG  1 
ATOM   354 C CD  . LYS A 1 45 ? -10.391 -6.911  1.403   1.00 45.17 ? 45  LYS A CD  1 
ATOM   355 C CE  . LYS A 1 45 ? -10.392 -7.057  2.900   1.00 49.82 ? 45  LYS A CE  1 
ATOM   356 N NZ  . LYS A 1 45 ? -9.622  -5.970  3.552   1.00 52.90 ? 45  LYS A NZ  1 
ATOM   357 N N   . MET A 1 46 ? -14.095 -6.148  -1.294  1.00 40.41 ? 46  MET A N   1 
ATOM   358 C CA  . MET A 1 46 ? -14.638 -4.828  -1.674  1.00 38.63 ? 46  MET A CA  1 
ATOM   359 C C   . MET A 1 46 ? -14.244 -3.881  -0.556  1.00 36.41 ? 46  MET A C   1 
ATOM   360 O O   . MET A 1 46 ? -14.404 -4.261  0.580   1.00 39.01 ? 46  MET A O   1 
ATOM   361 C CB  . MET A 1 46 ? -16.152 -4.854  -1.849  1.00 45.68 ? 46  MET A CB  1 
ATOM   362 C CG  . MET A 1 46 ? -16.540 -5.379  -3.196  1.00 55.36 ? 46  MET A CG  1 
ATOM   363 S SD  . MET A 1 46 ? -18.228 -5.068  -3.511  1.00 60.97 ? 46  MET A SD  1 
ATOM   364 C CE  . MET A 1 46 ? -18.047 -3.495  -4.340  1.00 59.43 ? 46  MET A CE  1 
ATOM   365 N N   . ILE A 1 47 ? -13.667 -2.736  -0.899  1.00 31.32 ? 47  ILE A N   1 
ATOM   366 C CA  . ILE A 1 47 ? -13.215 -1.724  0.091   1.00 27.75 ? 47  ILE A CA  1 
ATOM   367 C C   . ILE A 1 47 ? -13.851 -0.383  -0.252  1.00 25.52 ? 47  ILE A C   1 
ATOM   368 O O   . ILE A 1 47 ? -14.180 -0.133  -1.442  1.00 25.94 ? 47  ILE A O   1 
ATOM   369 C CB  . ILE A 1 47 ? -11.686 -1.633  0.154   1.00 28.76 ? 47  ILE A CB  1 
ATOM   370 C CG1 . ILE A 1 47 ? -11.098 -1.154  -1.174  1.00 26.50 ? 47  ILE A CG1 1 
ATOM   371 C CG2 . ILE A 1 47 ? -11.090 -2.957  0.616   1.00 30.53 ? 47  ILE A CG2 1 
ATOM   372 C CD1 . ILE A 1 47 ? -9.618  -0.921  -1.125  1.00 27.07 ? 47  ILE A CD1 1 
ATOM   373 N N   . GLY A 1 48 ? -14.099 0.420   0.770   1.00 22.86 ? 48  GLY A N   1 
ATOM   374 C CA  . GLY A 1 48 ? -14.789 1.688   0.533   1.00 22.60 ? 48  GLY A CA  1 
ATOM   375 C C   . GLY A 1 48 ? -13.910 2.889   0.786   1.00 20.80 ? 48  GLY A C   1 
ATOM   376 O O   . GLY A 1 48 ? -13.076 2.830   1.633   1.00 20.53 ? 48  GLY A O   1 
ATOM   377 N N   . GLY A 1 49 ? -14.195 3.970   0.087   1.00 22.56 ? 49  GLY A N   1 
ATOM   378 C CA  . GLY A 1 49 ? -13.448 5.211   0.276   1.00 21.97 ? 49  GLY A CA  1 
ATOM   379 C C   . GLY A 1 49 ? -14.335 6.406   0.066   1.00 21.66 ? 49  GLY A C   1 
ATOM   380 O O   . GLY A 1 49 ? -15.536 6.255   0.057   1.00 21.83 ? 49  GLY A O   1 
ATOM   381 N N   . ILE A 1 50 ? -13.719 7.530   -0.229  1.00 22.32 ? 50  ILE A N   1 
ATOM   382 C CA  . ILE A 1 50 ? -14.492 8.787   -0.378  1.00 23.21 ? 50  ILE A CA  1 
ATOM   383 C C   . ILE A 1 50 ? -15.681 8.738   -1.340  1.00 24.37 ? 50  ILE A C   1 
ATOM   384 O O   . ILE A 1 50 ? -16.757 9.236   -0.921  1.00 26.03 ? 50  ILE A O   1 
ATOM   385 C CB  . ILE A 1 50 ? -13.577 10.003  -0.531  1.00 22.31 ? 50  ILE A CB  1 
ATOM   386 C CG1 . ILE A 1 50 ? -13.748 10.891  0.688   1.00 23.74 ? 50  ILE A CG1 1 
ATOM   387 C CG2 . ILE A 1 50 ? -13.866 10.804  -1.777  1.00 23.13 ? 50  ILE A CG2 1 
ATOM   388 C CD1 . ILE A 1 50 ? -12.804 12.024  0.706   1.00 23.14 ? 50  ILE A CD1 1 
ATOM   389 N N   . GLY A 1 51 ? -15.543 8.132   -2.503  1.00 24.99 ? 51  GLY A N   1 
ATOM   390 C CA  . GLY A 1 51 ? -16.630 8.207   -3.492  1.00 22.44 ? 51  GLY A CA  1 
ATOM   391 C C   . GLY A 1 51 ? -17.387 6.911   -3.695  1.00 23.71 ? 51  GLY A C   1 
ATOM   392 O O   . GLY A 1 51 ? -18.167 6.847   -4.611  1.00 26.00 ? 51  GLY A O   1 
ATOM   393 N N   . GLY A 1 52 ? -17.144 5.919   -2.862  1.00 21.45 ? 52  GLY A N   1 
ATOM   394 C CA  . GLY A 1 52 ? -17.906 4.675   -2.988  1.00 24.27 ? 52  GLY A CA  1 
ATOM   395 C C   . GLY A 1 52 ? -17.069 3.455   -2.695  1.00 25.98 ? 52  GLY A C   1 
ATOM   396 O O   . GLY A 1 52 ? -16.034 3.621   -2.101  1.00 28.89 ? 52  GLY A O   1 
ATOM   397 N N   A PHE A 1 53 ? -17.276 2.426   -3.504  0.52 25.92 ? 53  PHE A N   1 
ATOM   398 N N   B PHE A 1 53 ? -17.221 2.405   -3.472  0.48 26.28 ? 53  PHE A N   1 
ATOM   399 C CA  A PHE A 1 53 ? -16.577 1.144   -3.280  0.52 27.91 ? 53  PHE A CA  1 
ATOM   400 C CA  B PHE A 1 53 ? -16.443 1.172   -3.224  0.48 28.43 ? 53  PHE A CA  1 
ATOM   401 C C   A PHE A 1 53 ? -15.972 0.592   -4.573  0.52 27.52 ? 53  PHE A C   1 
ATOM   402 C C   B PHE A 1 53 ? -15.758 0.707   -4.511  0.48 27.67 ? 53  PHE A C   1 
ATOM   403 O O   A PHE A 1 53 ? -16.247 1.126   -5.622  0.52 27.35 ? 53  PHE A O   1 
ATOM   404 O O   B PHE A 1 53 ? -16.242 0.987   -5.589  0.48 27.30 ? 53  PHE A O   1 
ATOM   405 C CB  A PHE A 1 53 ? -17.560 0.104   -2.738  0.52 28.77 ? 53  PHE A CB  1 
ATOM   406 C CB  B PHE A 1 53 ? -17.375 0.087   -2.688  0.48 29.48 ? 53  PHE A CB  1 
ATOM   407 C CG  A PHE A 1 53 ? -17.888 0.239   -1.272  0.52 28.58 ? 53  PHE A CG  1 
ATOM   408 C CG  B PHE A 1 53 ? -18.391 -0.405  -3.682  0.48 31.87 ? 53  PHE A CG  1 
ATOM   409 C CD1 A PHE A 1 53 ? -17.310 -0.604  -0.333  0.52 32.01 ? 53  PHE A CD1 1 
ATOM   410 C CD1 B PHE A 1 53 ? -18.128 -1.506  -4.481  0.48 32.83 ? 53  PHE A CD1 1 
ATOM   411 C CD2 A PHE A 1 53 ? -18.783 1.193   -0.822  0.52 34.33 ? 53  PHE A CD2 1 
ATOM   412 C CD2 B PHE A 1 53 ? -19.614 0.228   -3.827  0.48 31.31 ? 53  PHE A CD2 1 
ATOM   413 C CE1 A PHE A 1 53 ? -17.602 -0.486  1.017   0.52 31.76 ? 53  PHE A CE1 1 
ATOM   414 C CE1 B PHE A 1 53 ? -19.069 -1.959  -5.393  0.48 33.70 ? 53  PHE A CE1 1 
ATOM   415 C CE2 A PHE A 1 53 ? -19.086 1.300   0.526   0.52 36.42 ? 53  PHE A CE2 1 
ATOM   416 C CE2 B PHE A 1 53 ? -20.555 -0.236  -4.734  0.48 32.15 ? 53  PHE A CE2 1 
ATOM   417 C CZ  A PHE A 1 53 ? -18.489 0.464   1.442   0.52 38.68 ? 53  PHE A CZ  1 
ATOM   418 C CZ  B PHE A 1 53 ? -20.282 -1.330  -5.514  0.48 32.11 ? 53  PHE A CZ  1 
ATOM   419 N N   . ILE A 1 54 ? -14.822 -0.014  -4.371  1.00 26.99 ? 54  ILE A N   1 
ATOM   420 C CA  . ILE A 1 54 ? -14.087 -0.789  -5.421  1.00 29.12 ? 54  ILE A CA  1 
ATOM   421 C C   . ILE A 1 54 ? -13.884 -2.260  -5.041  1.00 27.31 ? 54  ILE A C   1 
ATOM   422 O O   . ILE A 1 54 ? -13.740 -2.571  -3.880  1.00 26.15 ? 54  ILE A O   1 
ATOM   423 C CB  . ILE A 1 54 ? -12.727 -0.156  -5.805  1.00 26.29 ? 54  ILE A CB  1 
ATOM   424 C CG1 . ILE A 1 54 ? -11.704 -0.170  -4.667  1.00 27.87 ? 54  ILE A CG1 1 
ATOM   425 C CG2 . ILE A 1 54 ? -12.912 1.208   -6.420  1.00 26.97 ? 54  ILE A CG2 1 
ATOM   426 C CD1 . ILE A 1 54 ? -10.273 -0.042  -5.094  1.00 26.22 ? 54  ILE A CD1 1 
ATOM   427 N N   . LYS A 1 55 ? -13.756 -3.094  -6.065  1.00 30.42 ? 55  LYS A N   1 
ATOM   428 C CA  . LYS A 1 55 ? -13.457 -4.529  -5.940  1.00 33.23 ? 55  LYS A CA  1 
ATOM   429 C C   . LYS A 1 55 ? -11.939 -4.659  -6.073  1.00 26.19 ? 55  LYS A C   1 
ATOM   430 O O   . LYS A 1 55 ? -11.369 -4.023  -6.929  1.00 28.78 ? 55  LYS A O   1 
ATOM   431 C CB  . LYS A 1 55 ? -14.199 -5.335  -7.005  1.00 38.13 ? 55  LYS A CB  1 
ATOM   432 C CG  . LYS A 1 55 ? -15.702 -5.382  -6.808  1.00 47.11 ? 55  LYS A CG  1 
ATOM   433 C CD  . LYS A 1 55 ? -16.519 -6.049  -7.909  1.00 53.18 ? 55  LYS A CD  1 
ATOM   434 C CE  . LYS A 1 55 ? -16.223 -7.538  -8.042  1.00 57.47 ? 55  LYS A CE  1 
ATOM   435 N NZ  . LYS A 1 55 ? -17.094 -8.218  -9.027  1.00 60.68 ? 55  LYS A NZ  1 
ATOM   436 N N   . VAL A 1 56 ? -11.363 -5.346  -5.239  1.00 26.98 ? 56  VAL A N   1 
ATOM   437 C CA  . VAL A 1 56 ? -9.889  -5.585  -5.221  1.00 28.01 ? 56  VAL A CA  1 
ATOM   438 C C   . VAL A 1 56 ? -9.606  -7.081  -5.120  1.00 30.04 ? 56  VAL A C   1 
ATOM   439 O O   . VAL A 1 56 ? -10.486 -7.874  -4.663  1.00 30.97 ? 56  VAL A O   1 
ATOM   440 C CB  . VAL A 1 56 ? -9.198  -4.821  -4.077  1.00 26.72 ? 56  VAL A CB  1 
ATOM   441 C CG1 . VAL A 1 56 ? -9.344  -3.315  -4.234  1.00 27.64 ? 56  VAL A CG1 1 
ATOM   442 C CG2 . VAL A 1 56 ? -9.677  -5.280  -2.711  1.00 28.13 ? 56  VAL A CG2 1 
ATOM   443 N N   . ARG A 1 57 ? -8.386  -7.455  -5.498  1.00 26.76 ? 57  ARG A N   1 
ATOM   444 C CA  . ARG A 1 57 ? -7.863  -8.810  -5.226  1.00 28.62 ? 57  ARG A CA  1 
ATOM   445 C C   . ARG A 1 57 ? -7.025  -8.744  -3.957  1.00 26.60 ? 57  ARG A C   1 
ATOM   446 O O   . ARG A 1 57 ? -6.061  -7.940  -3.911  1.00 27.53 ? 57  ARG A O   1 
ATOM   447 C CB  . ARG A 1 57 ? -7.057  -9.299  -6.428  1.00 29.64 ? 57  ARG A CB  1 
ATOM   448 C CG  . ARG A 1 57 ? -7.827  -9.228  -7.736  1.00 32.13 ? 57  ARG A CG  1 
ATOM   449 C CD  . ARG A 1 57 ? -7.192  -10.090 -8.809  1.00 33.56 ? 57  ARG A CD  1 
ATOM   450 N NE  . ARG A 1 57 ? -5.790  -9.755  -9.017  1.00 33.74 ? 57  ARG A NE  1 
ATOM   451 C CZ  . ARG A 1 57 ? -5.354  -8.744  -9.765  1.00 34.50 ? 57  ARG A CZ  1 
ATOM   452 N NH1 . ARG A 1 57 ? -6.209  -7.937  -10.377 1.00 36.57 ? 57  ARG A NH1 1 
ATOM   453 N NH2 . ARG A 1 57 ? -4.054  -8.529  -9.885  1.00 36.15 ? 57  ARG A NH2 1 
ATOM   454 N N   . GLN A 1 58 ? -7.311  -9.593  -2.990  1.00 27.21 ? 58  GLN A N   1 
ATOM   455 C CA  . GLN A 1 58 ? -6.541  -9.641  -1.746  1.00 27.13 ? 58  GLN A CA  1 
ATOM   456 C C   . GLN A 1 58 ? -5.446  -10.698 -1.887  1.00 30.50 ? 58  GLN A C   1 
ATOM   457 O O   . GLN A 1 58 ? -5.784  -11.894 -2.079  1.00 30.97 ? 58  GLN A O   1 
ATOM   458 C CB  . GLN A 1 58 ? -7.430  -9.898  -0.550  1.00 27.67 ? 58  GLN A CB  1 
ATOM   459 C CG  . GLN A 1 58 ? -6.635  -10.089 0.719   1.00 27.06 ? 58  GLN A CG  1 
ATOM   460 C CD  . GLN A 1 58 ? -7.502  -10.181 1.938   1.00 27.75 ? 58  GLN A CD  1 
ATOM   461 O OE1 . GLN A 1 58 ? -8.639  -9.710  1.934   1.00 35.59 ? 58  GLN A OE1 1 
ATOM   462 N NE2 . GLN A 1 58 ? -6.953  -10.748 2.998   1.00 29.10 ? 58  GLN A NE2 1 
ATOM   463 N N   . TYR A 1 59 ? -4.190  -10.259 -1.760  1.00 27.59 ? 59  TYR A N   1 
ATOM   464 C CA  . TYR A 1 59 ? -2.986  -11.128 -1.700  1.00 26.85 ? 59  TYR A CA  1 
ATOM   465 C C   . TYR A 1 59 ? -2.378  -11.084 -0.307  1.00 29.89 ? 59  TYR A C   1 
ATOM   466 O O   . TYR A 1 59 ? -2.067  -9.964  0.209   1.00 25.86 ? 59  TYR A O   1 
ATOM   467 C CB  . TYR A 1 59 ? -1.954  -10.701 -2.740  1.00 28.65 ? 59  TYR A CB  1 
ATOM   468 C CG  . TYR A 1 59 ? -2.360  -10.847 -4.181  1.00 28.94 ? 59  TYR A CG  1 
ATOM   469 C CD1 . TYR A 1 59 ? -3.124  -9.893  -4.820  1.00 26.43 ? 59  TYR A CD1 1 
ATOM   470 C CD2 . TYR A 1 59 ? -1.922  -11.923 -4.937  1.00 32.89 ? 59  TYR A CD2 1 
ATOM   471 C CE1 . TYR A 1 59 ? -3.496  -10.017 -6.150  1.00 30.40 ? 59  TYR A CE1 1 
ATOM   472 C CE2 . TYR A 1 59 ? -2.272  -12.058 -6.274  1.00 32.01 ? 59  TYR A CE2 1 
ATOM   473 C CZ  . TYR A 1 59 ? -3.063  -11.111 -6.888  1.00 34.20 ? 59  TYR A CZ  1 
ATOM   474 O OH  . TYR A 1 59 ? -3.392  -11.204 -8.220  1.00 30.51 ? 59  TYR A OH  1 
ATOM   475 N N   . ASP A 1 60 ? -2.202  -12.251 0.315   1.00 28.80 ? 60  ASP A N   1 
ATOM   476 C CA  . ASP A 1 60 ? -1.616  -12.338 1.679   1.00 29.83 ? 60  ASP A CA  1 
ATOM   477 C C   . ASP A 1 60 ? -0.151  -12.749 1.570   1.00 29.62 ? 60  ASP A C   1 
ATOM   478 O O   . ASP A 1 60 ? 0.235   -13.257 0.487   1.00 32.05 ? 60  ASP A O   1 
ATOM   479 C CB  . ASP A 1 60 ? -2.465  -13.217 2.605   1.00 33.23 ? 60  ASP A CB  1 
ATOM   480 C CG  . ASP A 1 60 ? -3.928  -12.809 2.582   1.00 37.44 ? 60  ASP A CG  1 
ATOM   481 O OD1 . ASP A 1 60 ? -4.193  -11.617 2.772   1.00 32.21 ? 60  ASP A OD1 1 
ATOM   482 O OD2 . ASP A 1 60 ? -4.794  -13.674 2.297   1.00 42.31 ? 60  ASP A OD2 1 
ATOM   483 N N   . GLN A 1 61 ? 0.616   -12.430 2.619   1.00 27.25 ? 61  GLN A N   1 
ATOM   484 C CA  . GLN A 1 61 ? 2.054   -12.732 2.839   1.00 31.72 ? 61  GLN A CA  1 
ATOM   485 C C   . GLN A 1 61 ? 2.825   -12.304 1.581   1.00 30.91 ? 61  GLN A C   1 
ATOM   486 O O   . GLN A 1 61 ? 3.663   -13.082 1.054   1.00 30.57 ? 61  GLN A O   1 
ATOM   487 C CB  . GLN A 1 61 ? 2.188   -14.198 3.300   1.00 35.24 ? 61  GLN A CB  1 
ATOM   488 C CG  . GLN A 1 61 ? 3.522   -14.593 3.957   1.00 41.01 ? 61  GLN A CG  1 
ATOM   489 C CD  . GLN A 1 61 ? 3.708   -14.153 5.397   1.00 47.78 ? 61  GLN A CD  1 
ATOM   490 O OE1 . GLN A 1 61 ? 2.905   -13.398 5.946   1.00 52.76 ? 61  GLN A OE1 1 
ATOM   491 N NE2 . GLN A 1 61 ? 4.799   -14.584 6.023   1.00 38.23 ? 61  GLN A NE2 1 
ATOM   492 N N   . ILE A 1 62 ? 2.623   -11.052 1.159   1.00 25.89 ? 62  ILE A N   1 
ATOM   493 C CA  . ILE A 1 62 ? 3.330   -10.425 0.008   1.00 24.68 ? 62  ILE A CA  1 
ATOM   494 C C   . ILE A 1 62 ? 4.512   -9.628  0.557   1.00 23.43 ? 62  ILE A C   1 
ATOM   495 O O   . ILE A 1 62 ? 4.329   -8.797  1.508   1.00 20.10 ? 62  ILE A O   1 
ATOM   496 C CB  . ILE A 1 62 ? 2.372   -9.544  -0.819  1.00 24.94 ? 62  ILE A CB  1 
ATOM   497 C CG1 . ILE A 1 62 ? 1.214   -10.339 -1.430  1.00 26.12 ? 62  ILE A CG1 1 
ATOM   498 C CG2 . ILE A 1 62 ? 3.149   -8.767  -1.868  1.00 26.06 ? 62  ILE A CG2 1 
ATOM   499 C CD1 . ILE A 1 62 ? 1.671   -11.458 -2.349  1.00 28.08 ? 62  ILE A CD1 1 
ATOM   500 N N   . LEU A 1 63 ? 5.705   -9.848  -0.007  1.00 23.42 ? 63  LEU A N   1 
ATOM   501 C CA  . LEU A 1 63 ? 6.908   -9.107  0.415   1.00 20.74 ? 63  LEU A CA  1 
ATOM   502 C C   . LEU A 1 63 ? 6.926   -7.772  -0.334  1.00 19.67 ? 63  LEU A C   1 
ATOM   503 O O   . LEU A 1 63 ? 6.756   -7.769  -1.570  1.00 23.05 ? 63  LEU A O   1 
ATOM   504 C CB  . LEU A 1 63 ? 8.156   -9.943  0.130   1.00 22.81 ? 63  LEU A CB  1 
ATOM   505 C CG  . LEU A 1 63 ? 9.490   -9.216  0.249   1.00 24.66 ? 63  LEU A CG  1 
ATOM   506 C CD1 . LEU A 1 63 ? 9.807   -8.857  1.704   1.00 25.47 ? 63  LEU A CD1 1 
ATOM   507 C CD2 . LEU A 1 63 ? 10.589  -10.073 -0.357  1.00 26.83 ? 63  LEU A CD2 1 
ATOM   508 N N   . ILE A 1 64 ? 7.126   -6.690  0.400   1.00 20.41 ? 64  ILE A N   1 
ATOM   509 C CA  . ILE A 1 64 ? 7.239   -5.317  -0.175  1.00 21.49 ? 64  ILE A CA  1 
ATOM   510 C C   . ILE A 1 64 ? 8.428   -4.596  0.473   1.00 21.78 ? 64  ILE A C   1 
ATOM   511 O O   . ILE A 1 64 ? 8.603   -4.686  1.684   1.00 22.93 ? 64  ILE A O   1 
ATOM   512 C CB  . ILE A 1 64 ? 5.882   -4.618  -0.004  1.00 25.15 ? 64  ILE A CB  1 
ATOM   513 C CG1 . ILE A 1 64 ? 5.911   -3.211  -0.594  1.00 26.24 ? 64  ILE A CG1 1 
ATOM   514 C CG2 . ILE A 1 64 ? 5.455   -4.671  1.451   1.00 29.83 ? 64  ILE A CG2 1 
ATOM   515 C CD1 . ILE A 1 64 ? 4.529   -2.634  -0.821  1.00 29.29 ? 64  ILE A CD1 1 
ATOM   516 N N   . GLU A 1 65 ? 9.276   -3.988  -0.337  1.00 19.32 ? 65  GLU A N   1 
ATOM   517 C CA  . GLU A 1 65 ? 10.387  -3.180  0.205   1.00 25.11 ? 65  GLU A CA  1 
ATOM   518 C C   . GLU A 1 65 ? 9.908   -1.730  0.073   1.00 27.39 ? 65  GLU A C   1 
ATOM   519 O O   . GLU A 1 65 ? 9.639   -1.328  -1.027  1.00 25.85 ? 65  GLU A O   1 
ATOM   520 C CB  . GLU A 1 65 ? 11.710  -3.427  -0.525  1.00 30.48 ? 65  GLU A CB  1 
ATOM   521 C CG  . GLU A 1 65 ? 12.327  -4.786  -0.272  1.00 35.64 ? 65  GLU A CG  1 
ATOM   522 C CD  . GLU A 1 65 ? 13.116  -5.454  -1.396  1.00 45.08 ? 65  GLU A CD  1 
ATOM   523 O OE1 . GLU A 1 65 ? 13.862  -4.752  -2.068  1.00 45.37 ? 65  GLU A OE1 1 
ATOM   524 O OE2 . GLU A 1 65 ? 12.932  -6.685  -1.612  1.00 38.15 ? 65  GLU A OE2 1 
ATOM   525 N N   . ILE A 1 66 ? 9.738   -1.042  1.198   1.00 25.57 ? 66  ILE A N   1 
ATOM   526 C CA  . ILE A 1 66 ? 9.197   0.348   1.232   1.00 24.03 ? 66  ILE A CA  1 
ATOM   527 C C   . ILE A 1 66 ? 10.333  1.261   1.676   1.00 26.51 ? 66  ILE A C   1 
ATOM   528 O O   . ILE A 1 66 ? 10.784  1.120   2.769   1.00 25.26 ? 66  ILE A O   1 
ATOM   529 C CB  . ILE A 1 66 ? 8.004   0.429   2.192   1.00 25.25 ? 66  ILE A CB  1 
ATOM   530 C CG1 . ILE A 1 66 ? 6.906   -0.563  1.836   1.00 28.50 ? 66  ILE A CG1 1 
ATOM   531 C CG2 . ILE A 1 66 ? 7.451   1.843   2.274   1.00 24.09 ? 66  ILE A CG2 1 
ATOM   532 C CD1 . ILE A 1 66 ? 5.952   -0.805  2.963   1.00 29.42 ? 66  ILE A CD1 1 
ATOM   533 N N   . CYS A 1 67 ? 10.791  2.111   0.774   1.00 31.23 ? 67  CYS A N   1 
ATOM   534 C CA  . CYS A 1 67 ? 11.940  3.009   1.023   1.00 35.74 ? 67  CYS A CA  1 
ATOM   535 C C   . CYS A 1 67 ? 13.042  2.190   1.721   1.00 37.66 ? 67  CYS A C   1 
ATOM   536 O O   . CYS A 1 67 ? 13.525  2.648   2.777   1.00 33.41 ? 67  CYS A O   1 
ATOM   537 C CB  . CYS A 1 67 ? 11.467  4.210   1.847   1.00 42.34 ? 67  CYS A CB  1 
ATOM   538 S SG  . CYS A 1 67 ? 12.583  5.647   1.806   1.00 46.80 ? 67  CYS A SG  1 
ATOM   539 N N   . GLY A 1 68 ? 13.344  0.980   1.224   1.00 33.51 ? 68  GLY A N   1 
ATOM   540 C CA  . GLY A 1 68 ? 14.527  0.204   1.647   1.00 39.33 ? 68  GLY A CA  1 
ATOM   541 C C   . GLY A 1 68 ? 14.302  -0.544  2.951   1.00 43.26 ? 68  GLY A C   1 
ATOM   542 O O   . GLY A 1 68 ? 15.290  -1.035  3.532   1.00 49.65 ? 68  GLY A O   1 
ATOM   543 N N   . HIS A 1 69 ? 13.051  -0.625  3.411   1.00 36.92 ? 69  HIS A N   1 
ATOM   544 C CA  . HIS A 1 69 ? 12.619  -1.410  4.594   1.00 31.60 ? 69  HIS A CA  1 
ATOM   545 C C   . HIS A 1 69 ? 11.752  -2.566  4.100   1.00 30.65 ? 69  HIS A C   1 
ATOM   546 O O   . HIS A 1 69 ? 10.747  -2.280  3.394   1.00 30.96 ? 69  HIS A O   1 
ATOM   547 C CB  . HIS A 1 69 ? 11.771  -0.535  5.526   1.00 31.31 ? 69  HIS A CB  1 
ATOM   548 C CG  . HIS A 1 69 ? 12.535  0.410   6.377   1.00 33.42 ? 69  HIS A CG  1 
ATOM   549 N ND1 . HIS A 1 69 ? 13.159  1.539   5.871   1.00 35.41 ? 69  HIS A ND1 1 
ATOM   550 C CD2 . HIS A 1 69 ? 12.715  0.432   7.718   1.00 32.56 ? 69  HIS A CD2 1 
ATOM   551 C CE1 . HIS A 1 69 ? 13.735  2.192   6.864   1.00 34.09 ? 69  HIS A CE1 1 
ATOM   552 N NE2 . HIS A 1 69 ? 13.467  1.533   8.006   1.00 35.99 ? 69  HIS A NE2 1 
ATOM   553 N N   . LYS A 1 70 ? 12.013  -3.784  4.555   1.00 28.80 ? 70  LYS A N   1 
ATOM   554 C CA  . LYS A 1 70 ? 11.227  -4.968  4.152   1.00 29.79 ? 70  LYS A CA  1 
ATOM   555 C C   . LYS A 1 70 ? 10.023  -5.137  5.083   1.00 25.95 ? 70  LYS A C   1 
ATOM   556 O O   . LYS A 1 70 ? 10.154  -4.983  6.292   1.00 27.38 ? 70  LYS A O   1 
ATOM   557 C CB  . LYS A 1 70 ? 12.098  -6.220  4.109   1.00 29.69 ? 70  LYS A CB  1 
ATOM   558 C CG  . LYS A 1 70 ? 13.094  -6.224  2.960   1.00 34.56 ? 70  LYS A CG  1 
ATOM   559 C CD  . LYS A 1 70 ? 13.985  -7.446  2.945   1.00 39.09 ? 70  LYS A CD  1 
ATOM   560 C CE  . LYS A 1 70 ? 14.616  -7.668  1.592   1.00 42.29 ? 70  LYS A CE  1 
ATOM   561 N NZ  . LYS A 1 70 ? 15.397  -6.483  1.180   1.00 43.58 ? 70  LYS A NZ  1 
ATOM   562 N N   . ALA A 1 71 ? 8.881   -5.436  4.498   1.00 23.22 ? 71  ALA A N   1 
ATOM   563 C CA  . ALA A 1 71 ? 7.663   -5.819  5.231   1.00 26.05 ? 71  ALA A CA  1 
ATOM   564 C C   . ALA A 1 71 ? 6.986   -6.960  4.480   1.00 25.11 ? 71  ALA A C   1 
ATOM   565 O O   . ALA A 1 71 ? 7.200   -7.120  3.241   1.00 24.22 ? 71  ALA A O   1 
ATOM   566 C CB  . ALA A 1 71 ? 6.778   -4.602  5.420   1.00 28.14 ? 71  ALA A CB  1 
ATOM   567 N N   . ILE A 1 72 ? 6.184   -7.759  5.192   1.00 23.53 ? 72  ILE A N   1 
ATOM   568 C CA  . ILE A 1 72 ? 5.357   -8.815  4.557   1.00 24.07 ? 72  ILE A CA  1 
ATOM   569 C C   . ILE A 1 72 ? 3.951   -8.631  5.096   1.00 22.77 ? 72  ILE A C   1 
ATOM   570 O O   . ILE A 1 72 ? 3.797   -8.478  6.342   1.00 23.62 ? 72  ILE A O   1 
ATOM   571 C CB  . ILE A 1 72 ? 5.847   -10.264 4.773   1.00 28.25 ? 72  ILE A CB  1 
ATOM   572 C CG1 . ILE A 1 72 ? 7.186   -10.560 4.103   1.00 31.34 ? 72  ILE A CG1 1 
ATOM   573 C CG2 . ILE A 1 72 ? 4.795   -11.246 4.273   1.00 26.71 ? 72  ILE A CG2 1 
ATOM   574 C CD1 . ILE A 1 72 ? 7.617   -12.006 4.247   1.00 32.79 ? 72  ILE A CD1 1 
ATOM   575 N N   . GLY A 1 73 ? 2.981   -8.590  4.208   1.00 20.15 ? 73  GLY A N   1 
ATOM   576 C CA  . GLY A 1 73 ? 1.578   -8.526  4.640   1.00 19.86 ? 73  GLY A CA  1 
ATOM   577 C C   . GLY A 1 73 ? 0.628   -8.574  3.495   1.00 20.20 ? 73  GLY A C   1 
ATOM   578 O O   . GLY A 1 73 ? 0.995   -8.916  2.372   1.00 20.32 ? 73  GLY A O   1 
ATOM   579 N N   . THR A 1 74 ? -0.614  -8.203  3.775   1.00 21.01 ? 74  THR A N   1 
ATOM   580 C CA  . THR A 1 74 ? -1.706  -8.181  2.808   1.00 21.83 ? 74  THR A CA  1 
ATOM   581 C C   . THR A 1 74 ? -1.552  -6.962  1.913   1.00 23.97 ? 74  THR A C   1 
ATOM   582 O O   . THR A 1 74 ? -1.365  -5.831  2.439   1.00 21.52 ? 74  THR A O   1 
ATOM   583 C CB  . THR A 1 74 ? -3.060  -8.225  3.523   1.00 23.25 ? 74  THR A CB  1 
ATOM   584 O OG1 . THR A 1 74 ? -3.011  -9.468  4.235   1.00 25.68 ? 74  THR A OG1 1 
ATOM   585 C CG2 . THR A 1 74 ? -4.221  -8.070  2.571   1.00 23.88 ? 74  THR A CG2 1 
ATOM   586 N N   . VAL A 1 75 ? -1.679  -7.196  0.626   1.00 22.82 ? 75  VAL A N   1 
ATOM   587 C CA  . VAL A 1 75 ? -1.760  -6.143  -0.399  1.00 23.08 ? 75  VAL A CA  1 
ATOM   588 C C   . VAL A 1 75 ? -3.044  -6.357  -1.181  1.00 23.80 ? 75  VAL A C   1 
ATOM   589 O O   . VAL A 1 75 ? -3.305  -7.503  -1.590  1.00 26.25 ? 75  VAL A O   1 
ATOM   590 C CB  . VAL A 1 75 ? -0.505  -6.171  -1.290  1.00 25.00 ? 75  VAL A CB  1 
ATOM   591 C CG1 . VAL A 1 75 ? -0.683  -5.269  -2.488  1.00 27.69 ? 75  VAL A CG1 1 
ATOM   592 C CG2 . VAL A 1 75 ? 0.737   -5.815  -0.484  1.00 28.56 ? 75  VAL A CG2 1 
ATOM   593 N N   . LEU A 1 76 ? -3.814  -5.288  -1.367  1.00 22.79 ? 76  LEU A N   1 
ATOM   594 C CA  . LEU A 1 76 ? -5.030  -5.263  -2.194  1.00 21.32 ? 76  LEU A CA  1 
ATOM   595 C C   . LEU A 1 76 ? -4.676  -4.650  -3.547  1.00 22.61 ? 76  LEU A C   1 
ATOM   596 O O   . LEU A 1 76 ? -3.946  -3.629  -3.605  1.00 23.97 ? 76  LEU A O   1 
ATOM   597 C CB  . LEU A 1 76 ? -6.128  -4.481  -1.461  1.00 20.37 ? 76  LEU A CB  1 
ATOM   598 C CG  . LEU A 1 76 ? -6.323  -4.860  0.001   1.00 21.31 ? 76  LEU A CG  1 
ATOM   599 C CD1 . LEU A 1 76 ? -7.469  -4.058  0.620   1.00 22.24 ? 76  LEU A CD1 1 
ATOM   600 C CD2 . LEU A 1 76 ? -6.611  -6.343  0.164   1.00 22.79 ? 76  LEU A CD2 1 
ATOM   601 N N   . VAL A 1 77 ? -5.140  -5.271  -4.622  1.00 22.31 ? 77  VAL A N   1 
ATOM   602 C CA  . VAL A 1 77 ? -4.817  -4.825  -5.990  1.00 24.55 ? 77  VAL A CA  1 
ATOM   603 C C   . VAL A 1 77 ? -6.133  -4.578  -6.696  1.00 25.65 ? 77  VAL A C   1 
ATOM   604 O O   . VAL A 1 77 ? -6.982  -5.502  -6.669  1.00 26.40 ? 77  VAL A O   1 
ATOM   605 C CB  . VAL A 1 77 ? -3.989  -5.870  -6.758  1.00 24.18 ? 77  VAL A CB  1 
ATOM   606 C CG1 . VAL A 1 77 ? -3.682  -5.346  -8.155  1.00 27.43 ? 77  VAL A CG1 1 
ATOM   607 C CG2 . VAL A 1 77 ? -2.734  -6.264  -5.982  1.00 25.61 ? 77  VAL A CG2 1 
ATOM   608 N N   . GLY A 1 78 ? -6.270  -3.421  -7.308  1.00 24.36 ? 78  GLY A N   1 
ATOM   609 C CA  . GLY A 1 78 ? -7.531  -2.987  -7.921  1.00 25.74 ? 78  GLY A CA  1 
ATOM   610 C C   . GLY A 1 78 ? -7.473  -1.533  -8.355  1.00 27.91 ? 78  GLY A C   1 
ATOM   611 O O   . GLY A 1 78 ? -6.423  -0.874  -8.251  1.00 29.00 ? 78  GLY A O   1 
ATOM   612 N N   . PRO A 1 79 ? -8.614  -1.032  -8.846  1.00 26.64 ? 79  PRO A N   1 
ATOM   613 C CA  . PRO A 1 79 ? -8.713  0.294   -9.391  1.00 26.03 ? 79  PRO A CA  1 
ATOM   614 C C   . PRO A 1 79 ? -8.628  1.485   -8.430  1.00 23.32 ? 79  PRO A C   1 
ATOM   615 O O   . PRO A 1 79 ? -9.426  2.323   -8.498  1.00 28.57 ? 79  PRO A O   1 
ATOM   616 C CB  . PRO A 1 79 ? -10.053 0.251   -10.133 1.00 27.42 ? 79  PRO A CB  1 
ATOM   617 C CG  . PRO A 1 79 ? -10.858 -0.715  -9.348  1.00 28.00 ? 79  PRO A CG  1 
ATOM   618 C CD  . PRO A 1 79 ? -9.873  -1.755  -8.883  1.00 26.68 ? 79  PRO A CD  1 
ATOM   619 N N   . THR A 1 80 ? -7.605  1.513   -7.590  1.00 25.97 ? 80  THR A N   1 
ATOM   620 C CA  . THR A 1 80 ? -7.367  2.711   -6.754  1.00 24.88 ? 80  THR A CA  1 
ATOM   621 C C   . THR A 1 80 ? -6.733  3.767   -7.663  1.00 26.44 ? 80  THR A C   1 
ATOM   622 O O   . THR A 1 80 ? -5.996  3.385   -8.519  1.00 31.50 ? 80  THR A O   1 
ATOM   623 C CB  . THR A 1 80 ? -6.397  2.383   -5.610  1.00 23.09 ? 80  THR A CB  1 
ATOM   624 O OG1 . THR A 1 80 ? -6.006  3.567   -4.933  1.00 21.72 ? 80  THR A OG1 1 
ATOM   625 C CG2 . THR A 1 80 ? -5.166  1.650   -6.081  1.00 22.87 ? 80  THR A CG2 1 
ATOM   626 N N   . PRO A 1 81 ? -6.996  5.078   -7.556  1.00 30.72 ? 81  PRO A N   1 
ATOM   627 C CA  . PRO A 1 81 ? -6.297  6.038   -8.416  1.00 30.11 ? 81  PRO A CA  1 
ATOM   628 C C   . PRO A 1 81 ? -4.775  6.151   -8.162  1.00 31.72 ? 81  PRO A C   1 
ATOM   629 O O   . PRO A 1 81 ? -4.062  6.552   -9.037  1.00 28.71 ? 81  PRO A O   1 
ATOM   630 C CB  . PRO A 1 81 ? -6.983  7.358   -8.064  1.00 30.77 ? 81  PRO A CB  1 
ATOM   631 C CG  . PRO A 1 81 ? -7.558  7.144   -6.703  1.00 34.87 ? 81  PRO A CG  1 
ATOM   632 C CD  . PRO A 1 81 ? -7.977  5.695   -6.699  1.00 31.14 ? 81  PRO A CD  1 
ATOM   633 N N   . VAL A 1 82 ? -4.322  5.791   -6.962  1.00 27.31 ? 82  VAL A N   1 
ATOM   634 C CA  . VAL A 1 82 ? -2.888  5.912   -6.582  1.00 25.89 ? 82  VAL A CA  1 
ATOM   635 C C   . VAL A 1 82 ? -2.507  4.734   -5.689  1.00 21.58 ? 82  VAL A C   1 
ATOM   636 O O   . VAL A 1 82 ? -3.373  4.181   -5.065  1.00 21.10 ? 82  VAL A O   1 
ATOM   637 C CB  . VAL A 1 82 ? -2.650  7.258   -5.872  1.00 28.32 ? 82  VAL A CB  1 
ATOM   638 C CG1 . VAL A 1 82 ? -3.429  7.365   -4.595  1.00 28.69 ? 82  VAL A CG1 1 
ATOM   639 C CG2 . VAL A 1 82 ? -1.198  7.588   -5.620  1.00 33.63 ? 82  VAL A CG2 1 
ATOM   640 N N   . ASN A 1 83 ? -1.239  4.347   -5.719  1.00 18.86 ? 83  ASN A N   1 
ATOM   641 C CA  . ASN A 1 83 ? -0.702  3.294   -4.832  1.00 17.61 ? 83  ASN A CA  1 
ATOM   642 C C   . ASN A 1 83 ? -0.651  3.869   -3.411  1.00 16.61 ? 83  ASN A C   1 
ATOM   643 O O   . ASN A 1 83 ? -0.076  4.909   -3.210  1.00 15.59 ? 83  ASN A O   1 
ATOM   644 C CB  . ASN A 1 83 ? 0.664   2.789   -5.289  1.00 17.34 ? 83  ASN A CB  1 
ATOM   645 C CG  . ASN A 1 83 ? 0.680   2.242   -6.695  1.00 21.24 ? 83  ASN A CG  1 
ATOM   646 O OD1 . ASN A 1 83 ? -0.225  1.555   -7.097  1.00 23.17 ? 83  ASN A OD1 1 
ATOM   647 N ND2 . ASN A 1 83 ? 1.734   2.528   -7.425  1.00 18.77 ? 83  ASN A ND2 1 
ATOM   648 N N   . ILE A 1 84 ? -1.235  3.133   -2.473  1.00 17.08 ? 84  ILE A N   1 
ATOM   649 C CA  . ILE A 1 84 ? -1.393  3.535   -1.055  1.00 19.39 ? 84  ILE A CA  1 
ATOM   650 C C   . ILE A 1 84 ? -0.683  2.525   -0.180  1.00 16.74 ? 84  ILE A C   1 
ATOM   651 O O   . ILE A 1 84 ? -1.103  1.384   -0.216  1.00 17.74 ? 84  ILE A O   1 
ATOM   652 C CB  . ILE A 1 84 ? -2.884  3.479   -0.635  1.00 22.13 ? 84  ILE A CB  1 
ATOM   653 C CG1 . ILE A 1 84 ? -3.763  4.392   -1.470  1.00 28.48 ? 84  ILE A CG1 1 
ATOM   654 C CG2 . ILE A 1 84 ? -3.007  3.723   0.870   1.00 25.19 ? 84  ILE A CG2 1 
ATOM   655 C CD1 . ILE A 1 84 ? -3.219  5.735   -1.570  1.00 25.65 ? 84  ILE A CD1 1 
ATOM   656 N N   . ILE A 1 85 ? 0.215   2.971   0.686   1.00 15.23 ? 85  ILE A N   1 
ATOM   657 C CA  . ILE A 1 85 ? 0.795   2.129   1.765   1.00 15.69 ? 85  ILE A CA  1 
ATOM   658 C C   . ILE A 1 85 ? 0.021   2.445   3.026   1.00 15.45 ? 85  ILE A C   1 
ATOM   659 O O   . ILE A 1 85 ? 0.071   3.599   3.490   1.00 15.36 ? 85  ILE A O   1 
ATOM   660 C CB  . ILE A 1 85 ? 2.303   2.362   1.937   1.00 16.62 ? 85  ILE A CB  1 
ATOM   661 C CG1 . ILE A 1 85 ? 3.034   2.208   0.600   1.00 18.01 ? 85  ILE A CG1 1 
ATOM   662 C CG2 . ILE A 1 85 ? 2.849   1.440   3.009   1.00 16.71 ? 85  ILE A CG2 1 
ATOM   663 C CD1 . ILE A 1 85 ? 2.737   0.918   -0.101  1.00 17.92 ? 85  ILE A CD1 1 
ATOM   664 N N   . GLY A 1 86 ? -0.741  1.458   3.516   1.00 15.05 ? 86  GLY A N   1 
ATOM   665 C CA  . GLY A 1 86 ? -1.612  1.664   4.689   1.00 14.72 ? 86  GLY A CA  1 
ATOM   666 C C   . GLY A 1 86 ? -0.975  1.190   5.982   1.00 15.01 ? 86  GLY A C   1 
ATOM   667 O O   . GLY A 1 86 ? 0.158   0.716   6.005   1.00 15.86 ? 86  GLY A O   1 
ATOM   668 N N   . ARG A 1 87 ? -1.722  1.301   7.080   1.00 16.01 ? 87  ARG A N   1 
ATOM   669 C CA  . ARG A 1 87 ? -1.139  1.098   8.423   1.00 15.74 ? 87  ARG A CA  1 
ATOM   670 C C   . ARG A 1 87 ? -0.690  -0.354  8.645   1.00 15.95 ? 87  ARG A C   1 
ATOM   671 O O   . ARG A 1 87 ? 0.272   -0.531  9.448   1.00 16.18 ? 87  ARG A O   1 
ATOM   672 C CB  . ARG A 1 87 ? -2.109  1.541   9.510   1.00 15.27 ? 87  ARG A CB  1 
ATOM   673 C CG  . ARG A 1 87 ? -2.472  3.024   9.489   1.00 16.22 ? 87  ARG A CG  1 
ATOM   674 C CD  . ARG A 1 87 ? -3.319  3.420   10.714  1.00 16.42 ? 87  ARG A CD  1 
ATOM   675 N NE  . ARG A 1 87 ? -4.628  2.780   10.650  1.00 16.70 ? 87  ARG A NE  1 
ATOM   676 C CZ  . ARG A 1 87 ? -4.990  1.686   11.336  1.00 18.83 ? 87  ARG A CZ  1 
ATOM   677 N NH1 . ARG A 1 87 ? -4.186  1.088   12.193  1.00 18.06 ? 87  ARG A NH1 1 
ATOM   678 N NH2 . ARG A 1 87 ? -6.178  1.173   11.146  1.00 20.34 ? 87  ARG A NH2 1 
ATOM   679 N N   . ASN A 1 88 ? -1.264  -1.299  7.909   1.00 17.80 ? 88  ASN A N   1 
ATOM   680 C CA  . ASN A 1 88 ? -0.855  -2.717  8.029   1.00 18.60 ? 88  ASN A CA  1 
ATOM   681 C C   . ASN A 1 88 ? 0.650   -2.849  7.743   1.00 19.18 ? 88  ASN A C   1 
ATOM   682 O O   . ASN A 1 88 ? 1.310   -3.726  8.346   1.00 19.68 ? 88  ASN A O   1 
ATOM   683 C CB  . ASN A 1 88 ? -1.733  -3.577  7.135   1.00 18.73 ? 88  ASN A CB  1 
ATOM   684 C CG  . ASN A 1 88 ? -1.389  -3.440  5.677   1.00 19.88 ? 88  ASN A CG  1 
ATOM   685 O OD1 . ASN A 1 88 ? -1.425  -2.341  5.126   1.00 18.66 ? 88  ASN A OD1 1 
ATOM   686 N ND2 . ASN A 1 88 ? -1.103  -4.566  5.041   1.00 20.04 ? 88  ASN A ND2 1 
ATOM   687 N N   . LEU A 1 89 ? 1.204   -2.031  6.831   1.00 18.00 ? 89  LEU A N   1 
ATOM   688 C CA  . LEU A 1 89 ? 2.645   -2.046  6.490   1.00 17.99 ? 89  LEU A CA  1 
ATOM   689 C C   . LEU A 1 89 ? 3.373   -0.900  7.190   1.00 15.71 ? 89  LEU A C   1 
ATOM   690 O O   . LEU A 1 89 ? 4.506   -1.076  7.531   1.00 17.76 ? 89  LEU A O   1 
ATOM   691 C CB  . LEU A 1 89 ? 2.838   -2.014  4.969   1.00 18.37 ? 89  LEU A CB  1 
ATOM   692 C CG  . LEU A 1 89 ? 2.195   -3.175  4.202   1.00 20.27 ? 89  LEU A CG  1 
ATOM   693 C CD1 . LEU A 1 89 ? 2.530   -3.109  2.715   1.00 21.88 ? 89  LEU A CD1 1 
ATOM   694 C CD2 . LEU A 1 89 ? 2.631   -4.521  4.790   1.00 20.69 ? 89  LEU A CD2 1 
ATOM   695 N N   . LEU A 1 90 ? 2.745   0.259   7.430   1.00 16.29 ? 90  LEU A N   1 
ATOM   696 C CA  . LEU A 1 90 ? 3.448   1.391   8.100   1.00 16.92 ? 90  LEU A CA  1 
ATOM   697 C C   . LEU A 1 90 ? 3.912   0.980   9.510   1.00 17.50 ? 90  LEU A C   1 
ATOM   698 O O   . LEU A 1 90 ? 4.989   1.329   9.864   1.00 16.33 ? 90  LEU A O   1 
ATOM   699 C CB  . LEU A 1 90 ? 2.552   2.632   8.150   1.00 17.36 ? 90  LEU A CB  1 
ATOM   700 C CG  . LEU A 1 90 ? 2.175   3.228   6.796   1.00 17.16 ? 90  LEU A CG  1 
ATOM   701 C CD1 . LEU A 1 90 ? 1.162   4.338   6.995   1.00 17.65 ? 90  LEU A CD1 1 
ATOM   702 C CD2 . LEU A 1 90 ? 3.412   3.709   6.034   1.00 16.49 ? 90  LEU A CD2 1 
ATOM   703 N N   . THR A 1 91 ? 3.126   0.187   10.239  1.00 18.57 ? 91  THR A N   1 
ATOM   704 C CA  . THR A 1 91 ? 3.508   -0.322  11.570  1.00 20.10 ? 91  THR A CA  1 
ATOM   705 C C   . THR A 1 91 ? 4.750   -1.213  11.457  1.00 20.90 ? 91  THR A C   1 
ATOM   706 O O   . THR A 1 91 ? 5.601   -1.141  12.346  1.00 22.37 ? 91  THR A O   1 
ATOM   707 C CB  . THR A 1 91 ? 2.370   -1.104  12.227  1.00 19.44 ? 91  THR A CB  1 
ATOM   708 O OG1 . THR A 1 91 ? 1.910   -2.116  11.335  1.00 22.08 ? 91  THR A OG1 1 
ATOM   709 C CG2 . THR A 1 91 ? 1.211   -0.239  12.658  1.00 18.98 ? 91  THR A CG2 1 
ATOM   710 N N   . GLN A 1 92 ? 4.902   -1.960  10.358  1.00 21.17 ? 92  GLN A N   1 
ATOM   711 C CA  . GLN A 1 92 ? 6.072   -2.881  10.222  1.00 25.86 ? 92  GLN A CA  1 
ATOM   712 C C   . GLN A 1 92 ? 7.383   -2.151  9.989   1.00 28.99 ? 92  GLN A C   1 
ATOM   713 O O   . GLN A 1 92 ? 8.439   -2.700  10.362  1.00 32.18 ? 92  GLN A O   1 
ATOM   714 C CB  . GLN A 1 92 ? 5.880   -3.869  9.096   1.00 26.79 ? 92  GLN A CB  1 
ATOM   715 C CG  . GLN A 1 92 ? 4.732   -4.802  9.352   1.00 28.99 ? 92  GLN A CG  1 
ATOM   716 C CD  . GLN A 1 92 ? 4.784   -5.953  8.380   1.00 31.35 ? 92  GLN A CD  1 
ATOM   717 O OE1 . GLN A 1 92 ? 5.838   -6.558  8.144   1.00 30.43 ? 92  GLN A OE1 1 
ATOM   718 N NE2 . GLN A 1 92 ? 3.627   -6.260  7.821   1.00 32.89 ? 92  GLN A NE2 1 
ATOM   719 N N   . ILE A 1 93 ? 7.354   -0.983  9.368   1.00 24.76 ? 93  ILE A N   1 
ATOM   720 C CA  . ILE A 1 93 ? 8.594   -0.210  9.126   1.00 25.97 ? 93  ILE A CA  1 
ATOM   721 C C   . ILE A 1 93 ? 8.801   0.812   10.251  1.00 23.31 ? 93  ILE A C   1 
ATOM   722 O O   . ILE A 1 93 ? 9.762   1.566   10.140  1.00 26.55 ? 93  ILE A O   1 
ATOM   723 C CB  . ILE A 1 93 ? 8.575   0.392   7.709   1.00 27.93 ? 93  ILE A CB  1 
ATOM   724 C CG1 . ILE A 1 93 ? 7.550   1.518   7.559   1.00 27.45 ? 93  ILE A CG1 1 
ATOM   725 C CG2 . ILE A 1 93 ? 8.334   -0.704  6.689   1.00 28.01 ? 93  ILE A CG2 1 
ATOM   726 C CD1 . ILE A 1 93 ? 7.549   2.146   6.179   1.00 27.96 ? 93  ILE A CD1 1 
ATOM   727 N N   . GLY A 1 94 ? 7.947   0.823   11.289  1.00 23.40 ? 94  GLY A N   1 
ATOM   728 C CA  . GLY A 1 94 ? 8.159   1.637   12.492  1.00 23.52 ? 94  GLY A CA  1 
ATOM   729 C C   . GLY A 1 94 ? 7.748   3.076   12.236  1.00 24.28 ? 94  GLY A C   1 
ATOM   730 O O   . GLY A 1 94 ? 8.218   3.979   12.913  1.00 25.53 ? 94  GLY A O   1 
ATOM   731 N N   . CYS A 1 95 ? 6.811   3.292   11.321  1.00 22.60 ? 95  CYS A N   1 
ATOM   732 C CA  . CYS A 1 95 ? 6.376   4.657   10.948  1.00 22.34 ? 95  CYS A CA  1 
ATOM   733 C C   . CYS A 1 95 ? 5.472   5.292   12.017  1.00 22.90 ? 95  CYS A C   1 
ATOM   734 O O   . CYS A 1 95 ? 4.498   4.649   12.451  1.00 24.44 ? 95  CYS A O   1 
ATOM   735 C CB  . CYS A 1 95 ? 5.711   4.584   9.578   1.00 24.16 ? 95  CYS A CB  1 
ATOM   736 S SG  . CYS A 1 95 ? 5.424   6.227   8.903   1.00 26.09 ? 95  CYS A SG  1 
ATOM   737 N N   . THR A 1 96 ? 5.759   6.543   12.404  1.00 20.55 ? 96  THR A N   1 
ATOM   738 C CA  . THR A 1 96 ? 5.013   7.338   13.408  1.00 21.18 ? 96  THR A CA  1 
ATOM   739 C C   . THR A 1 96 ? 4.654   8.714   12.832  1.00 21.51 ? 96  THR A C   1 
ATOM   740 O O   . THR A 1 96 ? 5.362   9.201   11.905  1.00 21.26 ? 96  THR A O   1 
ATOM   741 C CB  . THR A 1 96 ? 5.800   7.510   14.720  1.00 22.29 ? 96  THR A CB  1 
ATOM   742 O OG1 . THR A 1 96 ? 7.025   8.173   14.421  1.00 24.34 ? 96  THR A OG1 1 
ATOM   743 C CG2 . THR A 1 96 ? 6.068   6.207   15.432  1.00 25.20 ? 96  THR A CG2 1 
ATOM   744 N N   . LEU A 1 97 ? 3.609   9.319   13.384  1.00 21.31 ? 97  LEU A N   1 
ATOM   745 C CA  . LEU A 1 97 ? 3.268   10.758  13.210  1.00 20.82 ? 97  LEU A CA  1 
ATOM   746 C C   . LEU A 1 97 ? 3.820   11.527  14.412  1.00 21.34 ? 97  LEU A C   1 
ATOM   747 O O   . LEU A 1 97 ? 3.734   11.040  15.516  1.00 24.50 ? 97  LEU A O   1 
ATOM   748 C CB  . LEU A 1 97 ? 1.748   10.917  13.141  1.00 21.42 ? 97  LEU A CB  1 
ATOM   749 C CG  . LEU A 1 97 ? 1.116   10.470  11.840  1.00 20.48 ? 97  LEU A CG  1 
ATOM   750 C CD1 . LEU A 1 97 ? -0.398  10.365  11.996  1.00 20.15 ? 97  LEU A CD1 1 
ATOM   751 C CD2 . LEU A 1 97 ? 1.511   11.424  10.718  1.00 20.28 ? 97  LEU A CD2 1 
ATOM   752 N N   . ASN A 1 98 ? 4.323   12.721  14.195  1.00 24.70 ? 98  ASN A N   1 
ATOM   753 C CA  . ASN A 1 98 ? 4.890   13.531  15.290  1.00 27.57 ? 98  ASN A CA  1 
ATOM   754 C C   . ASN A 1 98 ? 4.455   14.969  15.072  1.00 26.95 ? 98  ASN A C   1 
ATOM   755 O O   . ASN A 1 98 ? 4.636   15.466  13.961  1.00 24.41 ? 98  ASN A O   1 
ATOM   756 C CB  . ASN A 1 98 ? 6.412   13.433  15.309  1.00 29.39 ? 98  ASN A CB  1 
ATOM   757 C CG  . ASN A 1 98 ? 6.896   12.004  15.196  1.00 33.44 ? 98  ASN A CG  1 
ATOM   758 O OD1 . ASN A 1 98 ? 6.875   11.406  14.110  1.00 38.84 ? 98  ASN A OD1 1 
ATOM   759 N ND2 . ASN A 1 98 ? 7.344   11.445  16.301  1.00 37.60 ? 98  ASN A ND2 1 
ATOM   760 N N   . PHE A 1 99 ? 3.942   15.610  16.116  1.00 29.75 ? 99  PHE A N   1 
ATOM   761 C CA  . PHE A 1 99 ? 3.729   17.076  16.113  1.00 30.78 ? 99  PHE A CA  1 
ATOM   762 C C   . PHE A 1 99 ? 3.782   17.620  17.546  1.00 34.97 ? 99  PHE A C   1 
ATOM   763 O O   . PHE A 1 99 ? 3.677   18.838  17.744  1.00 33.18 ? 99  PHE A O   1 
ATOM   764 C CB  . PHE A 1 99 ? 2.430   17.402  15.381  1.00 31.30 ? 99  PHE A CB  1 
ATOM   765 C CG  . PHE A 1 99 ? 1.164   16.927  16.044  1.00 36.28 ? 99  PHE A CG  1 
ATOM   766 C CD1 . PHE A 1 99 ? 0.597   15.706  15.707  1.00 34.55 ? 99  PHE A CD1 1 
ATOM   767 C CD2 . PHE A 1 99 ? 0.494   17.739  16.947  1.00 37.75 ? 99  PHE A CD2 1 
ATOM   768 C CE1 . PHE A 1 99 ? -0.589  15.288  16.289  1.00 35.12 ? 99  PHE A CE1 1 
ATOM   769 C CE2 . PHE A 1 99 ? -0.690  17.316  17.534  1.00 37.61 ? 99  PHE A CE2 1 
ATOM   770 C CZ  . PHE A 1 99 ? -1.227  16.086  17.207  1.00 37.22 ? 99  PHE A CZ  1 
ATOM   771 O OXT . PHE A 1 99 ? 3.942   16.858  18.499  1.00 35.52 ? 99  PHE A OXT 1 
HETATM 772 C CAE . NJY B 2 .  ? -8.312  14.647  -2.779  0.54 17.64 ? 101 NJY A CAE 1 
HETATM 773 C CAH . NJY B 2 .  ? -9.705  14.668  -2.290  0.54 18.25 ? 101 NJY A CAH 1 
HETATM 774 C CAG . NJY B 2 .  ? -9.487  13.863  -1.021  0.54 17.64 ? 101 NJY A CAG 1 
HETATM 775 C CAJ . NJY B 2 .  ? -8.537  14.597  -0.068  0.54 16.86 ? 101 NJY A CAJ 1 
HETATM 776 O OAI . NJY B 2 .  ? -7.988  15.764  -0.645  0.54 16.56 ? 101 NJY A OAI 1 
HETATM 777 C CAA . NJY B 2 .  ? -7.372  15.368  -1.861  0.54 17.62 ? 101 NJY A CAA 1 
HETATM 778 O OAB . NJY B 2 .  ? -6.244  14.429  -1.576  0.54 17.41 ? 101 NJY A OAB 1 
HETATM 779 C CAC . NJY B 2 .  ? -6.485  13.186  -2.152  0.54 17.93 ? 101 NJY A CAC 1 
HETATM 780 C CAD . NJY B 2 .  ? -7.916  13.162  -2.616  0.54 18.38 ? 101 NJY A CAD 1 
HETATM 781 C CAF . NJY B 2 .  ? -8.878  12.604  -1.538  0.54 16.72 ? 101 NJY A CAF 1 
HETATM 782 O OAK . NJY B 2 .  ? -8.195  11.979  -0.506  0.54 16.51 ? 101 NJY A OAK 1 
HETATM 783 C CAL . NJY B 2 .  ? -8.450  10.663  -0.201  0.54 15.59 ? 101 NJY A CAL 1 
HETATM 784 O OAM . NJY B 2 .  ? -9.557  10.213  -0.335  0.54 13.86 ? 101 NJY A OAM 1 
HETATM 785 N NAN . NJY B 2 .  ? -7.404  9.978   0.268   0.54 16.47 ? 101 NJY A NAN 1 
HETATM 786 C CAO . NJY B 2 .  ? -7.253  8.586   0.620   0.54 17.96 ? 101 NJY A CAO 1 
HETATM 787 C CAW . NJY B 2 .  ? -6.033  8.108   -0.192  0.54 16.24 ? 101 NJY A CAW 1 
HETATM 788 C CBH . NJY B 2 .  ? -6.209  8.409   -1.515  0.54 17.37 ? 101 NJY A CBH 1 
HETATM 789 C CBM . NJY B 2 .  ? -7.151  7.744   -2.292  0.54 18.52 ? 101 NJY A CBM 1 
HETATM 790 C CBL . NJY B 2 .  ? -7.295  8.075   -3.647  0.54 19.47 ? 101 NJY A CBL 1 
HETATM 791 F FBT . NJY B 2 .  ? -8.208  7.473   -4.457  0.54 22.67 ? 101 NJY A FBT 1 
HETATM 792 C CBK . NJY B 2 .  ? -6.509  9.061   -4.221  0.54 18.62 ? 101 NJY A CBK 1 
HETATM 793 C CBJ . NJY B 2 .  ? -5.565  9.706   -3.444  0.54 18.59 ? 101 NJY A CBJ 1 
HETATM 794 C CBI . NJY B 2 .  ? -5.407  9.360   -2.113  0.54 16.74 ? 101 NJY A CBI 1 
HETATM 795 C CAT . NJY B 2 .  ? -7.073  8.312   2.153   0.50 15.04 ? 101 NJY A CAT 1 
HETATM 796 O OBO . NJY B 2 .  ? -5.796  8.588   2.618   0.54 19.49 ? 101 NJY A OBO 1 
HETATM 797 C CAP . NJY B 2 .  ? -7.285  6.824   2.426   0.54 17.23 ? 101 NJY A CAP 1 
HETATM 798 N NAQ . NJY B 2 .  ? -8.680  6.527   2.218   0.54 16.85 ? 101 NJY A NAQ 1 
HETATM 799 C CBP . NJY B 2 .  ? -9.334  6.318   3.457   0.54 18.19 ? 101 NJY A CBP 1 
HETATM 800 C CBQ . NJY B 2 .  ? -9.985  7.612   3.973   0.54 18.92 ? 101 NJY A CBQ 1 
HETATM 801 C CBS . NJY B 2 .  ? -11.042 8.157   3.030   0.54 19.96 ? 101 NJY A CBS 1 
HETATM 802 C CBR . NJY B 2 .  ? -10.662 7.193   5.254   0.54 21.17 ? 101 NJY A CBR 1 
HETATM 803 S SAR . NJY B 2 .  ? -8.995  5.301   1.075   0.54 18.05 ? 101 NJY A SAR 1 
HETATM 804 O OAU . NJY B 2 .  ? -8.032  5.517   -0.073  0.54 18.35 ? 101 NJY A OAU 1 
HETATM 805 O OAV . NJY B 2 .  ? -10.339 5.434   0.638   0.54 17.34 ? 101 NJY A OAV 1 
HETATM 806 C CAS . NJY B 2 .  ? -8.643  3.850   1.757   0.54 17.16 ? 101 NJY A CAS 1 
HETATM 807 C CAX . NJY B 2 .  ? -9.616  3.116   2.377   0.54 17.25 ? 101 NJY A CAX 1 
HETATM 808 C CBB . NJY B 2 .  ? -7.346  3.365   1.652   0.54 15.73 ? 101 NJY A CBB 1 
HETATM 809 C CBA . NJY B 2 .  ? -7.057  2.154   2.238   0.54 15.93 ? 101 NJY A CBA 1 
HETATM 810 C CAZ . NJY B 2 .  ? -8.012  1.489   2.833   0.54 16.19 ? 101 NJY A CAZ 1 
HETATM 811 N NBE . NJY B 2 .  ? -7.983  0.355   3.485   0.54 16.98 ? 101 NJY A NBE 1 
HETATM 812 C CAY . NJY B 2 .  ? -9.263  1.951   2.885   0.54 17.42 ? 101 NJY A CAY 1 
HETATM 813 O OBC . NJY B 2 .  ? -10.002 1.011   3.585   0.54 16.51 ? 101 NJY A OBC 1 
HETATM 814 C CBD . NJY B 2 .  ? -9.213  0.108   3.891   0.54 18.31 ? 101 NJY A CBD 1 
HETATM 815 N NBF . NJY B 2 .  ? -9.527  -0.995  4.560   0.54 18.51 ? 101 NJY A NBF 1 
HETATM 816 C CBG . NJY B 2 .  ? -10.889 -1.197  5.056   0.54 20.78 ? 101 NJY A CBG 1 
HETATM 817 C CBU . NJY B 2 .  ? -11.022 -0.808  6.541   0.54 20.02 ? 101 NJY A CBU 1 
HETATM 818 C CBN . NJY B 2 .  ? -11.237 -2.654  4.872   0.54 21.43 ? 101 NJY A CBN 1 
HETATM 819 O O   . HOH C 3 .  ? 11.777  2.214   11.099  1.00 38.30 ? 201 HOH A O   1 
HETATM 820 O O   . HOH C 3 .  ? -5.775  2.648   -10.828 1.00 38.20 ? 202 HOH A O   1 
HETATM 821 O O   . HOH C 3 .  ? -2.177  -13.515 -9.339  1.00 40.77 ? 203 HOH A O   1 
HETATM 822 O O   . HOH C 3 .  ? -2.976  -14.637 -1.505  1.00 38.47 ? 204 HOH A O   1 
HETATM 823 O O   . HOH C 3 .  ? 3.601   2.767   13.951  1.00 24.50 ? 205 HOH A O   1 
HETATM 824 O O   . HOH C 3 .  ? -10.891 7.503   -0.814  0.50 17.71 ? 206 HOH A O   1 
HETATM 825 O O   . HOH C 3 .  ? 6.902   -9.146  -3.944  1.00 27.48 ? 207 HOH A O   1 
HETATM 826 O O   . HOH C 3 .  ? 5.232   -9.996  -9.827  1.00 27.75 ? 208 HOH A O   1 
HETATM 827 O O   . HOH C 3 .  ? 2.574   -5.428  -13.370 1.00 38.80 ? 209 HOH A O   1 
HETATM 828 O O   . HOH C 3 .  ? 4.354   -0.063  -12.578 1.00 35.43 ? 210 HOH A O   1 
HETATM 829 O O   . HOH C 3 .  ? -10.962 -10.990 1.692   1.00 36.86 ? 211 HOH A O   1 
HETATM 830 O O   . HOH C 3 .  ? -3.652  -4.483  2.899   1.00 21.44 ? 212 HOH A O   1 
HETATM 831 O O   . HOH C 3 .  ? 5.967   14.346  -3.377  1.00 24.94 ? 213 HOH A O   1 
HETATM 832 O O   . HOH C 3 .  ? 6.102   14.434  2.002   1.00 24.11 ? 214 HOH A O   1 
HETATM 833 O O   . HOH C 3 .  ? -0.595  -14.984 -4.201  1.00 39.69 ? 215 HOH A O   1 
HETATM 834 O O   . HOH C 3 .  ? -6.098  4.851   9.502   1.00 17.83 ? 216 HOH A O   1 
HETATM 835 O O   . HOH C 3 .  ? -7.963  -3.121  -11.650 1.00 35.53 ? 217 HOH A O   1 
HETATM 836 O O   . HOH C 3 .  ? 0.266   5.361   -7.833  1.00 28.65 ? 218 HOH A O   1 
HETATM 837 O O   . HOH C 3 .  ? 7.065   16.838  13.884  1.00 34.68 ? 219 HOH A O   1 
HETATM 838 O O   . HOH C 3 .  ? -5.595  -0.035  -11.656 1.00 37.94 ? 220 HOH A O   1 
HETATM 839 O O   . HOH C 3 .  ? -8.581  4.670   8.129   1.00 18.61 ? 221 HOH A O   1 
HETATM 840 O O   . HOH C 3 .  ? 0.417   -0.725  -8.870  1.00 31.72 ? 222 HOH A O   1 
HETATM 841 O O   . HOH C 3 .  ? -17.263 4.413   1.326   1.00 35.38 ? 223 HOH A O   1 
HETATM 842 O O   . HOH C 3 .  ? 2.925   16.839  -3.719  1.00 23.45 ? 224 HOH A O   1 
HETATM 843 O O   . HOH C 3 .  ? -4.434  -1.865  9.683   1.00 28.31 ? 225 HOH A O   1 
HETATM 844 O O   . HOH C 3 .  ? 6.127   -11.565 -2.279  1.00 36.35 ? 226 HOH A O   1 
HETATM 845 O O   . HOH C 3 .  ? -10.698 -5.913  -9.016  1.00 47.45 ? 227 HOH A O   1 
HETATM 846 O O   . HOH C 3 .  ? 10.257  -6.831  -2.888  1.00 32.23 ? 228 HOH A O   1 
HETATM 847 O O   . HOH C 3 .  ? -0.710  -11.095 4.955   1.00 31.28 ? 229 HOH A O   1 
HETATM 848 O O   . HOH C 3 .  ? 2.066   2.000   -10.268 1.00 33.94 ? 230 HOH A O   1 
HETATM 849 O O   . HOH C 3 .  ? 9.908   -2.196  -12.473 1.00 24.25 ? 231 HOH A O   1 
HETATM 850 O O   . HOH C 3 .  ? 11.844  6.169   -1.296  1.00 33.83 ? 232 HOH A O   1 
HETATM 851 O O   . HOH C 3 .  ? -1.066  -7.130  6.506   1.00 24.28 ? 233 HOH A O   1 
HETATM 852 O O   . HOH C 3 .  ? 4.390   3.832   -9.680  1.00 23.37 ? 234 HOH A O   1 
HETATM 853 O O   . HOH C 3 .  ? 14.530  -4.332  6.078   1.00 35.04 ? 235 HOH A O   1 
HETATM 854 O O   . HOH C 3 .  ? 7.497   17.815  2.294   1.00 34.04 ? 236 HOH A O   1 
HETATM 855 O O   . HOH C 3 .  ? 10.205  -7.830  -5.144  1.00 29.43 ? 237 HOH A O   1 
HETATM 856 O O   . HOH C 3 .  ? 10.531  15.684  3.866   1.00 27.79 ? 238 HOH A O   1 
HETATM 857 O O   . HOH C 3 .  ? 1.712   12.638  -6.761  1.00 43.01 ? 239 HOH A O   1 
HETATM 858 O O   . HOH C 3 .  ? 12.520  0.225   -1.652  1.00 42.83 ? 240 HOH A O   1 
HETATM 859 O O   . HOH C 3 .  ? -2.397  11.340  -4.175  1.00 28.37 ? 241 HOH A O   1 
HETATM 860 O O   . HOH C 3 .  ? 8.141   13.493  0.569   1.00 31.36 ? 242 HOH A O   1 
HETATM 861 O O   . HOH C 3 .  ? -10.238 -12.919 3.387   1.00 34.30 ? 243 HOH A O   1 
# 
loop_
_pdbx_poly_seq_scheme.asym_id 
_pdbx_poly_seq_scheme.entity_id 
_pdbx_poly_seq_scheme.seq_id 
_pdbx_poly_seq_scheme.mon_id 
_pdbx_poly_seq_scheme.ndb_seq_num 
_pdbx_poly_seq_scheme.pdb_seq_num 
_pdbx_poly_seq_scheme.auth_seq_num 
_pdbx_poly_seq_scheme.pdb_mon_id 
_pdbx_poly_seq_scheme.auth_mon_id 
_pdbx_poly_seq_scheme.pdb_strand_id 
_pdbx_poly_seq_scheme.pdb_ins_code 
_pdbx_poly_seq_scheme.hetero 
A 1 1  PRO 1  1  1  PRO PRO A . n 
A 1 2  GLN 2  2  2  GLN GLN A . n 
A 1 3  ILE 3  3  3  ILE ILE A . n 
A 1 4  THR 4  4  4  THR THR A . n 
A 1 5  LEU 5  5  5  LEU LEU A . n 
A 1 6  TRP 6  6  6  TRP TRP A . n 
A 1 7  GLN 7  7  7  GLN GLN A . n 
A 1 8  ARG 8  8  8  ARG ARG A . n 
A 1 9  PRO 9  9  9  PRO PRO A . n 
A 1 10 LEU 10 10 10 LEU LEU A . n 
A 1 11 VAL 11 11 11 VAL VAL A . n 
A 1 12 THR 12 12 12 THR THR A . n 
A 1 13 ILE 13 13 13 ILE ILE A . n 
A 1 14 LYS 14 14 14 LYS LYS A . n 
A 1 15 ILE 15 15 15 ILE ILE A . n 
A 1 16 GLY 16 16 16 GLY GLY A . n 
A 1 17 GLY 17 17 17 GLY GLY A . n 
A 1 18 GLN 18 18 18 GLN GLN A . n 
A 1 19 LEU 19 19 19 LEU LEU A . n 
A 1 20 LYS 20 20 20 LYS LYS A . n 
A 1 21 GLU 21 21 21 GLU GLU A . n 
A 1 22 ALA 22 22 22 ALA ALA A . n 
A 1 23 LEU 23 23 23 LEU LEU A . n 
A 1 24 LEU 24 24 24 LEU LEU A . n 
A 1 25 ASP 25 25 25 ASP ASP A . n 
A 1 26 THR 26 26 26 THR THR A . n 
A 1 27 GLY 27 27 27 GLY GLY A . n 
A 1 28 ALA 28 28 28 ALA ALA A . n 
A 1 29 ASP 29 29 29 ASP ASP A . n 
A 1 30 ASP 30 30 30 ASP ASP A . n 
A 1 31 THR 31 31 31 THR THR A . n 
A 1 32 VAL 32 32 32 VAL VAL A . n 
A 1 33 LEU 33 33 33 LEU LEU A . n 
A 1 34 GLU 34 34 34 GLU GLU A . n 
A 1 35 GLU 35 35 35 GLU GLU A . n 
A 1 36 MET 36 36 36 MET MET A . n 
A 1 37 ASN 37 37 37 ASN ASN A . n 
A 1 38 LEU 38 38 38 LEU LEU A . n 
A 1 39 PRO 39 39 39 PRO PRO A . n 
A 1 40 GLY 40 40 40 GLY GLY A . n 
A 1 41 ARG 41 41 41 ARG ARG A . n 
A 1 42 TRP 42 42 42 TRP TRP A . n 
A 1 43 LYS 43 43 43 LYS LYS A . n 
A 1 44 PRO 44 44 44 PRO PRO A . n 
A 1 45 LYS 45 45 45 LYS LYS A . n 
A 1 46 MET 46 46 46 MET MET A . n 
A 1 47 ILE 47 47 47 ILE ILE A . n 
A 1 48 GLY 48 48 48 GLY GLY A . n 
A 1 49 GLY 49 49 49 GLY GLY A . n 
A 1 50 ILE 50 50 50 ILE ILE A . n 
A 1 51 GLY 51 51 51 GLY GLY A . n 
A 1 52 GLY 52 52 52 GLY GLY A . n 
A 1 53 PHE 53 53 53 PHE PHE A . n 
A 1 54 ILE 54 54 54 ILE ILE A . n 
A 1 55 LYS 55 55 55 LYS LYS A . n 
A 1 56 VAL 56 56 56 VAL VAL A . n 
A 1 57 ARG 57 57 57 ARG ARG A . n 
A 1 58 GLN 58 58 58 GLN GLN A . n 
A 1 59 TYR 59 59 59 TYR TYR A . n 
A 1 60 ASP 60 60 60 ASP ASP A . n 
A 1 61 GLN 61 61 61 GLN GLN A . n 
A 1 62 ILE 62 62 62 ILE ILE A . n 
A 1 63 LEU 63 63 63 LEU LEU A . n 
A 1 64 ILE 64 64 64 ILE ILE A . n 
A 1 65 GLU 65 65 65 GLU GLU A . n 
A 1 66 ILE 66 66 66 ILE ILE A . n 
A 1 67 CYS 67 67 67 CYS CYS A . n 
A 1 68 GLY 68 68 68 GLY GLY A . n 
A 1 69 HIS 69 69 69 HIS HIS A . n 
A 1 70 LYS 70 70 70 LYS LYS A . n 
A 1 71 ALA 71 71 71 ALA ALA A . n 
A 1 72 ILE 72 72 72 ILE ILE A . n 
A 1 73 GLY 73 73 73 GLY GLY A . n 
A 1 74 THR 74 74 74 THR THR A . n 
A 1 75 VAL 75 75 75 VAL VAL A . n 
A 1 76 LEU 76 76 76 LEU LEU A . n 
A 1 77 VAL 77 77 77 VAL VAL A . n 
A 1 78 GLY 78 78 78 GLY GLY A . n 
A 1 79 PRO 79 79 79 PRO PRO A . n 
A 1 80 THR 80 80 80 THR THR A . n 
A 1 81 PRO 81 81 81 PRO PRO A . n 
A 1 82 VAL 82 82 82 VAL VAL A . n 
A 1 83 ASN 83 83 83 ASN ASN A . n 
A 1 84 ILE 84 84 84 ILE ILE A . n 
A 1 85 ILE 85 85 85 ILE ILE A . n 
A 1 86 GLY 86 86 86 GLY GLY A . n 
A 1 87 ARG 87 87 87 ARG ARG A . n 
A 1 88 ASN 88 88 88 ASN ASN A . n 
A 1 89 LEU 89 89 89 LEU LEU A . n 
A 1 90 LEU 90 90 90 LEU LEU A . n 
A 1 91 THR 91 91 91 THR THR A . n 
A 1 92 GLN 92 92 92 GLN GLN A . n 
A 1 93 ILE 93 93 93 ILE ILE A . n 
A 1 94 GLY 94 94 94 GLY GLY A . n 
A 1 95 CYS 95 95 95 CYS CYS A . n 
A 1 96 THR 96 96 96 THR THR A . n 
A 1 97 LEU 97 97 97 LEU LEU A . n 
A 1 98 ASN 98 98 98 ASN ASN A . n 
A 1 99 PHE 99 99 99 PHE PHE A . n 
# 
loop_
_pdbx_nonpoly_scheme.asym_id 
_pdbx_nonpoly_scheme.entity_id 
_pdbx_nonpoly_scheme.mon_id 
_pdbx_nonpoly_scheme.ndb_seq_num 
_pdbx_nonpoly_scheme.pdb_seq_num 
_pdbx_nonpoly_scheme.auth_seq_num 
_pdbx_nonpoly_scheme.pdb_mon_id 
_pdbx_nonpoly_scheme.auth_mon_id 
_pdbx_nonpoly_scheme.pdb_strand_id 
_pdbx_nonpoly_scheme.pdb_ins_code 
B 2 NJY 1  101 1  NJY DRG A . 
C 3 HOH 1  201 32 HOH HOH A . 
C 3 HOH 2  202 40 HOH HOH A . 
C 3 HOH 3  203 39 HOH HOH A . 
C 3 HOH 4  204 24 HOH HOH A . 
C 3 HOH 5  205 15 HOH HOH A . 
C 3 HOH 6  206 1  HOH HOH A . 
C 3 HOH 7  207 17 HOH HOH A . 
C 3 HOH 8  208 12 HOH HOH A . 
C 3 HOH 9  209 29 HOH HOH A . 
C 3 HOH 10 210 45 HOH HOH A . 
C 3 HOH 11 211 44 HOH HOH A . 
C 3 HOH 12 212 4  HOH HOH A . 
C 3 HOH 13 213 11 HOH HOH A . 
C 3 HOH 14 214 14 HOH HOH A . 
C 3 HOH 15 215 42 HOH HOH A . 
C 3 HOH 16 216 2  HOH HOH A . 
C 3 HOH 17 217 43 HOH HOH A . 
C 3 HOH 18 218 8  HOH HOH A . 
C 3 HOH 19 219 33 HOH HOH A . 
C 3 HOH 20 220 38 HOH HOH A . 
C 3 HOH 21 221 3  HOH HOH A . 
C 3 HOH 22 222 26 HOH HOH A . 
C 3 HOH 23 223 31 HOH HOH A . 
C 3 HOH 24 224 6  HOH HOH A . 
C 3 HOH 25 225 9  HOH HOH A . 
C 3 HOH 26 226 21 HOH HOH A . 
C 3 HOH 27 227 36 HOH HOH A . 
C 3 HOH 28 228 20 HOH HOH A . 
C 3 HOH 29 229 25 HOH HOH A . 
C 3 HOH 30 230 23 HOH HOH A . 
C 3 HOH 31 231 5  HOH HOH A . 
C 3 HOH 32 232 28 HOH HOH A . 
C 3 HOH 33 233 7  HOH HOH A . 
C 3 HOH 34 234 10 HOH HOH A . 
C 3 HOH 35 235 18 HOH HOH A . 
C 3 HOH 36 236 35 HOH HOH A . 
C 3 HOH 37 237 16 HOH HOH A . 
C 3 HOH 38 238 22 HOH HOH A . 
C 3 HOH 39 239 30 HOH HOH A . 
C 3 HOH 40 240 34 HOH HOH A . 
C 3 HOH 41 241 27 HOH HOH A . 
C 3 HOH 42 242 13 HOH HOH A . 
C 3 HOH 43 243 41 HOH HOH A . 
# 
_pdbx_struct_assembly.id                   1 
_pdbx_struct_assembly.details              author_and_software_defined_assembly 
_pdbx_struct_assembly.method_details       PISA 
_pdbx_struct_assembly.oligomeric_details   dimeric 
_pdbx_struct_assembly.oligomeric_count     2 
# 
_pdbx_struct_assembly_gen.assembly_id       1 
_pdbx_struct_assembly_gen.oper_expression   1,2 
_pdbx_struct_assembly_gen.asym_id_list      A,B,C 
# 
loop_
_pdbx_struct_assembly_prop.biol_id 
_pdbx_struct_assembly_prop.type 
_pdbx_struct_assembly_prop.value 
_pdbx_struct_assembly_prop.details 
1 'ABSA (A^2)' 4050 ? 
1 MORE         -21  ? 
1 'SSA (A^2)'  9440 ? 
# 
loop_
_pdbx_struct_oper_list.id 
_pdbx_struct_oper_list.type 
_pdbx_struct_oper_list.name 
_pdbx_struct_oper_list.symmetry_operation 
_pdbx_struct_oper_list.matrix[1][1] 
_pdbx_struct_oper_list.matrix[1][2] 
_pdbx_struct_oper_list.matrix[1][3] 
_pdbx_struct_oper_list.vector[1] 
_pdbx_struct_oper_list.matrix[2][1] 
_pdbx_struct_oper_list.matrix[2][2] 
_pdbx_struct_oper_list.matrix[2][3] 
_pdbx_struct_oper_list.vector[2] 
_pdbx_struct_oper_list.matrix[3][1] 
_pdbx_struct_oper_list.matrix[3][2] 
_pdbx_struct_oper_list.matrix[3][3] 
_pdbx_struct_oper_list.vector[3] 
1 'identity operation'         1_555 x,y,z      1.0000000000 0.0000000000 0.0000000000 0.0000000000  0.0000000000 1.0000000000  0.0000000000 0.0000000000  0.0000000000 0.0000000000 1.0000000000  0.0000000000 
2 'crystal symmetry operation' 7_555 y,x,-z+1/3 0.2127023498 0.2645230037 0.9406302626 -9.7931677244 0.2645230037 -0.9423004173 0.2051767629 17.6194908763 0.9406302626 0.2051767629 -0.2704019325 7.6708534144 
# 
loop_
_pdbx_struct_special_symmetry.id 
_pdbx_struct_special_symmetry.PDB_model_num 
_pdbx_struct_special_symmetry.auth_asym_id 
_pdbx_struct_special_symmetry.auth_comp_id 
_pdbx_struct_special_symmetry.auth_seq_id 
_pdbx_struct_special_symmetry.PDB_ins_code 
_pdbx_struct_special_symmetry.label_asym_id 
_pdbx_struct_special_symmetry.label_comp_id 
_pdbx_struct_special_symmetry.label_seq_id 
1 1 A NJY 101 ? B NJY . 
2 1 A HOH 206 ? C HOH . 
# 
loop_
_pdbx_audit_revision_history.ordinal 
_pdbx_audit_revision_history.data_content_type 
_pdbx_audit_revision_history.major_revision 
_pdbx_audit_revision_history.minor_revision 
_pdbx_audit_revision_history.revision_date 
1 'Structure model' 1 0 2020-05-20 
2 'Structure model' 1 1 2020-08-26 
3 'Structure model' 1 2 2021-04-28 
4 'Structure model' 1 3 2021-06-09 
5 'Structure model' 1 4 2023-10-11 
# 
_pdbx_audit_revision_details.ordinal             1 
_pdbx_audit_revision_details.revision_ordinal    1 
_pdbx_audit_revision_details.data_content_type   'Structure model' 
_pdbx_audit_revision_details.provider            repository 
_pdbx_audit_revision_details.type                'Initial release' 
_pdbx_audit_revision_details.description         ? 
_pdbx_audit_revision_details.details             ? 
# 
loop_
_pdbx_audit_revision_group.ordinal 
_pdbx_audit_revision_group.revision_ordinal 
_pdbx_audit_revision_group.data_content_type 
_pdbx_audit_revision_group.group 
1 2 'Structure model' 'Database references'    
2 3 'Structure model' 'Data collection'        
3 4 'Structure model' 'Derived calculations'   
4 5 'Structure model' 'Data collection'        
5 5 'Structure model' 'Database references'    
6 5 'Structure model' 'Refinement description' 
# 
loop_
_pdbx_audit_revision_category.ordinal 
_pdbx_audit_revision_category.revision_ordinal 
_pdbx_audit_revision_category.data_content_type 
_pdbx_audit_revision_category.category 
1  2 'Structure model' citation                      
2  2 'Structure model' citation_author               
3  3 'Structure model' diffrn_source                 
4  4 'Structure model' pdbx_struct_assembly          
5  4 'Structure model' pdbx_struct_assembly_gen      
6  4 'Structure model' pdbx_struct_assembly_prop     
7  5 'Structure model' chem_comp_atom                
8  5 'Structure model' chem_comp_bond                
9  5 'Structure model' database_2                    
10 5 'Structure model' pdbx_initial_refinement_model 
# 
loop_
_pdbx_audit_revision_item.ordinal 
_pdbx_audit_revision_item.revision_ordinal 
_pdbx_audit_revision_item.data_content_type 
_pdbx_audit_revision_item.item 
1  2 'Structure model' '_citation.country'                        
2  2 'Structure model' '_citation.journal_abbrev'                 
3  2 'Structure model' '_citation.journal_id_CSD'                 
4  2 'Structure model' '_citation.journal_id_ISSN'                
5  2 'Structure model' '_citation.journal_volume'                 
6  2 'Structure model' '_citation.page_first'                     
7  2 'Structure model' '_citation.page_last'                      
8  2 'Structure model' '_citation.pdbx_database_id_DOI'           
9  2 'Structure model' '_citation.pdbx_database_id_PubMed'        
10 2 'Structure model' '_citation.title'                          
11 2 'Structure model' '_citation.year'                           
12 3 'Structure model' '_diffrn_source.pdbx_synchrotron_beamline' 
13 3 'Structure model' '_diffrn_source.type'                      
14 4 'Structure model' '_pdbx_struct_assembly_prop.biol_id'       
15 5 'Structure model' '_database_2.pdbx_DOI'                     
16 5 'Structure model' '_database_2.pdbx_database_accession'      
# 
loop_
_software.citation_id 
_software.classification 
_software.compiler_name 
_software.compiler_version 
_software.contact_author 
_software.contact_author_email 
_software.date 
_software.description 
_software.dependencies 
_software.hardware 
_software.language 
_software.location 
_software.mods 
_software.name 
_software.os 
_software.os_version 
_software.type 
_software.version 
_software.pdbx_ordinal 
? refinement       ? ? ? ? ? ? ? ? ? ? ? REFMAC   ? ? ? 5.8.0238 1 
? 'data reduction' ? ? ? ? ? ? ? ? ? ? ? HKL-2000 ? ? ? .        2 
? 'data scaling'   ? ? ? ? ? ? ? ? ? ? ? xia2     ? ? ? .        3 
? phasing          ? ? ? ? ? ? ? ? ? ? ? MOLREP   ? ? ? .        4 
# 
loop_
_pdbx_validate_close_contact.id 
_pdbx_validate_close_contact.PDB_model_num 
_pdbx_validate_close_contact.auth_atom_id_1 
_pdbx_validate_close_contact.auth_asym_id_1 
_pdbx_validate_close_contact.auth_comp_id_1 
_pdbx_validate_close_contact.auth_seq_id_1 
_pdbx_validate_close_contact.PDB_ins_code_1 
_pdbx_validate_close_contact.label_alt_id_1 
_pdbx_validate_close_contact.auth_atom_id_2 
_pdbx_validate_close_contact.auth_asym_id_2 
_pdbx_validate_close_contact.auth_comp_id_2 
_pdbx_validate_close_contact.auth_seq_id_2 
_pdbx_validate_close_contact.PDB_ins_code_2 
_pdbx_validate_close_contact.label_alt_id_2 
_pdbx_validate_close_contact.dist 
1 1 CE A MET 46 ? ? CD1 A PHE 53 ? B 2.00 
2 1 CE A MET 46 ? ? CE1 A PHE 53 ? B 2.12 
# 
_pdbx_validate_symm_contact.id                1 
_pdbx_validate_symm_contact.PDB_model_num     1 
_pdbx_validate_symm_contact.auth_atom_id_1    OD1 
_pdbx_validate_symm_contact.auth_asym_id_1    A 
_pdbx_validate_symm_contact.auth_comp_id_1    ASN 
_pdbx_validate_symm_contact.auth_seq_id_1     98 
_pdbx_validate_symm_contact.PDB_ins_code_1    ? 
_pdbx_validate_symm_contact.label_alt_id_1    ? 
_pdbx_validate_symm_contact.site_symmetry_1   1_555 
_pdbx_validate_symm_contact.auth_atom_id_2    OD1 
_pdbx_validate_symm_contact.auth_asym_id_2    A 
_pdbx_validate_symm_contact.auth_comp_id_2    ASN 
_pdbx_validate_symm_contact.auth_seq_id_2     98 
_pdbx_validate_symm_contact.PDB_ins_code_2    ? 
_pdbx_validate_symm_contact.label_alt_id_2    ? 
_pdbx_validate_symm_contact.site_symmetry_2   7_555 
_pdbx_validate_symm_contact.dist              1.82 
# 
_pdbx_validate_rmsd_bond.id                        1 
_pdbx_validate_rmsd_bond.PDB_model_num             1 
_pdbx_validate_rmsd_bond.auth_atom_id_1            C 
_pdbx_validate_rmsd_bond.auth_asym_id_1            A 
_pdbx_validate_rmsd_bond.auth_comp_id_1            PHE 
_pdbx_validate_rmsd_bond.auth_seq_id_1             53 
_pdbx_validate_rmsd_bond.PDB_ins_code_1            ? 
_pdbx_validate_rmsd_bond.label_alt_id_1            B 
_pdbx_validate_rmsd_bond.auth_atom_id_2            N 
_pdbx_validate_rmsd_bond.auth_asym_id_2            A 
_pdbx_validate_rmsd_bond.auth_comp_id_2            ILE 
_pdbx_validate_rmsd_bond.auth_seq_id_2             54 
_pdbx_validate_rmsd_bond.PDB_ins_code_2            ? 
_pdbx_validate_rmsd_bond.label_alt_id_2            ? 
_pdbx_validate_rmsd_bond.bond_value                1.190 
_pdbx_validate_rmsd_bond.bond_target_value         1.336 
_pdbx_validate_rmsd_bond.bond_deviation            -0.146 
_pdbx_validate_rmsd_bond.bond_standard_deviation   0.023 
_pdbx_validate_rmsd_bond.linker_flag               Y 
# 
loop_
_pdbx_validate_main_chain_plane.id 
_pdbx_validate_main_chain_plane.PDB_model_num 
_pdbx_validate_main_chain_plane.auth_comp_id 
_pdbx_validate_main_chain_plane.auth_asym_id 
_pdbx_validate_main_chain_plane.auth_seq_id 
_pdbx_validate_main_chain_plane.PDB_ins_code 
_pdbx_validate_main_chain_plane.label_alt_id 
_pdbx_validate_main_chain_plane.improper_torsion_angle 
1 1 GLY A 52 ? ? -12.84 
2 1 GLY A 52 ? ? -13.38 
3 1 PHE A 53 ? A 14.22  
# 
_pdbx_validate_polymer_linkage.id               1 
_pdbx_validate_polymer_linkage.PDB_model_num    1 
_pdbx_validate_polymer_linkage.auth_atom_id_1   C 
_pdbx_validate_polymer_linkage.auth_asym_id_1   A 
_pdbx_validate_polymer_linkage.auth_comp_id_1   PHE 
_pdbx_validate_polymer_linkage.auth_seq_id_1    53 
_pdbx_validate_polymer_linkage.PDB_ins_code_1   ? 
_pdbx_validate_polymer_linkage.label_alt_id_1   B 
_pdbx_validate_polymer_linkage.auth_atom_id_2   N 
_pdbx_validate_polymer_linkage.auth_asym_id_2   A 
_pdbx_validate_polymer_linkage.auth_comp_id_2   ILE 
_pdbx_validate_polymer_linkage.auth_seq_id_2    54 
_pdbx_validate_polymer_linkage.PDB_ins_code_2   ? 
_pdbx_validate_polymer_linkage.label_alt_id_2   ? 
_pdbx_validate_polymer_linkage.dist             1.19 
# 
loop_
_chem_comp_atom.comp_id 
_chem_comp_atom.atom_id 
_chem_comp_atom.type_symbol 
_chem_comp_atom.pdbx_aromatic_flag 
_chem_comp_atom.pdbx_stereo_config 
_chem_comp_atom.pdbx_ordinal 
ALA N    N N N 1   
ALA CA   C N S 2   
ALA C    C N N 3   
ALA O    O N N 4   
ALA CB   C N N 5   
ALA OXT  O N N 6   
ALA H    H N N 7   
ALA H2   H N N 8   
ALA HA   H N N 9   
ALA HB1  H N N 10  
ALA HB2  H N N 11  
ALA HB3  H N N 12  
ALA HXT  H N N 13  
ARG N    N N N 14  
ARG CA   C N S 15  
ARG C    C N N 16  
ARG O    O N N 17  
ARG CB   C N N 18  
ARG CG   C N N 19  
ARG CD   C N N 20  
ARG NE   N N N 21  
ARG CZ   C N N 22  
ARG NH1  N N N 23  
ARG NH2  N N N 24  
ARG OXT  O N N 25  
ARG H    H N N 26  
ARG H2   H N N 27  
ARG HA   H N N 28  
ARG HB2  H N N 29  
ARG HB3  H N N 30  
ARG HG2  H N N 31  
ARG HG3  H N N 32  
ARG HD2  H N N 33  
ARG HD3  H N N 34  
ARG HE   H N N 35  
ARG HH11 H N N 36  
ARG HH12 H N N 37  
ARG HH21 H N N 38  
ARG HH22 H N N 39  
ARG HXT  H N N 40  
ASN N    N N N 41  
ASN CA   C N S 42  
ASN C    C N N 43  
ASN O    O N N 44  
ASN CB   C N N 45  
ASN CG   C N N 46  
ASN OD1  O N N 47  
ASN ND2  N N N 48  
ASN OXT  O N N 49  
ASN H    H N N 50  
ASN H2   H N N 51  
ASN HA   H N N 52  
ASN HB2  H N N 53  
ASN HB3  H N N 54  
ASN HD21 H N N 55  
ASN HD22 H N N 56  
ASN HXT  H N N 57  
ASP N    N N N 58  
ASP CA   C N S 59  
ASP C    C N N 60  
ASP O    O N N 61  
ASP CB   C N N 62  
ASP CG   C N N 63  
ASP OD1  O N N 64  
ASP OD2  O N N 65  
ASP OXT  O N N 66  
ASP H    H N N 67  
ASP H2   H N N 68  
ASP HA   H N N 69  
ASP HB2  H N N 70  
ASP HB3  H N N 71  
ASP HD2  H N N 72  
ASP HXT  H N N 73  
CYS N    N N N 74  
CYS CA   C N R 75  
CYS C    C N N 76  
CYS O    O N N 77  
CYS CB   C N N 78  
CYS SG   S N N 79  
CYS OXT  O N N 80  
CYS H    H N N 81  
CYS H2   H N N 82  
CYS HA   H N N 83  
CYS HB2  H N N 84  
CYS HB3  H N N 85  
CYS HG   H N N 86  
CYS HXT  H N N 87  
GLN N    N N N 88  
GLN CA   C N S 89  
GLN C    C N N 90  
GLN O    O N N 91  
GLN CB   C N N 92  
GLN CG   C N N 93  
GLN CD   C N N 94  
GLN OE1  O N N 95  
GLN NE2  N N N 96  
GLN OXT  O N N 97  
GLN H    H N N 98  
GLN H2   H N N 99  
GLN HA   H N N 100 
GLN HB2  H N N 101 
GLN HB3  H N N 102 
GLN HG2  H N N 103 
GLN HG3  H N N 104 
GLN HE21 H N N 105 
GLN HE22 H N N 106 
GLN HXT  H N N 107 
GLU N    N N N 108 
GLU CA   C N S 109 
GLU C    C N N 110 
GLU O    O N N 111 
GLU CB   C N N 112 
GLU CG   C N N 113 
GLU CD   C N N 114 
GLU OE1  O N N 115 
GLU OE2  O N N 116 
GLU OXT  O N N 117 
GLU H    H N N 118 
GLU H2   H N N 119 
GLU HA   H N N 120 
GLU HB2  H N N 121 
GLU HB3  H N N 122 
GLU HG2  H N N 123 
GLU HG3  H N N 124 
GLU HE2  H N N 125 
GLU HXT  H N N 126 
GLY N    N N N 127 
GLY CA   C N N 128 
GLY C    C N N 129 
GLY O    O N N 130 
GLY OXT  O N N 131 
GLY H    H N N 132 
GLY H2   H N N 133 
GLY HA2  H N N 134 
GLY HA3  H N N 135 
GLY HXT  H N N 136 
HIS N    N N N 137 
HIS CA   C N S 138 
HIS C    C N N 139 
HIS O    O N N 140 
HIS CB   C N N 141 
HIS CG   C Y N 142 
HIS ND1  N Y N 143 
HIS CD2  C Y N 144 
HIS CE1  C Y N 145 
HIS NE2  N Y N 146 
HIS OXT  O N N 147 
HIS H    H N N 148 
HIS H2   H N N 149 
HIS HA   H N N 150 
HIS HB2  H N N 151 
HIS HB3  H N N 152 
HIS HD1  H N N 153 
HIS HD2  H N N 154 
HIS HE1  H N N 155 
HIS HE2  H N N 156 
HIS HXT  H N N 157 
HOH O    O N N 158 
HOH H1   H N N 159 
HOH H2   H N N 160 
ILE N    N N N 161 
ILE CA   C N S 162 
ILE C    C N N 163 
ILE O    O N N 164 
ILE CB   C N S 165 
ILE CG1  C N N 166 
ILE CG2  C N N 167 
ILE CD1  C N N 168 
ILE OXT  O N N 169 
ILE H    H N N 170 
ILE H2   H N N 171 
ILE HA   H N N 172 
ILE HB   H N N 173 
ILE HG12 H N N 174 
ILE HG13 H N N 175 
ILE HG21 H N N 176 
ILE HG22 H N N 177 
ILE HG23 H N N 178 
ILE HD11 H N N 179 
ILE HD12 H N N 180 
ILE HD13 H N N 181 
ILE HXT  H N N 182 
LEU N    N N N 183 
LEU CA   C N S 184 
LEU C    C N N 185 
LEU O    O N N 186 
LEU CB   C N N 187 
LEU CG   C N N 188 
LEU CD1  C N N 189 
LEU CD2  C N N 190 
LEU OXT  O N N 191 
LEU H    H N N 192 
LEU H2   H N N 193 
LEU HA   H N N 194 
LEU HB2  H N N 195 
LEU HB3  H N N 196 
LEU HG   H N N 197 
LEU HD11 H N N 198 
LEU HD12 H N N 199 
LEU HD13 H N N 200 
LEU HD21 H N N 201 
LEU HD22 H N N 202 
LEU HD23 H N N 203 
LEU HXT  H N N 204 
LYS N    N N N 205 
LYS CA   C N S 206 
LYS C    C N N 207 
LYS O    O N N 208 
LYS CB   C N N 209 
LYS CG   C N N 210 
LYS CD   C N N 211 
LYS CE   C N N 212 
LYS NZ   N N N 213 
LYS OXT  O N N 214 
LYS H    H N N 215 
LYS H2   H N N 216 
LYS HA   H N N 217 
LYS HB2  H N N 218 
LYS HB3  H N N 219 
LYS HG2  H N N 220 
LYS HG3  H N N 221 
LYS HD2  H N N 222 
LYS HD3  H N N 223 
LYS HE2  H N N 224 
LYS HE3  H N N 225 
LYS HZ1  H N N 226 
LYS HZ2  H N N 227 
LYS HZ3  H N N 228 
LYS HXT  H N N 229 
MET N    N N N 230 
MET CA   C N S 231 
MET C    C N N 232 
MET O    O N N 233 
MET CB   C N N 234 
MET CG   C N N 235 
MET SD   S N N 236 
MET CE   C N N 237 
MET OXT  O N N 238 
MET H    H N N 239 
MET H2   H N N 240 
MET HA   H N N 241 
MET HB2  H N N 242 
MET HB3  H N N 243 
MET HG2  H N N 244 
MET HG3  H N N 245 
MET HE1  H N N 246 
MET HE2  H N N 247 
MET HE3  H N N 248 
MET HXT  H N N 249 
NJY CAE  C N R 250 
NJY CAH  C N N 251 
NJY CAG  C N R 252 
NJY CAJ  C N N 253 
NJY OAI  O N N 254 
NJY CAA  C N R 255 
NJY OAB  O N N 256 
NJY CAC  C N N 257 
NJY CAD  C N S 258 
NJY CAF  C N S 259 
NJY OAK  O N N 260 
NJY CAL  C N N 261 
NJY OAM  O N N 262 
NJY NAN  N N N 263 
NJY CAO  C N S 264 
NJY CAW  C N N 265 
NJY CBH  C Y N 266 
NJY CBM  C Y N 267 
NJY CBL  C Y N 268 
NJY FBT  F N N 269 
NJY CBK  C Y N 270 
NJY CBJ  C Y N 271 
NJY CBI  C Y N 272 
NJY CAT  C N R 273 
NJY OBO  O N N 274 
NJY CAP  C N N 275 
NJY NAQ  N N N 276 
NJY CBP  C N N 277 
NJY CBQ  C N N 278 
NJY CBS  C N N 279 
NJY CBR  C N N 280 
NJY SAR  S N N 281 
NJY OAU  O N N 282 
NJY OAV  O N N 283 
NJY CAS  C Y N 284 
NJY CAX  C Y N 285 
NJY CBB  C Y N 286 
NJY CBA  C Y N 287 
NJY CAZ  C Y N 288 
NJY NBE  N Y N 289 
NJY CAY  C Y N 290 
NJY OBC  O Y N 291 
NJY CBD  C Y N 292 
NJY NBF  N N N 293 
NJY CBG  C N N 294 
NJY CBU  C N N 295 
NJY CBN  C N N 296 
NJY H1   H N N 297 
NJY H2   H N N 298 
NJY H3   H N N 299 
NJY H4   H N N 300 
NJY H5   H N N 301 
NJY H6   H N N 302 
NJY H7   H N N 303 
NJY H8   H N N 304 
NJY H9   H N N 305 
NJY H10  H N N 306 
NJY H11  H N N 307 
NJY H12  H N N 308 
NJY H13  H N N 309 
NJY H14  H N N 310 
NJY H15  H N N 311 
NJY H16  H N N 312 
NJY H17  H N N 313 
NJY H18  H N N 314 
NJY H19  H N N 315 
NJY H20  H N N 316 
NJY H21  H N N 317 
NJY H22  H N N 318 
NJY H23  H N N 319 
NJY H24  H N N 320 
NJY H25  H N N 321 
NJY H26  H N N 322 
NJY H27  H N N 323 
NJY H28  H N N 324 
NJY H29  H N N 325 
NJY H30  H N N 326 
NJY H31  H N N 327 
NJY H32  H N N 328 
NJY H33  H N N 329 
NJY H34  H N N 330 
NJY H35  H N N 331 
NJY H36  H N N 332 
NJY H37  H N N 333 
NJY H38  H N N 334 
NJY H39  H N N 335 
NJY H40  H N N 336 
NJY H41  H N N 337 
NJY H42  H N N 338 
NJY H43  H N N 339 
PHE N    N N N 340 
PHE CA   C N S 341 
PHE C    C N N 342 
PHE O    O N N 343 
PHE CB   C N N 344 
PHE CG   C Y N 345 
PHE CD1  C Y N 346 
PHE CD2  C Y N 347 
PHE CE1  C Y N 348 
PHE CE2  C Y N 349 
PHE CZ   C Y N 350 
PHE OXT  O N N 351 
PHE H    H N N 352 
PHE H2   H N N 353 
PHE HA   H N N 354 
PHE HB2  H N N 355 
PHE HB3  H N N 356 
PHE HD1  H N N 357 
PHE HD2  H N N 358 
PHE HE1  H N N 359 
PHE HE2  H N N 360 
PHE HZ   H N N 361 
PHE HXT  H N N 362 
PRO N    N N N 363 
PRO CA   C N S 364 
PRO C    C N N 365 
PRO O    O N N 366 
PRO CB   C N N 367 
PRO CG   C N N 368 
PRO CD   C N N 369 
PRO OXT  O N N 370 
PRO H    H N N 371 
PRO HA   H N N 372 
PRO HB2  H N N 373 
PRO HB3  H N N 374 
PRO HG2  H N N 375 
PRO HG3  H N N 376 
PRO HD2  H N N 377 
PRO HD3  H N N 378 
PRO HXT  H N N 379 
THR N    N N N 380 
THR CA   C N S 381 
THR C    C N N 382 
THR O    O N N 383 
THR CB   C N R 384 
THR OG1  O N N 385 
THR CG2  C N N 386 
THR OXT  O N N 387 
THR H    H N N 388 
THR H2   H N N 389 
THR HA   H N N 390 
THR HB   H N N 391 
THR HG1  H N N 392 
THR HG21 H N N 393 
THR HG22 H N N 394 
THR HG23 H N N 395 
THR HXT  H N N 396 
TRP N    N N N 397 
TRP CA   C N S 398 
TRP C    C N N 399 
TRP O    O N N 400 
TRP CB   C N N 401 
TRP CG   C Y N 402 
TRP CD1  C Y N 403 
TRP CD2  C Y N 404 
TRP NE1  N Y N 405 
TRP CE2  C Y N 406 
TRP CE3  C Y N 407 
TRP CZ2  C Y N 408 
TRP CZ3  C Y N 409 
TRP CH2  C Y N 410 
TRP OXT  O N N 411 
TRP H    H N N 412 
TRP H2   H N N 413 
TRP HA   H N N 414 
TRP HB2  H N N 415 
TRP HB3  H N N 416 
TRP HD1  H N N 417 
TRP HE1  H N N 418 
TRP HE3  H N N 419 
TRP HZ2  H N N 420 
TRP HZ3  H N N 421 
TRP HH2  H N N 422 
TRP HXT  H N N 423 
TYR N    N N N 424 
TYR CA   C N S 425 
TYR C    C N N 426 
TYR O    O N N 427 
TYR CB   C N N 428 
TYR CG   C Y N 429 
TYR CD1  C Y N 430 
TYR CD2  C Y N 431 
TYR CE1  C Y N 432 
TYR CE2  C Y N 433 
TYR CZ   C Y N 434 
TYR OH   O N N 435 
TYR OXT  O N N 436 
TYR H    H N N 437 
TYR H2   H N N 438 
TYR HA   H N N 439 
TYR HB2  H N N 440 
TYR HB3  H N N 441 
TYR HD1  H N N 442 
TYR HD2  H N N 443 
TYR HE1  H N N 444 
TYR HE2  H N N 445 
TYR HH   H N N 446 
TYR HXT  H N N 447 
VAL N    N N N 448 
VAL CA   C N S 449 
VAL C    C N N 450 
VAL O    O N N 451 
VAL CB   C N N 452 
VAL CG1  C N N 453 
VAL CG2  C N N 454 
VAL OXT  O N N 455 
VAL H    H N N 456 
VAL H2   H N N 457 
VAL HA   H N N 458 
VAL HB   H N N 459 
VAL HG11 H N N 460 
VAL HG12 H N N 461 
VAL HG13 H N N 462 
VAL HG21 H N N 463 
VAL HG22 H N N 464 
VAL HG23 H N N 465 
VAL HXT  H N N 466 
# 
loop_
_chem_comp_bond.comp_id 
_chem_comp_bond.atom_id_1 
_chem_comp_bond.atom_id_2 
_chem_comp_bond.value_order 
_chem_comp_bond.pdbx_aromatic_flag 
_chem_comp_bond.pdbx_stereo_config 
_chem_comp_bond.pdbx_ordinal 
ALA N   CA   sing N N 1   
ALA N   H    sing N N 2   
ALA N   H2   sing N N 3   
ALA CA  C    sing N N 4   
ALA CA  CB   sing N N 5   
ALA CA  HA   sing N N 6   
ALA C   O    doub N N 7   
ALA C   OXT  sing N N 8   
ALA CB  HB1  sing N N 9   
ALA CB  HB2  sing N N 10  
ALA CB  HB3  sing N N 11  
ALA OXT HXT  sing N N 12  
ARG N   CA   sing N N 13  
ARG N   H    sing N N 14  
ARG N   H2   sing N N 15  
ARG CA  C    sing N N 16  
ARG CA  CB   sing N N 17  
ARG CA  HA   sing N N 18  
ARG C   O    doub N N 19  
ARG C   OXT  sing N N 20  
ARG CB  CG   sing N N 21  
ARG CB  HB2  sing N N 22  
ARG CB  HB3  sing N N 23  
ARG CG  CD   sing N N 24  
ARG CG  HG2  sing N N 25  
ARG CG  HG3  sing N N 26  
ARG CD  NE   sing N N 27  
ARG CD  HD2  sing N N 28  
ARG CD  HD3  sing N N 29  
ARG NE  CZ   sing N N 30  
ARG NE  HE   sing N N 31  
ARG CZ  NH1  sing N N 32  
ARG CZ  NH2  doub N N 33  
ARG NH1 HH11 sing N N 34  
ARG NH1 HH12 sing N N 35  
ARG NH2 HH21 sing N N 36  
ARG NH2 HH22 sing N N 37  
ARG OXT HXT  sing N N 38  
ASN N   CA   sing N N 39  
ASN N   H    sing N N 40  
ASN N   H2   sing N N 41  
ASN CA  C    sing N N 42  
ASN CA  CB   sing N N 43  
ASN CA  HA   sing N N 44  
ASN C   O    doub N N 45  
ASN C   OXT  sing N N 46  
ASN CB  CG   sing N N 47  
ASN CB  HB2  sing N N 48  
ASN CB  HB3  sing N N 49  
ASN CG  OD1  doub N N 50  
ASN CG  ND2  sing N N 51  
ASN ND2 HD21 sing N N 52  
ASN ND2 HD22 sing N N 53  
ASN OXT HXT  sing N N 54  
ASP N   CA   sing N N 55  
ASP N   H    sing N N 56  
ASP N   H2   sing N N 57  
ASP CA  C    sing N N 58  
ASP CA  CB   sing N N 59  
ASP CA  HA   sing N N 60  
ASP C   O    doub N N 61  
ASP C   OXT  sing N N 62  
ASP CB  CG   sing N N 63  
ASP CB  HB2  sing N N 64  
ASP CB  HB3  sing N N 65  
ASP CG  OD1  doub N N 66  
ASP CG  OD2  sing N N 67  
ASP OD2 HD2  sing N N 68  
ASP OXT HXT  sing N N 69  
CYS N   CA   sing N N 70  
CYS N   H    sing N N 71  
CYS N   H2   sing N N 72  
CYS CA  C    sing N N 73  
CYS CA  CB   sing N N 74  
CYS CA  HA   sing N N 75  
CYS C   O    doub N N 76  
CYS C   OXT  sing N N 77  
CYS CB  SG   sing N N 78  
CYS CB  HB2  sing N N 79  
CYS CB  HB3  sing N N 80  
CYS SG  HG   sing N N 81  
CYS OXT HXT  sing N N 82  
GLN N   CA   sing N N 83  
GLN N   H    sing N N 84  
GLN N   H2   sing N N 85  
GLN CA  C    sing N N 86  
GLN CA  CB   sing N N 87  
GLN CA  HA   sing N N 88  
GLN C   O    doub N N 89  
GLN C   OXT  sing N N 90  
GLN CB  CG   sing N N 91  
GLN CB  HB2  sing N N 92  
GLN CB  HB3  sing N N 93  
GLN CG  CD   sing N N 94  
GLN CG  HG2  sing N N 95  
GLN CG  HG3  sing N N 96  
GLN CD  OE1  doub N N 97  
GLN CD  NE2  sing N N 98  
GLN NE2 HE21 sing N N 99  
GLN NE2 HE22 sing N N 100 
GLN OXT HXT  sing N N 101 
GLU N   CA   sing N N 102 
GLU N   H    sing N N 103 
GLU N   H2   sing N N 104 
GLU CA  C    sing N N 105 
GLU CA  CB   sing N N 106 
GLU CA  HA   sing N N 107 
GLU C   O    doub N N 108 
GLU C   OXT  sing N N 109 
GLU CB  CG   sing N N 110 
GLU CB  HB2  sing N N 111 
GLU CB  HB3  sing N N 112 
GLU CG  CD   sing N N 113 
GLU CG  HG2  sing N N 114 
GLU CG  HG3  sing N N 115 
GLU CD  OE1  doub N N 116 
GLU CD  OE2  sing N N 117 
GLU OE2 HE2  sing N N 118 
GLU OXT HXT  sing N N 119 
GLY N   CA   sing N N 120 
GLY N   H    sing N N 121 
GLY N   H2   sing N N 122 
GLY CA  C    sing N N 123 
GLY CA  HA2  sing N N 124 
GLY CA  HA3  sing N N 125 
GLY C   O    doub N N 126 
GLY C   OXT  sing N N 127 
GLY OXT HXT  sing N N 128 
HIS N   CA   sing N N 129 
HIS N   H    sing N N 130 
HIS N   H2   sing N N 131 
HIS CA  C    sing N N 132 
HIS CA  CB   sing N N 133 
HIS CA  HA   sing N N 134 
HIS C   O    doub N N 135 
HIS C   OXT  sing N N 136 
HIS CB  CG   sing N N 137 
HIS CB  HB2  sing N N 138 
HIS CB  HB3  sing N N 139 
HIS CG  ND1  sing Y N 140 
HIS CG  CD2  doub Y N 141 
HIS ND1 CE1  doub Y N 142 
HIS ND1 HD1  sing N N 143 
HIS CD2 NE2  sing Y N 144 
HIS CD2 HD2  sing N N 145 
HIS CE1 NE2  sing Y N 146 
HIS CE1 HE1  sing N N 147 
HIS NE2 HE2  sing N N 148 
HIS OXT HXT  sing N N 149 
HOH O   H1   sing N N 150 
HOH O   H2   sing N N 151 
ILE N   CA   sing N N 152 
ILE N   H    sing N N 153 
ILE N   H2   sing N N 154 
ILE CA  C    sing N N 155 
ILE CA  CB   sing N N 156 
ILE CA  HA   sing N N 157 
ILE C   O    doub N N 158 
ILE C   OXT  sing N N 159 
ILE CB  CG1  sing N N 160 
ILE CB  CG2  sing N N 161 
ILE CB  HB   sing N N 162 
ILE CG1 CD1  sing N N 163 
ILE CG1 HG12 sing N N 164 
ILE CG1 HG13 sing N N 165 
ILE CG2 HG21 sing N N 166 
ILE CG2 HG22 sing N N 167 
ILE CG2 HG23 sing N N 168 
ILE CD1 HD11 sing N N 169 
ILE CD1 HD12 sing N N 170 
ILE CD1 HD13 sing N N 171 
ILE OXT HXT  sing N N 172 
LEU N   CA   sing N N 173 
LEU N   H    sing N N 174 
LEU N   H2   sing N N 175 
LEU CA  C    sing N N 176 
LEU CA  CB   sing N N 177 
LEU CA  HA   sing N N 178 
LEU C   O    doub N N 179 
LEU C   OXT  sing N N 180 
LEU CB  CG   sing N N 181 
LEU CB  HB2  sing N N 182 
LEU CB  HB3  sing N N 183 
LEU CG  CD1  sing N N 184 
LEU CG  CD2  sing N N 185 
LEU CG  HG   sing N N 186 
LEU CD1 HD11 sing N N 187 
LEU CD1 HD12 sing N N 188 
LEU CD1 HD13 sing N N 189 
LEU CD2 HD21 sing N N 190 
LEU CD2 HD22 sing N N 191 
LEU CD2 HD23 sing N N 192 
LEU OXT HXT  sing N N 193 
LYS N   CA   sing N N 194 
LYS N   H    sing N N 195 
LYS N   H2   sing N N 196 
LYS CA  C    sing N N 197 
LYS CA  CB   sing N N 198 
LYS CA  HA   sing N N 199 
LYS C   O    doub N N 200 
LYS C   OXT  sing N N 201 
LYS CB  CG   sing N N 202 
LYS CB  HB2  sing N N 203 
LYS CB  HB3  sing N N 204 
LYS CG  CD   sing N N 205 
LYS CG  HG2  sing N N 206 
LYS CG  HG3  sing N N 207 
LYS CD  CE   sing N N 208 
LYS CD  HD2  sing N N 209 
LYS CD  HD3  sing N N 210 
LYS CE  NZ   sing N N 211 
LYS CE  HE2  sing N N 212 
LYS CE  HE3  sing N N 213 
LYS NZ  HZ1  sing N N 214 
LYS NZ  HZ2  sing N N 215 
LYS NZ  HZ3  sing N N 216 
LYS OXT HXT  sing N N 217 
MET N   CA   sing N N 218 
MET N   H    sing N N 219 
MET N   H2   sing N N 220 
MET CA  C    sing N N 221 
MET CA  CB   sing N N 222 
MET CA  HA   sing N N 223 
MET C   O    doub N N 224 
MET C   OXT  sing N N 225 
MET CB  CG   sing N N 226 
MET CB  HB2  sing N N 227 
MET CB  HB3  sing N N 228 
MET CG  SD   sing N N 229 
MET CG  HG2  sing N N 230 
MET CG  HG3  sing N N 231 
MET SD  CE   sing N N 232 
MET CE  HE1  sing N N 233 
MET CE  HE2  sing N N 234 
MET CE  HE3  sing N N 235 
MET OXT HXT  sing N N 236 
NJY CBN CBG  sing N N 237 
NJY CBG NBF  sing N N 238 
NJY CBG CBU  sing N N 239 
NJY NBF CBD  sing N N 240 
NJY CBD NBE  doub Y N 241 
NJY CBD OBC  sing Y N 242 
NJY NBE CAZ  sing Y N 243 
NJY OBC CAY  sing Y N 244 
NJY CAZ CAY  doub Y N 245 
NJY CAZ CBA  sing Y N 246 
NJY CAY CAX  sing Y N 247 
NJY CBA CBB  doub Y N 248 
NJY CAX CAS  doub Y N 249 
NJY CBB CAS  sing Y N 250 
NJY CAS SAR  sing N N 251 
NJY SAR OAU  doub N N 252 
NJY SAR OAV  doub N N 253 
NJY SAR NAQ  sing N N 254 
NJY CBP NAQ  sing N N 255 
NJY CBP CBQ  sing N N 256 
NJY NAQ CAP  sing N N 257 
NJY CAP CAT  sing N N 258 
NJY CBR CBQ  sing N N 259 
NJY CBQ CBS  sing N N 260 
NJY CAT OBO  sing N N 261 
NJY CAT CAO  sing N N 262 
NJY CAW CBH  sing N N 263 
NJY CAW CAO  sing N N 264 
NJY CBM CBH  doub Y N 265 
NJY CBM CBL  sing Y N 266 
NJY FBT CBL  sing N N 267 
NJY CBH CBI  sing Y N 268 
NJY CAO NAN  sing N N 269 
NJY CBL CBK  doub Y N 270 
NJY CBI CBJ  doub Y N 271 
NJY CBK CBJ  sing Y N 272 
NJY NAN CAL  sing N N 273 
NJY OAM CAL  doub N N 274 
NJY CAL OAK  sing N N 275 
NJY OAK CAF  sing N N 276 
NJY CAF CAD  sing N N 277 
NJY CAF CAG  sing N N 278 
NJY CAC CAD  sing N N 279 
NJY CAC OAB  sing N N 280 
NJY CAD CAE  sing N N 281 
NJY CAG CAJ  sing N N 282 
NJY CAG CAH  sing N N 283 
NJY OAB CAA  sing N N 284 
NJY CAJ OAI  sing N N 285 
NJY CAE CAH  sing N N 286 
NJY CAE CAA  sing N N 287 
NJY CAA OAI  sing N N 288 
NJY CAE H1   sing N N 289 
NJY CAH H2   sing N N 290 
NJY CAH H3   sing N N 291 
NJY CAG H4   sing N N 292 
NJY CAJ H5   sing N N 293 
NJY CAJ H6   sing N N 294 
NJY CAA H7   sing N N 295 
NJY CAC H8   sing N N 296 
NJY CAC H9   sing N N 297 
NJY CAD H10  sing N N 298 
NJY CAF H11  sing N N 299 
NJY NAN H12  sing N N 300 
NJY CAO H13  sing N N 301 
NJY CAW H14  sing N N 302 
NJY CAW H15  sing N N 303 
NJY CBM H16  sing N N 304 
NJY CBK H17  sing N N 305 
NJY CBJ H18  sing N N 306 
NJY CBI H19  sing N N 307 
NJY CAT H20  sing N N 308 
NJY OBO H21  sing N N 309 
NJY CAP H22  sing N N 310 
NJY CAP H23  sing N N 311 
NJY CBP H24  sing N N 312 
NJY CBP H25  sing N N 313 
NJY CBQ H26  sing N N 314 
NJY CBS H27  sing N N 315 
NJY CBS H28  sing N N 316 
NJY CBS H29  sing N N 317 
NJY CBR H30  sing N N 318 
NJY CBR H31  sing N N 319 
NJY CBR H32  sing N N 320 
NJY CAX H33  sing N N 321 
NJY CBB H34  sing N N 322 
NJY CBA H35  sing N N 323 
NJY NBF H36  sing N N 324 
NJY CBG H37  sing N N 325 
NJY CBU H38  sing N N 326 
NJY CBU H39  sing N N 327 
NJY CBU H40  sing N N 328 
NJY CBN H41  sing N N 329 
NJY CBN H42  sing N N 330 
NJY CBN H43  sing N N 331 
PHE N   CA   sing N N 332 
PHE N   H    sing N N 333 
PHE N   H2   sing N N 334 
PHE CA  C    sing N N 335 
PHE CA  CB   sing N N 336 
PHE CA  HA   sing N N 337 
PHE C   O    doub N N 338 
PHE C   OXT  sing N N 339 
PHE CB  CG   sing N N 340 
PHE CB  HB2  sing N N 341 
PHE CB  HB3  sing N N 342 
PHE CG  CD1  doub Y N 343 
PHE CG  CD2  sing Y N 344 
PHE CD1 CE1  sing Y N 345 
PHE CD1 HD1  sing N N 346 
PHE CD2 CE2  doub Y N 347 
PHE CD2 HD2  sing N N 348 
PHE CE1 CZ   doub Y N 349 
PHE CE1 HE1  sing N N 350 
PHE CE2 CZ   sing Y N 351 
PHE CE2 HE2  sing N N 352 
PHE CZ  HZ   sing N N 353 
PHE OXT HXT  sing N N 354 
PRO N   CA   sing N N 355 
PRO N   CD   sing N N 356 
PRO N   H    sing N N 357 
PRO CA  C    sing N N 358 
PRO CA  CB   sing N N 359 
PRO CA  HA   sing N N 360 
PRO C   O    doub N N 361 
PRO C   OXT  sing N N 362 
PRO CB  CG   sing N N 363 
PRO CB  HB2  sing N N 364 
PRO CB  HB3  sing N N 365 
PRO CG  CD   sing N N 366 
PRO CG  HG2  sing N N 367 
PRO CG  HG3  sing N N 368 
PRO CD  HD2  sing N N 369 
PRO CD  HD3  sing N N 370 
PRO OXT HXT  sing N N 371 
THR N   CA   sing N N 372 
THR N   H    sing N N 373 
THR N   H2   sing N N 374 
THR CA  C    sing N N 375 
THR CA  CB   sing N N 376 
THR CA  HA   sing N N 377 
THR C   O    doub N N 378 
THR C   OXT  sing N N 379 
THR CB  OG1  sing N N 380 
THR CB  CG2  sing N N 381 
THR CB  HB   sing N N 382 
THR OG1 HG1  sing N N 383 
THR CG2 HG21 sing N N 384 
THR CG2 HG22 sing N N 385 
THR CG2 HG23 sing N N 386 
THR OXT HXT  sing N N 387 
TRP N   CA   sing N N 388 
TRP N   H    sing N N 389 
TRP N   H2   sing N N 390 
TRP CA  C    sing N N 391 
TRP CA  CB   sing N N 392 
TRP CA  HA   sing N N 393 
TRP C   O    doub N N 394 
TRP C   OXT  sing N N 395 
TRP CB  CG   sing N N 396 
TRP CB  HB2  sing N N 397 
TRP CB  HB3  sing N N 398 
TRP CG  CD1  doub Y N 399 
TRP CG  CD2  sing Y N 400 
TRP CD1 NE1  sing Y N 401 
TRP CD1 HD1  sing N N 402 
TRP CD2 CE2  doub Y N 403 
TRP CD2 CE3  sing Y N 404 
TRP NE1 CE2  sing Y N 405 
TRP NE1 HE1  sing N N 406 
TRP CE2 CZ2  sing Y N 407 
TRP CE3 CZ3  doub Y N 408 
TRP CE3 HE3  sing N N 409 
TRP CZ2 CH2  doub Y N 410 
TRP CZ2 HZ2  sing N N 411 
TRP CZ3 CH2  sing Y N 412 
TRP CZ3 HZ3  sing N N 413 
TRP CH2 HH2  sing N N 414 
TRP OXT HXT  sing N N 415 
TYR N   CA   sing N N 416 
TYR N   H    sing N N 417 
TYR N   H2   sing N N 418 
TYR CA  C    sing N N 419 
TYR CA  CB   sing N N 420 
TYR CA  HA   sing N N 421 
TYR C   O    doub N N 422 
TYR C   OXT  sing N N 423 
TYR CB  CG   sing N N 424 
TYR CB  HB2  sing N N 425 
TYR CB  HB3  sing N N 426 
TYR CG  CD1  doub Y N 427 
TYR CG  CD2  sing Y N 428 
TYR CD1 CE1  sing Y N 429 
TYR CD1 HD1  sing N N 430 
TYR CD2 CE2  doub Y N 431 
TYR CD2 HD2  sing N N 432 
TYR CE1 CZ   doub Y N 433 
TYR CE1 HE1  sing N N 434 
TYR CE2 CZ   sing Y N 435 
TYR CE2 HE2  sing N N 436 
TYR CZ  OH   sing N N 437 
TYR OH  HH   sing N N 438 
TYR OXT HXT  sing N N 439 
VAL N   CA   sing N N 440 
VAL N   H    sing N N 441 
VAL N   H2   sing N N 442 
VAL CA  C    sing N N 443 
VAL CA  CB   sing N N 444 
VAL CA  HA   sing N N 445 
VAL C   O    doub N N 446 
VAL C   OXT  sing N N 447 
VAL CB  CG1  sing N N 448 
VAL CB  CG2  sing N N 449 
VAL CB  HB   sing N N 450 
VAL CG1 HG11 sing N N 451 
VAL CG1 HG12 sing N N 452 
VAL CG1 HG13 sing N N 453 
VAL CG2 HG21 sing N N 454 
VAL CG2 HG22 sing N N 455 
VAL CG2 HG23 sing N N 456 
VAL OXT HXT  sing N N 457 
# 
_pdbx_audit_support.funding_organization   'National Institutes of Health/National Cancer Institute (NIH/NCI)' 
_pdbx_audit_support.country                'United States' 
_pdbx_audit_support.grant_number           ? 
_pdbx_audit_support.ordinal                1 
# 
_pdbx_entity_instance_feature.ordinal        1 
_pdbx_entity_instance_feature.comp_id        NJY 
_pdbx_entity_instance_feature.asym_id        ? 
_pdbx_entity_instance_feature.seq_num        ? 
_pdbx_entity_instance_feature.auth_comp_id   NJY 
_pdbx_entity_instance_feature.auth_asym_id   ? 
_pdbx_entity_instance_feature.auth_seq_num   ? 
_pdbx_entity_instance_feature.feature_type   'SUBJECT OF INVESTIGATION' 
_pdbx_entity_instance_feature.details        ? 
# 
loop_
_pdbx_entity_nonpoly.entity_id 
_pdbx_entity_nonpoly.name 
_pdbx_entity_nonpoly.comp_id 
2 
;(3S,3aR,5R,7aS,8S)-hexahydro-4H-3,5-methanofuro[2,3-b]pyran-8-yl {(2S,3R)-1-(3-fluorophenyl)-3-hydroxy-4-[(2-methylpropyl)({2-[(propan-2-yl)amino]-1,3-benzoxazol-6-yl}sulfonyl)amino]butan-2-yl}carbamate
;
NJY 
3 water HOH 
# 
_pdbx_initial_refinement_model.id               1 
_pdbx_initial_refinement_model.entity_id_list   ? 
_pdbx_initial_refinement_model.type             'experimental model' 
_pdbx_initial_refinement_model.source_name      PDB 
_pdbx_initial_refinement_model.accession_code   5TYR 
_pdbx_initial_refinement_model.details          ? 
# 
_pdbx_struct_assembly_auth_evidence.id                     1 
_pdbx_struct_assembly_auth_evidence.assembly_id            1 
_pdbx_struct_assembly_auth_evidence.experimental_support   'gel filtration' 
_pdbx_struct_assembly_auth_evidence.details                ? 
# 
